data_6Y7O
#
_entry.id   6Y7O
#
_cell.length_a   94.554
_cell.length_b   133.505
_cell.length_c   81.753
_cell.angle_alpha   90.000
_cell.angle_beta   125.270
_cell.angle_gamma   90.000
#
_symmetry.space_group_name_H-M   'C 1 2 1'
#
loop_
_entity.id
_entity.type
_entity.pdbx_description
1 polymer Tako8
2 non-polymer 'Keggin (STA)'
3 water water
#
_entity_poly.entity_id   1
_entity_poly.type   'polypeptide(L)'
_entity_poly.pdbx_seq_one_letter_code
;GSHMGQSLRTLQGHQSAVTSLQFNDNIVVSGSDDSTVKVWDIKTGQSLRTLQGHQSAVTSLQFNDNIVVSGSDDSTVKVW
DIKTGQSLRTLQGHQSAVTSLQFNDNIVVSGSDDSTVKVWDIKTGQSLRTLQGHQSAVTSLQFNDNIVVSGSDDSTVKVW
DIKTGQSLRTLQGHQSAVTSLQFNDNIVVSGSDDSTVKVWDIKTGQSLRTLQGHQSAVTSLQFNDNIVVSGSDDSTVKVW
DIKTGQSLRTLQGHQSAVTSLQFNDNIVVSGSDDSTVKVWDIKTGQSLRTLQGHQSAVTSLQFNDNIVVSGSDDSTVKVW
DIKT
;
_entity_poly.pdbx_strand_id   A,B,C
#
loop_
_chem_comp.id
_chem_comp.type
_chem_comp.name
_chem_comp.formula
SIW non-polymer 'Keggin (STA)' 'O40 Si W12'
#
# COMPACT_ATOMS: atom_id res chain seq x y z
N SER A 7 -21.26 1.37 9.53
CA SER A 7 -22.19 2.03 8.63
C SER A 7 -21.97 3.54 8.64
N LEU A 8 -21.90 4.14 7.45
CA LEU A 8 -21.67 5.58 7.32
C LEU A 8 -22.85 6.33 6.73
N ARG A 9 -23.61 5.70 5.84
CA ARG A 9 -24.79 6.31 5.24
C ARG A 9 -25.76 5.21 4.82
N THR A 10 -27.04 5.56 4.75
CA THR A 10 -28.05 4.68 4.20
C THR A 10 -28.72 5.39 3.03
N LEU A 11 -28.71 4.75 1.87
CA LEU A 11 -29.35 5.30 0.68
C LEU A 11 -30.78 4.77 0.61
N GLN A 12 -31.75 5.66 0.84
CA GLN A 12 -33.16 5.30 0.83
C GLN A 12 -33.87 6.04 -0.31
N GLY A 13 -34.92 5.41 -0.82
CA GLY A 13 -35.69 5.97 -1.92
C GLY A 13 -36.32 4.88 -2.76
N HIS A 14 -35.61 3.78 -2.94
CA HIS A 14 -36.16 2.62 -3.64
C HIS A 14 -37.39 2.10 -2.89
N GLN A 15 -38.41 1.73 -3.66
CA GLN A 15 -39.65 1.24 -3.08
C GLN A 15 -39.67 -0.28 -2.92
N SER A 16 -38.64 -0.99 -3.39
CA SER A 16 -38.59 -2.43 -3.25
C SER A 16 -37.13 -2.88 -3.28
N ALA A 17 -36.94 -4.20 -3.15
CA ALA A 17 -35.62 -4.78 -2.93
C ALA A 17 -34.60 -4.29 -3.96
N VAL A 18 -33.36 -4.15 -3.51
CA VAL A 18 -32.25 -3.78 -4.39
C VAL A 18 -31.62 -5.05 -4.93
N THR A 19 -31.56 -5.17 -6.25
CA THR A 19 -31.11 -6.40 -6.90
C THR A 19 -29.70 -6.32 -7.44
N SER A 20 -29.20 -5.13 -7.79
CA SER A 20 -27.90 -4.98 -8.43
C SER A 20 -27.26 -3.70 -7.93
N LEU A 21 -25.93 -3.62 -8.08
CA LEU A 21 -25.17 -2.58 -7.42
C LEU A 21 -23.77 -2.48 -8.03
N GLN A 22 -23.32 -1.24 -8.23
CA GLN A 22 -21.95 -0.95 -8.64
C GLN A 22 -21.64 0.47 -8.18
N PHE A 23 -20.43 0.69 -7.64
CA PHE A 23 -20.17 1.93 -6.91
C PHE A 23 -18.86 2.61 -7.32
N ASN A 24 -18.29 2.25 -8.46
CA ASN A 24 -16.99 2.80 -8.87
C ASN A 24 -16.93 4.31 -8.71
N ASP A 25 -15.81 4.79 -8.17
CA ASP A 25 -15.51 6.22 -7.97
C ASP A 25 -16.41 6.77 -6.87
N ASN A 26 -17.04 7.93 -7.05
CA ASN A 26 -17.87 8.58 -6.05
C ASN A 26 -19.37 8.42 -6.34
N ILE A 27 -19.73 7.42 -7.14
CA ILE A 27 -21.10 7.23 -7.60
C ILE A 27 -21.52 5.80 -7.32
N VAL A 28 -22.69 5.64 -6.69
CA VAL A 28 -23.32 4.34 -6.53
C VAL A 28 -24.53 4.29 -7.45
N VAL A 29 -24.60 3.25 -8.27
CA VAL A 29 -25.73 3.02 -9.16
C VAL A 29 -26.38 1.71 -8.75
N SER A 30 -27.65 1.78 -8.34
CA SER A 30 -28.37 0.63 -7.83
C SER A 30 -29.59 0.32 -8.70
N GLY A 31 -29.90 -0.97 -8.80
CA GLY A 31 -31.09 -1.41 -9.49
C GLY A 31 -32.10 -1.96 -8.50
N SER A 32 -33.38 -1.94 -8.86
CA SER A 32 -34.41 -2.27 -7.88
C SER A 32 -35.51 -3.11 -8.51
N ASP A 33 -36.27 -3.77 -7.63
CA ASP A 33 -37.49 -4.45 -8.01
C ASP A 33 -38.62 -3.47 -8.31
N ASP A 34 -38.45 -2.18 -8.03
CA ASP A 34 -39.48 -1.19 -8.26
C ASP A 34 -39.42 -0.56 -9.65
N SER A 35 -38.68 -1.17 -10.58
CA SER A 35 -38.51 -0.82 -11.98
C SER A 35 -37.49 0.29 -12.22
N THR A 36 -36.93 0.90 -11.18
CA THR A 36 -36.09 2.07 -11.35
C THR A 36 -34.61 1.77 -11.13
N VAL A 37 -33.77 2.63 -11.71
CA VAL A 37 -32.34 2.66 -11.45
C VAL A 37 -32.01 4.01 -10.84
N LYS A 38 -31.25 4.01 -9.74
CA LYS A 38 -30.91 5.24 -9.04
C LYS A 38 -29.41 5.47 -9.10
N VAL A 39 -29.03 6.72 -9.31
CA VAL A 39 -27.64 7.15 -9.28
C VAL A 39 -27.44 7.93 -7.99
N TRP A 40 -26.58 7.41 -7.12
CA TRP A 40 -26.47 7.90 -5.75
C TRP A 40 -25.18 8.69 -5.54
N ASP A 41 -25.26 9.65 -4.63
CA ASP A 41 -24.09 10.35 -4.12
C ASP A 41 -23.62 9.65 -2.85
N ILE A 42 -22.48 8.96 -2.93
CA ILE A 42 -22.07 8.05 -1.88
C ILE A 42 -21.42 8.75 -0.68
N LYS A 43 -21.16 10.06 -0.77
CA LYS A 43 -20.56 10.77 0.34
C LYS A 43 -21.55 11.60 1.16
N THR A 44 -22.66 12.03 0.59
CA THR A 44 -23.73 12.65 1.37
C THR A 44 -24.99 11.80 1.41
N GLY A 45 -24.98 10.64 0.75
CA GLY A 45 -26.15 9.79 0.75
C GLY A 45 -27.33 10.33 -0.02
N GLN A 46 -27.13 11.32 -0.88
CA GLN A 46 -28.22 11.94 -1.59
C GLN A 46 -28.42 11.29 -2.95
N SER A 47 -29.68 11.23 -3.38
CA SER A 47 -30.02 10.69 -4.69
C SER A 47 -29.84 11.77 -5.76
N LEU A 48 -29.08 11.45 -6.80
CA LEU A 48 -28.85 12.39 -7.88
C LEU A 48 -29.87 12.26 -8.99
N ARG A 49 -30.05 11.05 -9.53
CA ARG A 49 -30.97 10.83 -10.64
C ARG A 49 -31.72 9.52 -10.44
N THR A 50 -32.98 9.50 -10.86
CA THR A 50 -33.80 8.31 -10.86
C THR A 50 -34.08 7.95 -12.32
N LEU A 51 -33.51 6.83 -12.77
CA LEU A 51 -33.67 6.37 -14.15
C LEU A 51 -34.97 5.58 -14.23
N GLN A 52 -36.01 6.21 -14.79
CA GLN A 52 -37.32 5.59 -14.92
C GLN A 52 -37.57 5.22 -16.39
N GLY A 53 -38.11 4.04 -16.61
CA GLY A 53 -38.37 3.56 -17.95
C GLY A 53 -38.73 2.10 -18.04
N HIS A 54 -38.04 1.26 -17.27
CA HIS A 54 -38.34 -0.16 -17.25
C HIS A 54 -39.74 -0.40 -16.67
N GLN A 55 -40.38 -1.46 -17.17
CA GLN A 55 -41.76 -1.77 -16.79
C GLN A 55 -41.85 -2.80 -15.66
N SER A 56 -40.72 -3.34 -15.20
CA SER A 56 -40.71 -4.24 -14.06
C SER A 56 -39.29 -4.35 -13.54
N ALA A 57 -39.07 -5.33 -12.66
CA ALA A 57 -37.85 -5.41 -11.85
C ALA A 57 -36.58 -5.26 -12.68
N VAL A 58 -35.74 -4.33 -12.26
CA VAL A 58 -34.38 -4.23 -12.79
C VAL A 58 -33.55 -5.33 -12.13
N THR A 59 -32.95 -6.19 -12.95
CA THR A 59 -32.27 -7.38 -12.47
C THR A 59 -30.75 -7.30 -12.56
N SER A 60 -30.20 -6.35 -13.32
CA SER A 60 -28.76 -6.30 -13.55
C SER A 60 -28.43 -4.96 -14.18
N LEU A 61 -27.21 -4.49 -13.92
CA LEU A 61 -26.77 -3.22 -14.48
C LEU A 61 -25.25 -3.18 -14.51
N GLN A 62 -24.74 -2.26 -15.32
CA GLN A 62 -23.33 -1.94 -15.38
C GLN A 62 -23.22 -0.50 -15.87
N PHE A 63 -22.15 0.18 -15.44
CA PHE A 63 -22.00 1.58 -15.82
C PHE A 63 -20.53 1.98 -15.84
N ASN A 64 -20.21 2.90 -16.75
CA ASN A 64 -18.92 3.57 -16.79
C ASN A 64 -19.12 5.06 -16.45
N ASP A 65 -18.20 5.89 -16.91
CA ASP A 65 -18.20 7.30 -16.52
C ASP A 65 -19.27 8.13 -17.23
N ASN A 66 -20.04 7.54 -18.13
CA ASN A 66 -21.08 8.28 -18.84
C ASN A 66 -22.34 7.50 -19.13
N ILE A 67 -22.34 6.17 -19.00
CA ILE A 67 -23.41 5.33 -19.49
C ILE A 67 -23.85 4.38 -18.38
N VAL A 68 -25.15 4.16 -18.26
CA VAL A 68 -25.70 3.06 -17.47
C VAL A 68 -26.45 2.13 -18.41
N VAL A 69 -26.09 0.86 -18.37
CA VAL A 69 -26.79 -0.19 -19.12
C VAL A 69 -27.50 -1.08 -18.11
N SER A 70 -28.82 -1.22 -18.26
CA SER A 70 -29.64 -1.94 -17.30
C SER A 70 -30.48 -3.00 -17.99
N GLY A 71 -30.59 -4.16 -17.35
CA GLY A 71 -31.43 -5.24 -17.82
C GLY A 71 -32.57 -5.47 -16.84
N SER A 72 -33.74 -5.83 -17.38
CA SER A 72 -34.95 -5.83 -16.58
C SER A 72 -35.78 -7.08 -16.84
N ASP A 73 -36.70 -7.33 -15.90
CA ASP A 73 -37.70 -8.39 -16.06
C ASP A 73 -38.64 -8.11 -17.21
N ASP A 74 -38.71 -6.87 -17.70
CA ASP A 74 -39.59 -6.54 -18.82
C ASP A 74 -39.05 -7.01 -20.16
N SER A 75 -37.92 -7.73 -20.17
CA SER A 75 -37.29 -8.39 -21.32
C SER A 75 -36.45 -7.43 -22.16
N THR A 76 -36.22 -6.20 -21.74
CA THR A 76 -35.41 -5.26 -22.51
C THR A 76 -34.15 -4.88 -21.75
N VAL A 77 -33.17 -4.40 -22.52
CA VAL A 77 -31.97 -3.75 -22.00
C VAL A 77 -32.07 -2.27 -22.35
N LYS A 78 -31.77 -1.41 -21.40
CA LYS A 78 -31.84 0.03 -21.62
C LYS A 78 -30.47 0.66 -21.38
N VAL A 79 -30.10 1.57 -22.27
CA VAL A 79 -28.86 2.33 -22.15
C VAL A 79 -29.22 3.72 -21.64
N TRP A 80 -28.67 4.09 -20.49
CA TRP A 80 -28.96 5.37 -19.85
C TRP A 80 -27.75 6.27 -19.92
N ASP A 81 -27.95 7.52 -19.48
CA ASP A 81 -26.91 8.53 -19.45
C ASP A 81 -26.93 9.19 -18.08
N ILE A 82 -25.82 9.11 -17.35
CA ILE A 82 -25.82 9.54 -15.96
C ILE A 82 -25.92 11.06 -15.84
N LYS A 83 -25.43 11.80 -16.83
CA LYS A 83 -25.43 13.26 -16.70
C LYS A 83 -26.80 13.89 -16.94
N THR A 84 -27.77 13.13 -17.47
CA THR A 84 -29.13 13.61 -17.63
C THR A 84 -30.20 12.64 -17.16
N GLY A 85 -29.85 11.38 -16.91
CA GLY A 85 -30.84 10.39 -16.53
C GLY A 85 -31.79 9.96 -17.63
N GLN A 86 -31.64 10.51 -18.83
CA GLN A 86 -32.57 10.20 -19.92
C GLN A 86 -32.17 8.90 -20.61
N SER A 87 -33.16 8.26 -21.22
CA SER A 87 -32.94 7.02 -21.95
C SER A 87 -32.34 7.32 -23.32
N LEU A 88 -31.31 6.56 -23.69
CA LEU A 88 -30.67 6.74 -24.99
C LEU A 88 -31.15 5.74 -26.03
N ARG A 89 -31.40 4.49 -25.63
CA ARG A 89 -31.99 3.50 -26.53
C ARG A 89 -32.51 2.34 -25.71
N THR A 90 -33.52 1.67 -26.25
CA THR A 90 -34.05 0.44 -25.69
C THR A 90 -33.69 -0.71 -26.61
N LEU A 91 -33.06 -1.74 -26.04
CA LEU A 91 -32.65 -2.92 -26.80
C LEU A 91 -33.77 -3.95 -26.69
N GLN A 92 -34.57 -4.07 -27.75
CA GLN A 92 -35.69 -4.99 -27.80
C GLN A 92 -35.35 -6.20 -28.66
N GLY A 93 -35.85 -7.37 -28.25
CA GLY A 93 -35.59 -8.59 -28.98
C GLY A 93 -35.80 -9.81 -28.12
N HIS A 94 -35.35 -9.75 -26.87
CA HIS A 94 -35.59 -10.84 -25.94
C HIS A 94 -37.08 -11.03 -25.72
N GLN A 95 -37.48 -12.25 -25.41
CA GLN A 95 -38.88 -12.59 -25.22
C GLN A 95 -39.24 -12.82 -23.76
N SER A 96 -38.29 -12.71 -22.84
CA SER A 96 -38.58 -12.77 -21.42
C SER A 96 -37.44 -12.10 -20.67
N ALA A 97 -37.49 -12.17 -19.34
CA ALA A 97 -36.64 -11.37 -18.46
C ALA A 97 -35.17 -11.44 -18.85
N VAL A 98 -34.50 -10.30 -18.80
CA VAL A 98 -33.05 -10.27 -18.93
C VAL A 98 -32.45 -10.61 -17.57
N THR A 99 -31.60 -11.62 -17.53
CA THR A 99 -31.00 -12.11 -16.29
C THR A 99 -29.57 -11.64 -16.09
N SER A 100 -28.79 -11.55 -17.17
CA SER A 100 -27.36 -11.25 -17.09
C SER A 100 -27.02 -10.14 -18.09
N LEU A 101 -25.93 -9.43 -17.80
CA LEU A 101 -25.59 -8.26 -18.59
C LEU A 101 -24.11 -7.93 -18.42
N GLN A 102 -23.49 -7.49 -19.51
CA GLN A 102 -22.14 -6.96 -19.48
C GLN A 102 -21.93 -6.20 -20.78
N PHE A 103 -21.28 -5.04 -20.71
CA PHE A 103 -20.94 -4.29 -21.91
C PHE A 103 -19.45 -3.95 -21.90
N ASN A 104 -18.84 -4.07 -23.08
CA ASN A 104 -17.41 -3.83 -23.26
C ASN A 104 -17.24 -2.85 -24.42
N ASP A 105 -17.44 -1.57 -24.13
CA ASP A 105 -16.85 -0.48 -24.89
C ASP A 105 -17.34 -0.42 -26.35
N ASN A 106 -18.44 -1.08 -26.69
CA ASN A 106 -19.09 -1.02 -28.00
C ASN A 106 -20.14 -2.12 -28.11
N ILE A 107 -20.09 -3.07 -27.18
CA ILE A 107 -20.85 -4.31 -27.28
C ILE A 107 -21.56 -4.55 -25.95
N VAL A 108 -22.89 -4.69 -26.01
CA VAL A 108 -23.67 -5.21 -24.89
C VAL A 108 -23.96 -6.67 -25.17
N VAL A 109 -23.68 -7.54 -24.20
CA VAL A 109 -24.03 -8.94 -24.27
C VAL A 109 -25.03 -9.22 -23.17
N SER A 110 -26.22 -9.71 -23.55
CA SER A 110 -27.32 -9.92 -22.61
C SER A 110 -27.75 -11.38 -22.66
N GLY A 111 -28.05 -11.93 -21.48
CA GLY A 111 -28.62 -13.26 -21.38
C GLY A 111 -30.06 -13.16 -20.91
N SER A 112 -30.88 -14.17 -21.21
CA SER A 112 -32.31 -14.04 -21.00
C SER A 112 -32.92 -15.34 -20.50
N ASP A 113 -34.14 -15.21 -19.97
CA ASP A 113 -34.96 -16.36 -19.63
C ASP A 113 -35.45 -17.09 -20.87
N ASP A 114 -35.41 -16.45 -22.05
CA ASP A 114 -35.81 -17.13 -23.28
C ASP A 114 -34.77 -18.10 -23.80
N SER A 115 -33.67 -18.32 -23.05
CA SER A 115 -32.58 -19.26 -23.30
C SER A 115 -31.57 -18.77 -24.33
N THR A 116 -31.67 -17.52 -24.78
CA THR A 116 -30.77 -17.00 -25.80
C THR A 116 -29.86 -15.93 -25.23
N VAL A 117 -28.68 -15.80 -25.85
CA VAL A 117 -27.77 -14.69 -25.61
C VAL A 117 -27.82 -13.78 -26.83
N LYS A 118 -27.92 -12.48 -26.60
CA LYS A 118 -27.96 -11.50 -27.68
C LYS A 118 -26.76 -10.56 -27.57
N VAL A 119 -26.16 -10.26 -28.71
CA VAL A 119 -25.04 -9.33 -28.81
C VAL A 119 -25.57 -8.07 -29.49
N TRP A 120 -25.43 -6.92 -28.83
CA TRP A 120 -25.94 -5.66 -29.34
C TRP A 120 -24.80 -4.66 -29.51
N ASP A 121 -25.14 -3.49 -30.06
CA ASP A 121 -24.24 -2.37 -30.21
C ASP A 121 -24.85 -1.14 -29.55
N ILE A 122 -24.04 -0.40 -28.81
CA ILE A 122 -24.52 0.77 -28.06
C ILE A 122 -24.25 2.05 -28.84
N LYS A 123 -24.56 2.02 -30.11
CA LYS A 123 -24.65 3.18 -30.98
C LYS A 123 -25.96 3.18 -31.73
N THR A 124 -26.42 2.02 -32.15
CA THR A 124 -27.61 1.85 -32.95
C THR A 124 -28.76 1.25 -32.18
N GLY A 125 -28.48 0.31 -31.29
CA GLY A 125 -29.51 -0.55 -30.73
C GLY A 125 -29.81 -1.79 -31.52
N GLN A 126 -29.02 -2.10 -32.56
CA GLN A 126 -29.31 -3.28 -33.37
C GLN A 126 -28.76 -4.54 -32.73
N SER A 127 -29.46 -5.64 -32.95
CA SER A 127 -28.99 -6.95 -32.52
C SER A 127 -27.93 -7.45 -33.49
N LEU A 128 -26.70 -7.60 -33.00
CA LEU A 128 -25.62 -8.10 -33.85
C LEU A 128 -25.83 -9.58 -34.18
N ARG A 129 -25.97 -10.42 -33.15
CA ARG A 129 -26.12 -11.85 -33.33
C ARG A 129 -26.98 -12.39 -32.20
N THR A 130 -27.76 -13.43 -32.52
CA THR A 130 -28.51 -14.18 -31.53
C THR A 130 -27.83 -15.52 -31.33
N LEU A 131 -27.47 -15.81 -30.08
CA LEU A 131 -26.75 -17.04 -29.73
C LEU A 131 -27.77 -18.06 -29.25
N GLN A 132 -28.05 -19.06 -30.09
CA GLN A 132 -29.03 -20.09 -29.80
C GLN A 132 -28.32 -21.41 -29.49
N GLY A 133 -28.89 -22.17 -28.55
CA GLY A 133 -28.31 -23.43 -28.16
C GLY A 133 -28.76 -23.90 -26.79
N HIS A 134 -28.69 -23.00 -25.81
CA HIS A 134 -29.15 -23.32 -24.47
C HIS A 134 -30.62 -23.73 -24.48
N GLN A 135 -30.96 -24.73 -23.67
CA GLN A 135 -32.31 -25.26 -23.63
C GLN A 135 -33.16 -24.65 -22.53
N SER A 136 -32.61 -23.73 -21.74
CA SER A 136 -33.37 -23.05 -20.70
C SER A 136 -32.67 -21.74 -20.37
N ALA A 137 -33.17 -21.06 -19.33
CA ALA A 137 -32.76 -19.69 -19.03
C ALA A 137 -31.26 -19.57 -18.91
N VAL A 138 -30.71 -18.54 -19.57
CA VAL A 138 -29.30 -18.18 -19.41
C VAL A 138 -29.18 -17.41 -18.10
N THR A 139 -28.46 -17.99 -17.13
CA THR A 139 -28.37 -17.41 -15.80
C THR A 139 -27.16 -16.51 -15.61
N SER A 140 -26.11 -16.68 -16.41
CA SER A 140 -24.86 -15.97 -16.19
C SER A 140 -24.07 -15.94 -17.49
N LEU A 141 -23.20 -14.94 -17.61
CA LEU A 141 -22.34 -14.84 -18.77
C LEU A 141 -21.18 -13.91 -18.47
N GLN A 142 -20.17 -13.99 -19.34
CA GLN A 142 -18.98 -13.16 -19.28
C GLN A 142 -18.31 -13.25 -20.64
N PHE A 143 -17.72 -12.15 -21.10
CA PHE A 143 -17.16 -12.15 -22.43
C PHE A 143 -15.94 -11.24 -22.50
N ASN A 144 -15.04 -11.56 -23.43
CA ASN A 144 -13.95 -10.67 -23.79
C ASN A 144 -14.07 -10.28 -25.26
N ASP A 145 -12.98 -9.83 -25.87
CA ASP A 145 -13.05 -9.30 -27.22
C ASP A 145 -13.41 -10.36 -28.25
N ASN A 146 -13.20 -11.65 -27.95
CA ASN A 146 -13.36 -12.70 -28.93
C ASN A 146 -14.26 -13.86 -28.50
N ILE A 147 -14.59 -13.98 -27.22
CA ILE A 147 -15.29 -15.17 -26.72
C ILE A 147 -16.45 -14.75 -25.83
N VAL A 148 -17.45 -15.62 -25.75
CA VAL A 148 -18.58 -15.47 -24.85
C VAL A 148 -18.81 -16.79 -24.14
N VAL A 149 -18.78 -16.75 -22.80
CA VAL A 149 -19.05 -17.92 -21.97
C VAL A 149 -20.33 -17.66 -21.19
N SER A 150 -21.28 -18.60 -21.28
CA SER A 150 -22.59 -18.42 -20.67
C SER A 150 -23.01 -19.68 -19.93
N GLY A 151 -23.61 -19.48 -18.76
CA GLY A 151 -24.19 -20.57 -17.99
C GLY A 151 -25.70 -20.57 -18.10
N SER A 152 -26.31 -21.73 -17.86
CA SER A 152 -27.72 -21.91 -18.15
C SER A 152 -28.39 -22.77 -17.10
N ASP A 153 -29.72 -22.61 -17.02
CA ASP A 153 -30.55 -23.51 -16.23
C ASP A 153 -30.56 -24.92 -16.78
N ASP A 154 -30.12 -25.12 -18.04
CA ASP A 154 -30.03 -26.46 -18.60
C ASP A 154 -28.82 -27.23 -18.10
N SER A 155 -28.11 -26.68 -17.11
CA SER A 155 -26.99 -27.28 -16.39
C SER A 155 -25.69 -27.27 -17.18
N THR A 156 -25.62 -26.57 -18.31
CA THR A 156 -24.42 -26.54 -19.12
C THR A 156 -23.86 -25.13 -19.21
N VAL A 157 -22.57 -25.06 -19.53
CA VAL A 157 -21.89 -23.82 -19.87
C VAL A 157 -21.48 -23.92 -21.34
N LYS A 158 -21.76 -22.86 -22.10
CA LYS A 158 -21.47 -22.84 -23.53
C LYS A 158 -20.47 -21.74 -23.84
N VAL A 159 -19.52 -22.06 -24.71
CA VAL A 159 -18.48 -21.13 -25.14
C VAL A 159 -18.80 -20.73 -26.58
N TRP A 160 -19.04 -19.44 -26.80
CA TRP A 160 -19.45 -18.94 -28.10
C TRP A 160 -18.36 -18.06 -28.70
N ASP A 161 -18.28 -18.08 -30.03
CA ASP A 161 -17.47 -17.10 -30.75
C ASP A 161 -18.30 -15.84 -30.91
N ILE A 162 -17.85 -14.74 -30.29
CA ILE A 162 -18.60 -13.49 -30.27
C ILE A 162 -18.79 -12.90 -31.67
N LYS A 163 -18.11 -13.43 -32.68
CA LYS A 163 -18.05 -12.77 -33.98
C LYS A 163 -18.79 -13.51 -35.09
N THR A 164 -19.52 -14.57 -34.75
CA THR A 164 -20.18 -15.38 -35.76
C THR A 164 -21.40 -16.11 -35.23
N GLY A 165 -21.72 -15.98 -33.95
CA GLY A 165 -22.81 -16.72 -33.34
C GLY A 165 -22.57 -18.20 -33.16
N GLN A 166 -21.45 -18.74 -33.64
CA GLN A 166 -21.27 -20.18 -33.60
C GLN A 166 -21.01 -20.65 -32.18
N SER A 167 -21.43 -21.88 -31.90
CA SER A 167 -21.15 -22.55 -30.64
C SER A 167 -19.82 -23.27 -30.76
N LEU A 168 -18.85 -22.90 -29.93
CA LEU A 168 -17.53 -23.50 -30.02
C LEU A 168 -17.42 -24.80 -29.24
N ARG A 169 -18.04 -24.88 -28.07
CA ARG A 169 -18.14 -26.14 -27.34
C ARG A 169 -19.14 -25.97 -26.21
N THR A 170 -19.57 -27.11 -25.67
CA THR A 170 -20.53 -27.16 -24.57
C THR A 170 -19.92 -28.00 -23.46
N LEU A 171 -19.81 -27.42 -22.27
CA LEU A 171 -19.23 -28.10 -21.12
C LEU A 171 -20.35 -28.81 -20.35
N GLN A 172 -20.32 -30.13 -20.39
CA GLN A 172 -21.30 -30.96 -19.70
C GLN A 172 -20.67 -31.64 -18.50
N GLY A 173 -21.43 -31.71 -17.42
CA GLY A 173 -20.95 -32.33 -16.20
C GLY A 173 -21.82 -32.00 -15.00
N HIS A 174 -22.24 -30.75 -14.89
CA HIS A 174 -23.14 -30.35 -13.83
C HIS A 174 -24.46 -31.11 -13.95
N GLN A 175 -25.07 -31.41 -12.82
CA GLN A 175 -26.33 -32.13 -12.78
C GLN A 175 -27.51 -31.21 -12.49
N SER A 176 -27.30 -29.90 -12.46
CA SER A 176 -28.36 -28.95 -12.22
C SER A 176 -27.91 -27.58 -12.71
N ALA A 177 -28.81 -26.60 -12.58
CA ALA A 177 -28.62 -25.29 -13.19
C ALA A 177 -27.30 -24.66 -12.76
N VAL A 178 -26.64 -24.01 -13.72
CA VAL A 178 -25.45 -23.22 -13.42
C VAL A 178 -25.89 -21.87 -12.90
N THR A 179 -25.31 -21.45 -11.78
CA THR A 179 -25.71 -20.21 -11.11
C THR A 179 -24.65 -19.13 -11.12
N SER A 180 -23.38 -19.49 -11.14
CA SER A 180 -22.28 -18.53 -11.11
C SER A 180 -21.22 -18.94 -12.12
N LEU A 181 -20.48 -17.95 -12.61
CA LEU A 181 -19.63 -18.18 -13.77
C LEU A 181 -18.57 -17.08 -13.87
N GLN A 182 -17.30 -17.48 -13.94
CA GLN A 182 -16.21 -16.55 -14.21
C GLN A 182 -15.16 -17.29 -15.00
N PHE A 183 -14.55 -16.60 -15.97
CA PHE A 183 -13.47 -17.18 -16.74
C PHE A 183 -12.36 -16.15 -16.90
N ASN A 184 -11.12 -16.65 -16.96
CA ASN A 184 -9.95 -15.80 -17.05
C ASN A 184 -8.82 -16.64 -17.65
N ASP A 185 -8.23 -16.15 -18.73
CA ASP A 185 -7.21 -16.87 -19.51
C ASP A 185 -7.89 -18.11 -20.07
N ASN A 186 -7.34 -19.31 -19.87
CA ASN A 186 -7.87 -20.54 -20.46
C ASN A 186 -8.75 -21.34 -19.50
N ILE A 187 -9.09 -20.77 -18.35
CA ILE A 187 -9.82 -21.49 -17.32
C ILE A 187 -11.17 -20.80 -17.11
N VAL A 188 -12.23 -21.59 -17.06
CA VAL A 188 -13.57 -21.13 -16.72
C VAL A 188 -14.04 -21.93 -15.50
N VAL A 189 -14.55 -21.22 -14.50
CA VAL A 189 -14.98 -21.83 -13.24
C VAL A 189 -16.47 -21.58 -13.08
N SER A 190 -17.23 -22.66 -12.83
CA SER A 190 -18.67 -22.59 -12.76
C SER A 190 -19.17 -23.13 -11.42
N GLY A 191 -20.30 -22.59 -10.98
CA GLY A 191 -21.00 -23.10 -9.82
C GLY A 191 -22.37 -23.58 -10.23
N SER A 192 -22.97 -24.48 -9.47
CA SER A 192 -24.22 -25.09 -9.91
C SER A 192 -25.15 -25.32 -8.73
N ASP A 193 -26.41 -25.61 -9.06
CA ASP A 193 -27.40 -26.00 -8.07
C ASP A 193 -27.18 -27.41 -7.54
N ASP A 194 -26.26 -28.17 -8.14
CA ASP A 194 -25.91 -29.49 -7.61
C ASP A 194 -24.91 -29.41 -6.46
N SER A 195 -24.58 -28.18 -6.02
CA SER A 195 -23.70 -27.90 -4.88
C SER A 195 -22.24 -28.14 -5.18
N THR A 196 -21.83 -28.12 -6.44
CA THR A 196 -20.45 -28.39 -6.81
C THR A 196 -19.86 -27.22 -7.60
N VAL A 197 -18.54 -27.08 -7.50
CA VAL A 197 -17.77 -26.16 -8.31
C VAL A 197 -16.93 -26.99 -9.28
N LYS A 198 -16.89 -26.55 -10.55
CA LYS A 198 -16.14 -27.25 -11.57
C LYS A 198 -15.14 -26.30 -12.23
N VAL A 199 -13.96 -26.83 -12.55
CA VAL A 199 -12.90 -26.09 -13.22
C VAL A 199 -12.72 -26.68 -14.60
N TRP A 200 -12.90 -25.87 -15.64
CA TRP A 200 -12.84 -26.34 -17.01
C TRP A 200 -11.72 -25.65 -17.77
N ASP A 201 -11.24 -26.33 -18.81
CA ASP A 201 -10.34 -25.74 -19.79
C ASP A 201 -11.17 -25.34 -21.01
N ILE A 202 -11.09 -24.05 -21.37
CA ILE A 202 -11.96 -23.52 -22.41
C ILE A 202 -11.57 -23.99 -23.80
N LYS A 203 -10.30 -24.37 -24.00
CA LYS A 203 -9.84 -24.71 -25.35
C LYS A 203 -10.02 -26.19 -25.69
N THR A 204 -10.18 -27.06 -24.69
CA THR A 204 -10.47 -28.46 -24.93
C THR A 204 -11.86 -28.88 -24.46
N GLY A 205 -12.56 -28.01 -23.74
CA GLY A 205 -13.84 -28.39 -23.17
C GLY A 205 -13.76 -29.44 -22.08
N GLN A 206 -12.56 -29.70 -21.55
CA GLN A 206 -12.37 -30.75 -20.58
C GLN A 206 -12.61 -30.24 -19.17
N SER A 207 -13.23 -31.08 -18.34
CA SER A 207 -13.38 -30.77 -16.93
C SER A 207 -12.07 -31.09 -16.22
N LEU A 208 -11.37 -30.06 -15.76
CA LEU A 208 -10.11 -30.27 -15.07
C LEU A 208 -10.37 -30.78 -13.65
N ARG A 209 -11.38 -30.26 -12.96
CA ARG A 209 -11.56 -30.62 -11.55
C ARG A 209 -13.02 -30.39 -11.18
N THR A 210 -13.43 -31.08 -10.10
CA THR A 210 -14.72 -30.89 -9.48
C THR A 210 -14.49 -30.67 -7.99
N LEU A 211 -14.94 -29.53 -7.49
CA LEU A 211 -14.76 -29.12 -6.10
C LEU A 211 -16.03 -29.48 -5.32
N GLN A 212 -15.90 -30.45 -4.41
CA GLN A 212 -17.02 -30.94 -3.62
C GLN A 212 -16.83 -30.59 -2.16
N GLY A 213 -17.92 -30.24 -1.48
CA GLY A 213 -17.88 -29.84 -0.09
C GLY A 213 -19.18 -29.17 0.34
N HIS A 214 -19.70 -28.29 -0.51
CA HIS A 214 -20.96 -27.62 -0.21
C HIS A 214 -22.11 -28.63 -0.12
N GLN A 215 -23.04 -28.36 0.79
CA GLN A 215 -24.19 -29.22 0.99
C GLN A 215 -25.47 -28.69 0.34
N SER A 216 -25.36 -27.63 -0.46
CA SER A 216 -26.49 -27.07 -1.18
C SER A 216 -25.98 -26.16 -2.28
N ALA A 217 -26.91 -25.57 -3.02
CA ALA A 217 -26.59 -24.85 -4.25
C ALA A 217 -25.51 -23.80 -4.05
N VAL A 218 -24.52 -23.83 -4.93
CA VAL A 218 -23.51 -22.78 -4.99
C VAL A 218 -24.15 -21.55 -5.63
N THR A 219 -24.11 -20.42 -4.93
CA THR A 219 -24.78 -19.20 -5.38
C THR A 219 -23.83 -18.20 -6.04
N SER A 220 -22.57 -18.15 -5.61
CA SER A 220 -21.65 -17.13 -6.09
C SER A 220 -20.23 -17.66 -6.01
N LEU A 221 -19.38 -17.15 -6.89
CA LEU A 221 -17.98 -17.58 -6.91
C LEU A 221 -17.12 -16.47 -7.50
N GLN A 222 -15.82 -16.57 -7.22
CA GLN A 222 -14.81 -15.66 -7.74
C GLN A 222 -13.47 -16.34 -7.57
N PHE A 223 -12.58 -16.18 -8.56
CA PHE A 223 -11.30 -16.84 -8.50
C PHE A 223 -10.21 -15.95 -9.07
N ASN A 224 -8.99 -16.15 -8.57
CA ASN A 224 -7.78 -15.59 -9.14
C ASN A 224 -6.95 -16.75 -9.73
N ASP A 225 -5.66 -16.51 -9.91
CA ASP A 225 -4.81 -17.51 -10.54
C ASP A 225 -4.50 -18.70 -9.64
N ASN A 226 -4.84 -18.63 -8.35
CA ASN A 226 -4.52 -19.73 -7.43
C ASN A 226 -5.66 -20.12 -6.50
N ILE A 227 -6.66 -19.28 -6.28
CA ILE A 227 -7.71 -19.56 -5.29
C ILE A 227 -9.07 -19.52 -5.96
N VAL A 228 -10.02 -20.22 -5.35
CA VAL A 228 -11.44 -20.10 -5.67
C VAL A 228 -12.19 -19.92 -4.36
N VAL A 229 -13.02 -18.89 -4.30
CA VAL A 229 -13.91 -18.65 -3.16
C VAL A 229 -15.34 -18.77 -3.64
N SER A 230 -16.13 -19.60 -2.94
CA SER A 230 -17.50 -19.89 -3.35
C SER A 230 -18.45 -19.72 -2.18
N GLY A 231 -19.64 -19.21 -2.47
CA GLY A 231 -20.69 -19.11 -1.47
C GLY A 231 -21.87 -19.97 -1.90
N SER A 232 -22.59 -20.50 -0.91
CA SER A 232 -23.62 -21.48 -1.20
C SER A 232 -24.82 -21.31 -0.28
N ASP A 233 -25.91 -21.98 -0.67
CA ASP A 233 -27.14 -21.96 0.10
C ASP A 233 -26.99 -22.61 1.47
N ASP A 234 -25.93 -23.40 1.69
CA ASP A 234 -25.71 -23.98 3.01
C ASP A 234 -25.15 -22.99 4.01
N SER A 235 -25.09 -21.71 3.65
CA SER A 235 -24.73 -20.57 4.50
C SER A 235 -23.24 -20.47 4.78
N THR A 236 -22.40 -21.27 4.13
CA THR A 236 -20.96 -21.18 4.33
C THR A 236 -20.29 -20.56 3.10
N VAL A 237 -19.03 -20.20 3.28
CA VAL A 237 -18.15 -19.78 2.20
C VAL A 237 -16.94 -20.70 2.24
N LYS A 238 -16.51 -21.16 1.07
CA LYS A 238 -15.42 -22.13 0.99
C LYS A 238 -14.25 -21.55 0.22
N VAL A 239 -13.05 -21.81 0.73
CA VAL A 239 -11.80 -21.42 0.08
C VAL A 239 -11.18 -22.70 -0.49
N TRP A 240 -10.93 -22.70 -1.80
CA TRP A 240 -10.34 -23.83 -2.49
C TRP A 240 -9.07 -23.41 -3.21
N ASP A 241 -8.14 -24.34 -3.35
CA ASP A 241 -7.06 -24.17 -4.31
C ASP A 241 -7.54 -24.62 -5.68
N ILE A 242 -7.27 -23.81 -6.70
CA ILE A 242 -7.75 -24.09 -8.04
C ILE A 242 -6.89 -25.10 -8.77
N LYS A 243 -5.64 -25.29 -8.36
CA LYS A 243 -4.73 -26.20 -9.03
C LYS A 243 -4.92 -27.65 -8.59
N THR A 244 -5.26 -27.88 -7.34
CA THR A 244 -5.79 -29.15 -6.88
C THR A 244 -7.30 -28.97 -6.68
N GLY A 245 -7.91 -29.86 -5.91
CA GLY A 245 -9.32 -29.72 -5.61
C GLY A 245 -9.59 -29.69 -4.12
N GLN A 246 -8.54 -29.44 -3.34
CA GLN A 246 -8.63 -29.55 -1.90
C GLN A 246 -9.32 -28.34 -1.29
N SER A 247 -10.26 -28.59 -0.40
CA SER A 247 -10.82 -27.54 0.44
C SER A 247 -9.77 -27.06 1.42
N LEU A 248 -9.45 -25.77 1.38
CA LEU A 248 -8.45 -25.23 2.29
C LEU A 248 -9.07 -24.85 3.63
N ARG A 249 -10.24 -24.23 3.60
CA ARG A 249 -10.95 -23.89 4.83
C ARG A 249 -12.39 -23.55 4.48
N THR A 250 -13.20 -23.45 5.53
CA THR A 250 -14.61 -23.11 5.41
C THR A 250 -14.90 -21.96 6.35
N LEU A 251 -15.55 -20.91 5.85
CA LEU A 251 -15.92 -19.75 6.64
C LEU A 251 -17.35 -19.95 7.12
N GLN A 252 -17.50 -20.24 8.41
CA GLN A 252 -18.80 -20.44 9.03
C GLN A 252 -19.13 -19.27 9.95
N GLY A 253 -20.41 -18.89 9.98
CA GLY A 253 -20.86 -17.77 10.78
C GLY A 253 -22.21 -17.28 10.31
N HIS A 254 -22.40 -17.25 8.99
CA HIS A 254 -23.70 -16.90 8.44
C HIS A 254 -24.74 -17.93 8.85
N GLN A 255 -25.98 -17.47 9.06
CA GLN A 255 -27.05 -18.35 9.49
C GLN A 255 -28.06 -18.64 8.39
N SER A 256 -27.76 -18.27 7.15
CA SER A 256 -28.57 -18.65 6.00
C SER A 256 -27.75 -18.37 4.74
N ALA A 257 -28.36 -18.65 3.59
CA ALA A 257 -27.64 -18.70 2.31
C ALA A 257 -26.75 -17.49 2.09
N VAL A 258 -25.55 -17.74 1.56
CA VAL A 258 -24.67 -16.68 1.12
C VAL A 258 -25.08 -16.29 -0.30
N THR A 259 -25.51 -15.04 -0.47
CA THR A 259 -26.01 -14.58 -1.75
C THR A 259 -24.97 -13.84 -2.58
N SER A 260 -23.90 -13.35 -1.96
CA SER A 260 -22.98 -12.45 -2.63
C SER A 260 -21.62 -12.55 -1.95
N LEU A 261 -20.56 -12.41 -2.74
CA LEU A 261 -19.21 -12.40 -2.18
C LEU A 261 -18.25 -11.74 -3.17
N GLN A 262 -17.18 -11.19 -2.62
CA GLN A 262 -16.09 -10.64 -3.39
C GLN A 262 -14.85 -10.68 -2.51
N PHE A 263 -13.70 -11.00 -3.11
CA PHE A 263 -12.46 -11.01 -2.37
C PHE A 263 -11.40 -10.23 -3.13
N ASN A 264 -10.72 -9.34 -2.43
CA ASN A 264 -9.60 -8.57 -2.96
C ASN A 264 -8.47 -8.64 -1.95
N ASP A 265 -7.32 -9.14 -2.39
CA ASP A 265 -6.15 -9.38 -1.53
C ASP A 265 -6.56 -10.42 -0.49
N ASN A 266 -6.35 -10.19 0.80
CA ASN A 266 -6.54 -11.21 1.82
C ASN A 266 -7.90 -11.14 2.51
N ILE A 267 -8.87 -10.46 1.91
CA ILE A 267 -10.16 -10.20 2.55
C ILE A 267 -11.27 -10.75 1.67
N VAL A 268 -12.12 -11.60 2.26
CA VAL A 268 -13.38 -12.02 1.65
C VAL A 268 -14.50 -11.28 2.37
N VAL A 269 -15.42 -10.71 1.59
CA VAL A 269 -16.62 -10.06 2.12
C VAL A 269 -17.82 -10.78 1.57
N SER A 270 -18.73 -11.20 2.45
CA SER A 270 -19.87 -12.02 2.06
C SER A 270 -21.18 -11.38 2.48
N GLY A 271 -22.20 -11.54 1.65
CA GLY A 271 -23.54 -11.10 1.97
C GLY A 271 -24.46 -12.30 2.16
N SER A 272 -25.54 -12.14 2.91
CA SER A 272 -26.30 -13.32 3.31
C SER A 272 -27.79 -13.03 3.38
N ASP A 273 -28.56 -14.13 3.42
CA ASP A 273 -29.99 -14.06 3.67
C ASP A 273 -30.31 -13.79 5.13
N ASP A 274 -29.33 -13.82 6.03
CA ASP A 274 -29.54 -13.45 7.42
C ASP A 274 -29.42 -11.95 7.65
N SER A 275 -29.40 -11.16 6.57
CA SER A 275 -29.40 -9.70 6.58
C SER A 275 -28.08 -9.09 7.02
N THR A 276 -27.00 -9.86 7.09
CA THR A 276 -25.72 -9.35 7.56
C THR A 276 -24.65 -9.49 6.49
N VAL A 277 -23.59 -8.70 6.65
CA VAL A 277 -22.40 -8.77 5.81
C VAL A 277 -21.22 -9.12 6.70
N LYS A 278 -20.45 -10.14 6.30
CA LYS A 278 -19.30 -10.59 7.07
C LYS A 278 -18.01 -10.29 6.31
N VAL A 279 -16.98 -9.88 7.05
CA VAL A 279 -15.66 -9.59 6.50
C VAL A 279 -14.68 -10.58 7.10
N TRP A 280 -14.05 -11.39 6.24
CA TRP A 280 -13.17 -12.46 6.69
C TRP A 280 -11.75 -12.26 6.17
N ASP A 281 -10.81 -12.91 6.84
CA ASP A 281 -9.45 -13.09 6.34
C ASP A 281 -9.33 -14.50 5.75
N ILE A 282 -8.66 -14.58 4.60
CA ILE A 282 -8.69 -15.83 3.84
C ILE A 282 -7.72 -16.87 4.40
N LYS A 283 -6.62 -16.45 5.01
CA LYS A 283 -5.64 -17.43 5.46
C LYS A 283 -5.91 -17.92 6.88
N THR A 284 -6.41 -17.07 7.77
CA THR A 284 -6.81 -17.54 9.08
C THR A 284 -8.25 -18.03 9.12
N GLY A 285 -9.05 -17.67 8.11
CA GLY A 285 -10.44 -18.08 8.08
C GLY A 285 -11.32 -17.49 9.16
N GLN A 286 -10.81 -16.52 9.92
CA GLN A 286 -11.57 -15.94 11.02
C GLN A 286 -12.40 -14.77 10.53
N SER A 287 -13.60 -14.64 11.09
CA SER A 287 -14.47 -13.51 10.77
C SER A 287 -13.94 -12.27 11.46
N LEU A 288 -13.65 -11.23 10.68
CA LEU A 288 -13.10 -10.00 11.23
C LEU A 288 -14.16 -9.00 11.64
N ARG A 289 -15.31 -8.97 10.95
CA ARG A 289 -16.33 -7.99 11.23
C ARG A 289 -17.68 -8.51 10.73
N THR A 290 -18.73 -8.21 11.49
CA THR A 290 -20.10 -8.46 11.09
C THR A 290 -20.80 -7.11 10.94
N LEU A 291 -21.21 -6.78 9.71
CA LEU A 291 -21.88 -5.52 9.44
C LEU A 291 -23.38 -5.73 9.58
N GLN A 292 -23.95 -5.23 10.67
CA GLN A 292 -25.36 -5.42 11.00
C GLN A 292 -26.11 -4.11 10.85
N GLY A 293 -27.35 -4.20 10.37
CA GLY A 293 -28.17 -3.02 10.14
C GLY A 293 -29.26 -3.26 9.12
N HIS A 294 -29.02 -4.13 8.15
CA HIS A 294 -30.02 -4.45 7.15
C HIS A 294 -31.17 -5.22 7.79
N GLN A 295 -32.39 -4.98 7.30
CA GLN A 295 -33.58 -5.58 7.85
C GLN A 295 -34.06 -6.79 7.05
N SER A 296 -33.35 -7.15 5.99
CA SER A 296 -33.70 -8.33 5.19
C SER A 296 -32.48 -8.76 4.41
N ALA A 297 -32.67 -9.79 3.57
CA ALA A 297 -31.57 -10.45 2.89
C ALA A 297 -30.69 -9.46 2.13
N VAL A 298 -29.38 -9.64 2.28
CA VAL A 298 -28.41 -8.89 1.48
C VAL A 298 -28.28 -9.59 0.13
N THR A 299 -28.57 -8.85 -0.93
CA THR A 299 -28.58 -9.42 -2.28
C THR A 299 -27.36 -9.05 -3.11
N SER A 300 -26.78 -7.86 -2.87
CA SER A 300 -25.65 -7.38 -3.65
C SER A 300 -24.65 -6.73 -2.71
N LEU A 301 -23.38 -6.72 -3.14
CA LEU A 301 -22.35 -6.03 -2.37
C LEU A 301 -21.17 -5.74 -3.28
N GLN A 302 -20.30 -4.85 -2.81
CA GLN A 302 -19.08 -4.47 -3.48
C GLN A 302 -18.25 -3.65 -2.52
N PHE A 303 -16.95 -3.90 -2.50
CA PHE A 303 -16.06 -3.19 -1.59
C PHE A 303 -14.74 -2.89 -2.29
N ASN A 304 -14.10 -1.82 -1.84
CA ASN A 304 -12.76 -1.44 -2.29
C ASN A 304 -11.78 -1.70 -1.14
N ASP A 305 -10.91 -0.76 -0.80
CA ASP A 305 -9.98 -0.96 0.32
C ASP A 305 -10.41 -0.23 1.57
N ASN A 306 -11.56 0.45 1.56
CA ASN A 306 -12.00 1.24 2.70
C ASN A 306 -13.49 1.11 3.04
N ILE A 307 -14.37 0.83 2.08
CA ILE A 307 -15.79 0.75 2.36
C ILE A 307 -16.40 -0.50 1.73
N VAL A 308 -17.58 -0.85 2.23
CA VAL A 308 -18.45 -1.85 1.64
C VAL A 308 -19.75 -1.16 1.29
N VAL A 309 -20.24 -1.40 0.07
CA VAL A 309 -21.56 -0.96 -0.35
C VAL A 309 -22.41 -2.20 -0.56
N SER A 310 -23.52 -2.29 0.17
CA SER A 310 -24.38 -3.46 0.14
C SER A 310 -25.80 -3.06 -0.26
N GLY A 311 -26.44 -3.92 -1.06
CA GLY A 311 -27.84 -3.76 -1.41
C GLY A 311 -28.66 -4.87 -0.78
N SER A 312 -29.83 -4.52 -0.27
CA SER A 312 -30.62 -5.43 0.55
C SER A 312 -32.02 -5.57 0.00
N ASP A 313 -32.69 -6.63 0.47
CA ASP A 313 -34.11 -6.84 0.23
C ASP A 313 -34.99 -5.84 0.97
N ASP A 314 -34.44 -5.11 1.94
CA ASP A 314 -35.19 -4.07 2.64
C ASP A 314 -35.28 -2.77 1.84
N SER A 315 -34.86 -2.79 0.58
CA SER A 315 -34.97 -1.69 -0.36
C SER A 315 -33.98 -0.56 -0.07
N THR A 316 -32.90 -0.82 0.65
CA THR A 316 -31.91 0.20 0.95
C THR A 316 -30.52 -0.26 0.51
N VAL A 317 -29.68 0.73 0.20
CA VAL A 317 -28.25 0.52 -0.01
C VAL A 317 -27.52 1.14 1.17
N LYS A 318 -26.54 0.43 1.71
CA LYS A 318 -25.82 0.88 2.90
C LYS A 318 -24.34 0.96 2.59
N VAL A 319 -23.71 2.01 3.12
CA VAL A 319 -22.28 2.27 2.96
C VAL A 319 -21.62 1.99 4.30
N TRP A 320 -20.79 0.95 4.34
CA TRP A 320 -20.10 0.53 5.55
C TRP A 320 -18.62 0.87 5.47
N ASP A 321 -18.01 1.09 6.64
CA ASP A 321 -16.56 1.22 6.71
C ASP A 321 -15.94 -0.16 6.94
N ILE A 322 -14.91 -0.48 6.14
CA ILE A 322 -14.29 -1.80 6.20
C ILE A 322 -13.71 -2.07 7.58
N LYS A 323 -13.25 -1.03 8.28
CA LYS A 323 -12.69 -1.20 9.62
C LYS A 323 -13.76 -1.22 10.71
N THR A 324 -14.98 -0.76 10.43
CA THR A 324 -16.07 -0.90 11.38
C THR A 324 -17.26 -1.60 10.71
N SER B 7 41.79 -10.77 -6.92
CA SER B 7 41.55 -10.11 -5.64
C SER B 7 41.99 -8.65 -5.69
N LEU B 8 41.06 -7.74 -5.38
CA LEU B 8 41.33 -6.32 -5.52
C LEU B 8 41.63 -5.62 -4.22
N ARG B 9 41.11 -6.12 -3.10
CA ARG B 9 41.30 -5.46 -1.82
C ARG B 9 41.03 -6.45 -0.69
N THR B 10 41.75 -6.26 0.40
CA THR B 10 41.51 -7.00 1.64
C THR B 10 41.14 -6.00 2.71
N LEU B 11 39.94 -6.14 3.27
CA LEU B 11 39.46 -5.25 4.32
C LEU B 11 39.85 -5.85 5.66
N GLN B 12 40.84 -5.23 6.32
CA GLN B 12 41.36 -5.69 7.60
C GLN B 12 40.99 -4.71 8.70
N GLY B 13 40.64 -5.24 9.86
CA GLY B 13 40.25 -4.43 11.00
C GLY B 13 39.56 -5.27 12.05
N HIS B 14 38.77 -6.24 11.59
CA HIS B 14 38.14 -7.17 12.51
C HIS B 14 39.20 -8.00 13.22
N GLN B 15 38.96 -8.26 14.51
CA GLN B 15 39.85 -9.08 15.31
C GLN B 15 39.34 -10.51 15.47
N SER B 16 38.29 -10.87 14.74
CA SER B 16 37.70 -12.20 14.85
C SER B 16 36.92 -12.48 13.58
N ALA B 17 36.46 -13.73 13.46
CA ALA B 17 35.82 -14.22 12.24
C ALA B 17 34.70 -13.29 11.79
N VAL B 18 34.65 -13.06 10.48
CA VAL B 18 33.52 -12.34 9.88
C VAL B 18 32.38 -13.34 9.69
N THR B 19 31.24 -13.04 10.30
CA THR B 19 30.10 -13.94 10.31
C THR B 19 29.00 -13.55 9.34
N SER B 20 28.85 -12.26 9.06
CA SER B 20 27.78 -11.77 8.20
C SER B 20 28.34 -10.68 7.30
N LEU B 21 27.65 -10.46 6.18
CA LEU B 21 28.16 -9.56 5.15
C LEU B 21 27.08 -9.17 4.15
N GLN B 22 26.92 -7.88 3.92
CA GLN B 22 26.06 -7.36 2.86
C GLN B 22 26.75 -6.17 2.22
N PHE B 23 26.60 -6.04 0.90
CA PHE B 23 27.17 -4.89 0.22
C PHE B 23 26.23 -4.40 -0.87
N ASN B 24 26.01 -3.09 -0.90
CA ASN B 24 25.16 -2.45 -1.89
C ASN B 24 25.86 -1.19 -2.36
N ASP B 25 26.07 -1.09 -3.68
CA ASP B 25 26.79 0.03 -4.30
C ASP B 25 28.23 -0.01 -3.79
N ASN B 26 28.76 1.07 -3.22
CA ASN B 26 30.15 1.14 -2.81
C ASN B 26 30.38 0.79 -1.35
N ILE B 27 29.35 0.32 -0.64
CA ILE B 27 29.42 0.12 0.80
C ILE B 27 29.31 -1.37 1.09
N VAL B 28 30.25 -1.89 1.89
CA VAL B 28 30.16 -3.21 2.49
C VAL B 28 30.00 -3.03 3.98
N VAL B 29 29.06 -3.77 4.57
CA VAL B 29 28.87 -3.80 6.01
C VAL B 29 29.09 -5.23 6.47
N SER B 30 30.01 -5.42 7.41
CA SER B 30 30.37 -6.74 7.90
C SER B 30 30.18 -6.82 9.41
N GLY B 31 29.76 -7.98 9.89
CA GLY B 31 29.67 -8.27 11.30
C GLY B 31 30.67 -9.35 11.65
N SER B 32 31.11 -9.37 12.91
CA SER B 32 32.21 -10.24 13.29
C SER B 32 31.95 -10.87 14.65
N ASP B 33 32.74 -11.90 14.94
CA ASP B 33 32.76 -12.52 16.26
C ASP B 33 33.38 -11.62 17.33
N ASP B 34 34.01 -10.51 16.93
CA ASP B 34 34.56 -9.58 17.90
C ASP B 34 33.51 -8.60 18.44
N SER B 35 32.23 -8.86 18.13
CA SER B 35 31.06 -8.11 18.60
C SER B 35 30.87 -6.78 17.89
N THR B 36 31.67 -6.46 16.88
CA THR B 36 31.59 -5.18 16.19
C THR B 36 31.00 -5.36 14.79
N VAL B 37 30.40 -4.28 14.30
CA VAL B 37 29.96 -4.18 12.91
C VAL B 37 30.77 -3.07 12.26
N LYS B 38 31.35 -3.36 11.10
CA LYS B 38 32.20 -2.40 10.40
C LYS B 38 31.56 -2.00 9.08
N VAL B 39 31.71 -0.72 8.73
CA VAL B 39 31.21 -0.17 7.47
C VAL B 39 32.42 0.23 6.64
N TRP B 40 32.54 -0.35 5.44
CA TRP B 40 33.70 -0.11 4.60
C TRP B 40 33.29 0.48 3.25
N ASP B 41 34.24 1.19 2.64
CA ASP B 41 34.17 1.56 1.24
C ASP B 41 35.15 0.68 0.47
N ILE B 42 34.66 0.04 -0.59
CA ILE B 42 35.45 -0.96 -1.30
C ILE B 42 36.34 -0.34 -2.37
N LYS B 43 36.98 0.78 -2.05
CA LYS B 43 37.90 1.40 -3.00
C LYS B 43 39.24 1.72 -2.35
N THR B 44 39.22 2.64 -1.38
CA THR B 44 40.38 2.83 -0.52
C THR B 44 40.57 1.67 0.44
N GLY B 45 39.61 0.76 0.50
CA GLY B 45 39.62 -0.28 1.51
C GLY B 45 39.56 0.24 2.93
N GLN B 46 39.12 1.49 3.10
CA GLN B 46 39.20 2.14 4.40
C GLN B 46 38.09 1.64 5.32
N SER B 47 38.38 1.64 6.62
CA SER B 47 37.36 1.47 7.64
C SER B 47 36.64 2.79 7.80
N LEU B 48 35.40 2.86 7.31
CA LEU B 48 34.63 4.09 7.44
C LEU B 48 34.10 4.28 8.86
N ARG B 49 33.46 3.25 9.42
CA ARG B 49 32.93 3.38 10.77
C ARG B 49 32.94 2.01 11.45
N THR B 50 33.08 2.05 12.78
CA THR B 50 33.04 0.87 13.64
C THR B 50 31.84 1.00 14.58
N LEU B 51 30.89 0.09 14.45
CA LEU B 51 29.68 0.07 15.27
C LEU B 51 29.95 -0.77 16.52
N GLN B 52 30.04 -0.10 17.67
CA GLN B 52 30.36 -0.74 18.94
C GLN B 52 29.16 -0.68 19.86
N GLY B 53 28.94 -1.76 20.61
CA GLY B 53 27.83 -1.83 21.53
C GLY B 53 27.42 -3.25 21.87
N HIS B 54 27.44 -4.13 20.87
CA HIS B 54 27.12 -5.53 21.11
C HIS B 54 28.13 -6.15 22.07
N GLN B 55 27.63 -6.95 23.00
CA GLN B 55 28.47 -7.60 24.00
C GLN B 55 28.87 -9.01 23.60
N SER B 56 28.47 -9.47 22.41
CA SER B 56 28.83 -10.80 21.94
C SER B 56 28.85 -10.79 20.42
N ALA B 57 29.14 -11.96 19.84
CA ALA B 57 29.36 -12.08 18.41
C ALA B 57 28.16 -11.57 17.61
N VAL B 58 28.44 -10.80 16.57
CA VAL B 58 27.43 -10.39 15.61
C VAL B 58 27.17 -11.55 14.67
N THR B 59 25.92 -12.01 14.63
CA THR B 59 25.55 -13.17 13.82
C THR B 59 24.82 -12.81 12.54
N SER B 60 24.13 -11.66 12.52
CA SER B 60 23.28 -11.30 11.39
C SER B 60 23.28 -9.78 11.26
N LEU B 61 23.05 -9.32 10.03
CA LEU B 61 22.98 -7.88 9.78
C LEU B 61 22.24 -7.65 8.48
N GLN B 62 21.82 -6.40 8.29
CA GLN B 62 21.09 -5.95 7.11
C GLN B 62 21.06 -4.44 7.14
N PHE B 63 21.17 -3.82 5.96
CA PHE B 63 21.21 -2.36 5.92
C PHE B 63 20.61 -1.85 4.62
N ASN B 64 19.91 -0.73 4.72
CA ASN B 64 19.54 0.08 3.57
C ASN B 64 20.48 1.28 3.49
N ASP B 65 20.12 2.27 2.68
CA ASP B 65 21.03 3.40 2.46
C ASP B 65 21.12 4.33 3.66
N ASN B 66 20.47 4.02 4.77
CA ASN B 66 20.54 4.88 5.96
C ASN B 66 20.65 4.12 7.28
N ILE B 67 20.08 2.92 7.41
CA ILE B 67 19.99 2.22 8.68
C ILE B 67 20.79 0.93 8.60
N VAL B 68 21.24 0.46 9.77
CA VAL B 68 21.85 -0.85 9.92
C VAL B 68 21.16 -1.56 11.08
N VAL B 69 20.69 -2.77 10.83
CA VAL B 69 20.07 -3.61 11.85
C VAL B 69 20.93 -4.85 12.03
N SER B 70 21.35 -5.12 13.26
CA SER B 70 22.26 -6.23 13.54
C SER B 70 21.70 -7.09 14.68
N GLY B 71 21.81 -8.41 14.51
CA GLY B 71 21.49 -9.35 15.55
C GLY B 71 22.75 -9.93 16.15
N SER B 72 22.69 -10.33 17.40
CA SER B 72 23.90 -10.70 18.11
C SER B 72 23.67 -11.89 19.02
N ASP B 73 24.79 -12.54 19.37
CA ASP B 73 24.82 -13.59 20.38
C ASP B 73 24.49 -13.09 21.77
N ASP B 74 24.45 -11.77 21.98
CA ASP B 74 24.06 -11.24 23.29
C ASP B 74 22.54 -11.15 23.45
N SER B 75 21.79 -11.68 22.48
CA SER B 75 20.33 -11.83 22.47
C SER B 75 19.60 -10.56 22.06
N THR B 76 20.29 -9.51 21.66
CA THR B 76 19.64 -8.26 21.29
C THR B 76 19.79 -7.99 19.80
N VAL B 77 18.89 -7.14 19.30
CA VAL B 77 18.98 -6.57 17.96
C VAL B 77 19.21 -5.07 18.14
N LYS B 78 20.13 -4.52 17.35
CA LYS B 78 20.50 -3.12 17.48
C LYS B 78 20.29 -2.41 16.15
N VAL B 79 19.75 -1.19 16.23
CA VAL B 79 19.48 -0.35 15.06
C VAL B 79 20.53 0.75 15.03
N TRP B 80 21.35 0.75 14.00
CA TRP B 80 22.44 1.70 13.86
C TRP B 80 22.16 2.68 12.74
N ASP B 81 22.60 3.93 12.94
CA ASP B 81 22.62 4.92 11.86
C ASP B 81 23.93 4.77 11.10
N ILE B 82 23.85 4.50 9.79
CA ILE B 82 25.03 4.14 9.01
C ILE B 82 26.00 5.30 8.81
N LYS B 83 25.61 6.52 9.20
CA LYS B 83 26.49 7.68 9.06
C LYS B 83 27.27 7.96 10.35
N THR B 84 26.56 8.22 11.43
CA THR B 84 27.18 8.66 12.67
C THR B 84 27.77 7.51 13.48
N GLY B 85 27.39 6.27 13.17
CA GLY B 85 27.74 5.16 14.05
C GLY B 85 26.95 5.14 15.33
N GLN B 86 25.92 5.97 15.45
CA GLN B 86 25.13 6.05 16.67
C GLN B 86 24.19 4.86 16.79
N SER B 87 24.04 4.36 18.01
CA SER B 87 23.07 3.32 18.31
C SER B 87 21.70 3.98 18.47
N LEU B 88 20.82 3.79 17.50
CA LEU B 88 19.52 4.45 17.54
C LEU B 88 18.57 3.76 18.51
N ARG B 89 18.61 2.43 18.56
CA ARG B 89 17.74 1.67 19.47
C ARG B 89 18.35 0.30 19.70
N THR B 90 18.02 -0.29 20.84
CA THR B 90 18.36 -1.67 21.14
C THR B 90 17.06 -2.43 21.37
N LEU B 91 16.85 -3.49 20.59
CA LEU B 91 15.65 -4.32 20.70
C LEU B 91 15.93 -5.44 21.69
N GLN B 92 15.29 -5.37 22.85
CA GLN B 92 15.49 -6.33 23.94
C GLN B 92 14.22 -7.13 24.16
N GLY B 93 14.40 -8.41 24.51
CA GLY B 93 13.27 -9.29 24.74
C GLY B 93 13.64 -10.75 24.59
N HIS B 94 14.43 -11.06 23.55
CA HIS B 94 14.92 -12.41 23.37
C HIS B 94 15.72 -12.87 24.59
N GLN B 95 15.65 -14.16 24.88
CA GLN B 95 16.33 -14.74 26.02
C GLN B 95 17.64 -15.43 25.64
N SER B 96 17.99 -15.46 24.37
CA SER B 96 19.24 -16.05 23.92
C SER B 96 19.58 -15.50 22.53
N ALA B 97 20.68 -16.02 21.97
CA ALA B 97 21.29 -15.44 20.77
C ALA B 97 20.29 -15.22 19.64
N VAL B 98 20.45 -14.12 18.93
CA VAL B 98 19.69 -13.83 17.72
C VAL B 98 20.39 -14.51 16.55
N THR B 99 19.67 -15.39 15.86
CA THR B 99 20.23 -16.19 14.78
C THR B 99 19.94 -15.61 13.39
N SER B 100 18.70 -15.24 13.13
CA SER B 100 18.28 -14.74 11.83
C SER B 100 17.62 -13.39 11.99
N LEU B 101 17.67 -12.59 10.94
CA LEU B 101 17.19 -11.21 11.01
C LEU B 101 16.76 -10.74 9.63
N GLN B 102 15.66 -10.00 9.58
CA GLN B 102 15.18 -9.40 8.34
C GLN B 102 14.34 -8.19 8.69
N PHE B 103 14.62 -7.07 8.03
CA PHE B 103 13.84 -5.86 8.22
C PHE B 103 13.43 -5.29 6.87
N ASN B 104 12.18 -4.86 6.79
CA ASN B 104 11.64 -4.24 5.59
C ASN B 104 10.65 -3.15 6.02
N ASP B 105 10.85 -1.94 5.50
CA ASP B 105 10.08 -0.76 5.91
C ASP B 105 10.32 -0.56 7.41
N ASN B 106 9.28 -0.43 8.22
CA ASN B 106 9.43 -0.18 9.66
C ASN B 106 9.43 -1.46 10.49
N ILE B 107 9.39 -2.63 9.86
CA ILE B 107 9.25 -3.90 10.56
C ILE B 107 10.58 -4.65 10.48
N VAL B 108 11.05 -5.13 11.63
CA VAL B 108 12.19 -6.02 11.71
C VAL B 108 11.73 -7.29 12.42
N VAL B 109 12.06 -8.44 11.82
CA VAL B 109 11.68 -9.74 12.35
C VAL B 109 12.94 -10.51 12.68
N SER B 110 13.04 -11.00 13.92
CA SER B 110 14.24 -11.66 14.41
C SER B 110 13.91 -13.07 14.88
N GLY B 111 14.82 -14.00 14.62
CA GLY B 111 14.73 -15.34 15.15
C GLY B 111 15.78 -15.54 16.21
N SER B 112 15.60 -16.49 17.12
CA SER B 112 16.46 -16.57 18.28
C SER B 112 16.74 -18.03 18.66
N ASP B 113 17.75 -18.19 19.50
CA ASP B 113 18.06 -19.47 20.11
C ASP B 113 17.07 -19.87 21.20
N ASP B 114 16.23 -18.94 21.67
CA ASP B 114 15.21 -19.26 22.66
C ASP B 114 13.94 -19.84 22.06
N SER B 115 13.98 -20.22 20.77
CA SER B 115 12.92 -20.88 20.01
C SER B 115 11.80 -19.95 19.58
N THR B 116 11.96 -18.64 19.70
CA THR B 116 10.89 -17.71 19.36
C THR B 116 11.30 -16.82 18.20
N VAL B 117 10.29 -16.24 17.55
CA VAL B 117 10.46 -15.21 16.53
C VAL B 117 9.73 -13.97 17.02
N LYS B 118 10.39 -12.82 16.93
CA LYS B 118 9.82 -11.56 17.41
C LYS B 118 9.71 -10.57 16.25
N VAL B 119 8.59 -9.85 16.22
CA VAL B 119 8.35 -8.81 15.23
C VAL B 119 8.39 -7.47 15.95
N TRP B 120 9.25 -6.57 15.49
CA TRP B 120 9.42 -5.26 16.11
C TRP B 120 9.16 -4.15 15.09
N ASP B 121 8.89 -2.97 15.61
CA ASP B 121 8.89 -1.76 14.80
C ASP B 121 10.22 -1.04 15.03
N ILE B 122 10.88 -0.64 13.93
CA ILE B 122 12.23 -0.13 14.02
C ILE B 122 12.24 1.28 14.60
N LYS B 123 11.34 2.15 14.11
CA LYS B 123 11.31 3.52 14.59
C LYS B 123 10.90 3.61 16.05
N THR B 124 10.20 2.60 16.58
CA THR B 124 9.78 2.64 17.97
C THR B 124 10.69 1.82 18.87
N GLY B 125 11.18 0.68 18.39
CA GLY B 125 11.95 -0.24 19.21
C GLY B 125 11.12 -1.22 20.03
N GLN B 126 9.81 -0.99 20.13
CA GLN B 126 8.95 -1.86 20.91
C GLN B 126 8.77 -3.21 20.22
N SER B 127 8.46 -4.22 21.02
CA SER B 127 8.13 -5.54 20.51
C SER B 127 6.63 -5.59 20.21
N LEU B 128 6.28 -5.83 18.95
CA LEU B 128 4.89 -5.85 18.53
C LEU B 128 4.25 -7.23 18.67
N ARG B 129 5.05 -8.30 18.58
CA ARG B 129 4.47 -9.63 18.47
C ARG B 129 5.55 -10.66 18.73
N THR B 130 5.22 -11.67 19.53
CA THR B 130 6.10 -12.80 19.81
C THR B 130 5.42 -14.06 19.27
N LEU B 131 6.12 -14.77 18.38
CA LEU B 131 5.59 -15.98 17.75
C LEU B 131 6.17 -17.20 18.45
N GLN B 132 5.30 -17.94 19.14
CA GLN B 132 5.70 -19.09 19.94
C GLN B 132 5.11 -20.37 19.35
N GLY B 133 5.90 -21.44 19.36
CA GLY B 133 5.47 -22.71 18.83
C GLY B 133 6.62 -23.63 18.54
N HIS B 134 7.73 -23.07 18.02
CA HIS B 134 8.92 -23.87 17.78
C HIS B 134 9.47 -24.43 19.09
N GLN B 135 9.91 -25.68 19.04
CA GLN B 135 10.39 -26.38 20.22
C GLN B 135 11.90 -26.32 20.38
N SER B 136 12.60 -25.63 19.48
CA SER B 136 14.04 -25.42 19.61
C SER B 136 14.41 -24.19 18.79
N ALA B 137 15.72 -23.92 18.74
CA ALA B 137 16.23 -22.67 18.19
C ALA B 137 15.71 -22.40 16.78
N VAL B 138 15.32 -21.16 16.54
CA VAL B 138 14.99 -20.70 15.20
C VAL B 138 16.29 -20.39 14.46
N THR B 139 16.49 -21.04 13.31
CA THR B 139 17.71 -20.87 12.53
C THR B 139 17.54 -20.02 11.29
N SER B 140 16.33 -19.92 10.75
CA SER B 140 16.10 -19.29 9.47
C SER B 140 14.73 -18.64 9.47
N LEU B 141 14.61 -17.51 8.76
CA LEU B 141 13.32 -16.85 8.65
C LEU B 141 13.29 -16.01 7.38
N GLN B 142 12.06 -15.65 6.99
CA GLN B 142 11.80 -14.83 5.83
C GLN B 142 10.35 -14.37 5.91
N PHE B 143 10.09 -13.13 5.50
CA PHE B 143 8.74 -12.62 5.57
C PHE B 143 8.47 -11.62 4.45
N ASN B 144 7.21 -11.55 4.04
CA ASN B 144 6.69 -10.49 3.19
C ASN B 144 5.77 -9.61 4.05
N ASP B 145 4.92 -8.84 3.40
CA ASP B 145 4.05 -7.92 4.12
C ASP B 145 2.88 -8.60 4.82
N ASN B 146 2.83 -9.94 4.83
CA ASN B 146 1.68 -10.63 5.43
C ASN B 146 2.04 -11.87 6.24
N ILE B 147 3.07 -12.64 5.90
CA ILE B 147 3.36 -13.89 6.59
C ILE B 147 4.85 -13.98 6.91
N VAL B 148 5.17 -14.83 7.89
CA VAL B 148 6.54 -15.15 8.27
C VAL B 148 6.74 -16.65 8.08
N VAL B 149 7.84 -17.03 7.42
CA VAL B 149 8.24 -18.42 7.27
C VAL B 149 9.52 -18.62 8.06
N SER B 150 9.47 -19.49 9.07
CA SER B 150 10.61 -19.73 9.95
C SER B 150 11.02 -21.19 9.91
N GLY B 151 12.33 -21.42 9.93
CA GLY B 151 12.89 -22.75 10.06
C GLY B 151 13.51 -22.90 11.44
N SER B 152 13.56 -24.14 11.94
CA SER B 152 13.92 -24.36 13.33
C SER B 152 14.77 -25.60 13.48
N ASP B 153 15.47 -25.65 14.62
CA ASP B 153 16.21 -26.84 15.02
C ASP B 153 15.29 -28.01 15.35
N ASP B 154 14.00 -27.76 15.57
CA ASP B 154 13.06 -28.84 15.86
C ASP B 154 12.63 -29.60 14.62
N SER B 155 13.23 -29.28 13.46
CA SER B 155 13.05 -29.98 12.18
C SER B 155 11.79 -29.59 11.44
N THR B 156 11.15 -28.48 11.79
CA THR B 156 9.94 -28.04 11.11
C THR B 156 10.11 -26.64 10.55
N VAL B 157 9.31 -26.34 9.53
CA VAL B 157 9.10 -25.00 9.01
C VAL B 157 7.71 -24.57 9.41
N LYS B 158 7.58 -23.37 9.96
CA LYS B 158 6.30 -22.86 10.42
C LYS B 158 5.94 -21.58 9.67
N VAL B 159 4.66 -21.45 9.35
CA VAL B 159 4.12 -20.29 8.64
C VAL B 159 3.28 -19.50 9.63
N TRP B 160 3.57 -18.21 9.75
CA TRP B 160 2.94 -17.34 10.72
C TRP B 160 2.22 -16.18 10.03
N ASP B 161 1.31 -15.55 10.76
CA ASP B 161 0.67 -14.32 10.33
C ASP B 161 1.20 -13.17 11.19
N ILE B 162 1.79 -12.16 10.54
CA ILE B 162 2.42 -11.08 11.28
C ILE B 162 1.40 -10.20 12.01
N LYS B 163 0.13 -10.28 11.64
CA LYS B 163 -0.88 -9.37 12.17
C LYS B 163 -1.63 -9.93 13.37
N THR B 164 -2.10 -11.17 13.29
CA THR B 164 -2.77 -11.81 14.42
C THR B 164 -1.85 -12.71 15.24
N GLY B 165 -0.65 -13.01 14.72
CA GLY B 165 0.30 -13.85 15.43
C GLY B 165 0.03 -15.34 15.39
N GLN B 166 -1.06 -15.77 14.77
CA GLN B 166 -1.40 -17.19 14.76
C GLN B 166 -0.40 -17.99 13.93
N SER B 167 -0.10 -19.19 14.39
CA SER B 167 0.66 -20.15 13.59
C SER B 167 -0.27 -20.71 12.52
N LEU B 168 -0.02 -20.36 11.26
CA LEU B 168 -0.94 -20.76 10.20
C LEU B 168 -0.84 -22.25 9.91
N ARG B 169 0.37 -22.74 9.65
CA ARG B 169 0.58 -24.16 9.42
C ARG B 169 2.01 -24.52 9.80
N THR B 170 2.23 -25.82 10.00
CA THR B 170 3.54 -26.35 10.35
C THR B 170 3.96 -27.34 9.28
N LEU B 171 5.12 -27.10 8.68
CA LEU B 171 5.63 -27.95 7.60
C LEU B 171 6.47 -29.05 8.22
N GLN B 172 5.92 -30.26 8.28
CA GLN B 172 6.58 -31.41 8.88
C GLN B 172 7.02 -32.39 7.79
N GLY B 173 8.14 -33.07 8.05
CA GLY B 173 8.66 -34.04 7.11
C GLY B 173 10.16 -34.21 7.22
N HIS B 174 10.86 -33.14 7.55
CA HIS B 174 12.30 -33.21 7.72
C HIS B 174 12.65 -34.03 8.96
N GLN B 175 13.75 -34.77 8.88
CA GLN B 175 14.21 -35.61 9.97
C GLN B 175 15.19 -34.92 10.90
N SER B 176 15.61 -33.69 10.58
CA SER B 176 16.57 -32.99 11.43
C SER B 176 16.41 -31.49 11.20
N ALA B 177 17.28 -30.72 11.85
CA ALA B 177 17.14 -29.27 11.92
C ALA B 177 17.07 -28.64 10.53
N VAL B 178 16.25 -27.60 10.40
CA VAL B 178 16.13 -26.85 9.17
C VAL B 178 17.19 -25.74 9.17
N THR B 179 18.08 -25.79 8.20
CA THR B 179 19.23 -24.89 8.12
C THR B 179 18.98 -23.69 7.22
N SER B 180 18.45 -23.94 6.02
CA SER B 180 18.26 -22.91 5.01
C SER B 180 16.80 -22.85 4.61
N LEU B 181 16.35 -21.65 4.25
CA LEU B 181 14.94 -21.43 3.93
C LEU B 181 14.81 -20.26 2.98
N GLN B 182 13.91 -20.41 2.00
CA GLN B 182 13.55 -19.34 1.10
C GLN B 182 12.17 -19.62 0.55
N PHE B 183 11.36 -18.57 0.43
CA PHE B 183 10.01 -18.71 -0.12
C PHE B 183 9.74 -17.55 -1.07
N ASN B 184 8.99 -17.85 -2.13
CA ASN B 184 8.62 -16.83 -3.11
C ASN B 184 7.36 -17.31 -3.82
N ASP B 185 6.38 -16.41 -3.94
CA ASP B 185 5.09 -16.71 -4.56
C ASP B 185 4.45 -17.84 -3.77
N ASN B 186 4.21 -19.00 -4.38
CA ASN B 186 3.59 -20.16 -3.75
C ASN B 186 4.60 -21.00 -2.98
N ILE B 187 5.81 -21.13 -3.49
CA ILE B 187 6.74 -22.17 -3.05
C ILE B 187 7.59 -21.67 -1.89
N VAL B 188 7.79 -22.55 -0.91
CA VAL B 188 8.84 -22.40 0.09
C VAL B 188 9.76 -23.61 -0.02
N VAL B 189 11.06 -23.36 -0.05
CA VAL B 189 12.07 -24.41 -0.20
C VAL B 189 12.94 -24.37 1.05
N SER B 190 13.21 -25.55 1.62
CA SER B 190 13.94 -25.66 2.87
C SER B 190 15.01 -26.72 2.77
N GLY B 191 16.18 -26.42 3.34
CA GLY B 191 17.26 -27.37 3.44
C GLY B 191 17.36 -27.89 4.87
N SER B 192 18.05 -29.02 5.03
CA SER B 192 18.01 -29.69 6.32
C SER B 192 19.32 -30.38 6.62
N ASP B 193 19.52 -30.68 7.90
CA ASP B 193 20.62 -31.51 8.36
C ASP B 193 20.40 -32.98 8.02
N ASP B 194 19.21 -33.36 7.55
CA ASP B 194 18.98 -34.73 7.09
C ASP B 194 19.45 -34.94 5.65
N SER B 195 20.13 -33.95 5.08
CA SER B 195 20.78 -33.96 3.76
C SER B 195 19.80 -33.78 2.61
N THR B 196 18.52 -33.55 2.87
CA THR B 196 17.54 -33.39 1.81
C THR B 196 17.08 -31.93 1.70
N VAL B 197 16.54 -31.60 0.54
CA VAL B 197 15.89 -30.32 0.30
C VAL B 197 14.41 -30.61 0.02
N LYS B 198 13.53 -29.88 0.69
CA LYS B 198 12.10 -30.08 0.53
C LYS B 198 11.46 -28.87 -0.15
N VAL B 199 10.50 -29.13 -1.02
CA VAL B 199 9.75 -28.11 -1.73
C VAL B 199 8.30 -28.17 -1.24
N TRP B 200 7.82 -27.08 -0.64
CA TRP B 200 6.51 -27.05 -0.03
C TRP B 200 5.62 -25.99 -0.68
N ASP B 201 4.32 -26.14 -0.45
CA ASP B 201 3.32 -25.12 -0.76
C ASP B 201 2.89 -24.47 0.55
N ILE B 202 2.89 -23.15 0.57
CA ILE B 202 2.55 -22.41 1.79
C ILE B 202 1.04 -22.42 2.04
N LYS B 203 0.24 -22.21 1.00
CA LYS B 203 -1.20 -22.15 1.13
C LYS B 203 -1.80 -23.37 1.86
N THR B 204 -1.13 -24.54 1.81
CA THR B 204 -1.73 -25.78 2.32
C THR B 204 -0.77 -26.64 3.11
N GLY B 205 0.54 -26.50 2.96
CA GLY B 205 1.49 -27.14 3.84
C GLY B 205 1.88 -28.55 3.48
N GLN B 206 1.69 -28.98 2.25
CA GLN B 206 2.12 -30.32 1.91
C GLN B 206 3.50 -30.30 1.27
N SER B 207 4.13 -31.47 1.28
CA SER B 207 5.37 -31.70 0.55
C SER B 207 5.03 -31.96 -0.91
N LEU B 208 5.71 -31.24 -1.82
CA LEU B 208 5.58 -31.48 -3.24
C LEU B 208 6.68 -32.40 -3.78
N ARG B 209 7.92 -32.17 -3.36
CA ARG B 209 9.06 -32.94 -3.83
C ARG B 209 10.14 -32.93 -2.76
N THR B 210 10.75 -34.09 -2.54
CA THR B 210 11.93 -34.22 -1.70
C THR B 210 13.15 -34.38 -2.60
N LEU B 211 14.13 -33.48 -2.45
CA LEU B 211 15.34 -33.51 -3.27
C LEU B 211 16.40 -34.31 -2.52
N GLN B 212 16.64 -35.53 -2.98
CA GLN B 212 17.61 -36.44 -2.37
C GLN B 212 18.84 -36.54 -3.26
N GLY B 213 20.02 -36.55 -2.63
CA GLY B 213 21.26 -36.65 -3.37
C GLY B 213 22.47 -36.23 -2.56
N HIS B 214 22.32 -35.19 -1.75
CA HIS B 214 23.41 -34.74 -0.89
C HIS B 214 23.72 -35.79 0.16
N GLN B 215 25.01 -36.02 0.39
CA GLN B 215 25.45 -37.02 1.35
C GLN B 215 25.67 -36.45 2.75
N SER B 216 25.31 -35.18 2.97
CA SER B 216 25.47 -34.56 4.27
C SER B 216 24.56 -33.34 4.34
N ALA B 217 24.62 -32.64 5.47
CA ALA B 217 23.69 -31.56 5.76
C ALA B 217 23.69 -30.50 4.66
N VAL B 218 22.50 -30.05 4.29
CA VAL B 218 22.35 -28.91 3.39
C VAL B 218 22.48 -27.63 4.22
N THR B 219 23.48 -26.81 3.88
CA THR B 219 23.76 -25.61 4.64
C THR B 219 23.18 -24.34 4.01
N SER B 220 22.88 -24.36 2.71
CA SER B 220 22.52 -23.14 2.00
C SER B 220 21.72 -23.51 0.77
N LEU B 221 20.81 -22.61 0.40
CA LEU B 221 20.01 -22.84 -0.81
C LEU B 221 19.53 -21.50 -1.35
N GLN B 222 19.14 -21.54 -2.62
CA GLN B 222 18.55 -20.40 -3.30
C GLN B 222 17.82 -20.95 -4.52
N PHE B 223 16.71 -20.32 -4.89
CA PHE B 223 15.92 -20.85 -5.98
C PHE B 223 15.20 -19.74 -6.72
N ASN B 224 14.89 -20.01 -7.99
CA ASN B 224 13.97 -19.21 -8.77
C ASN B 224 12.78 -20.08 -9.17
N ASP B 225 12.00 -19.64 -10.15
CA ASP B 225 10.77 -20.32 -10.52
C ASP B 225 11.01 -21.60 -11.33
N ASN B 226 12.21 -22.17 -11.29
CA ASN B 226 12.50 -23.35 -12.12
C ASN B 226 13.48 -24.31 -11.47
N ILE B 227 14.53 -23.78 -10.82
CA ILE B 227 15.59 -24.60 -10.25
C ILE B 227 15.83 -24.23 -8.79
N VAL B 228 16.59 -25.09 -8.11
CA VAL B 228 17.11 -24.84 -6.77
C VAL B 228 18.59 -25.18 -6.80
N VAL B 229 19.43 -24.28 -6.28
CA VAL B 229 20.85 -24.53 -6.07
C VAL B 229 21.07 -24.71 -4.57
N SER B 230 21.66 -25.85 -4.21
CA SER B 230 21.86 -26.22 -2.81
C SER B 230 23.34 -26.40 -2.50
N GLY B 231 23.72 -26.00 -1.29
CA GLY B 231 25.09 -26.19 -0.79
C GLY B 231 25.07 -27.16 0.37
N SER B 232 26.12 -27.97 0.47
CA SER B 232 26.08 -29.11 1.38
C SER B 232 27.39 -29.25 2.13
N ASP B 233 27.29 -29.91 3.30
CA ASP B 233 28.45 -30.34 4.06
C ASP B 233 29.24 -31.42 3.36
N ASP B 234 28.69 -32.07 2.34
CA ASP B 234 29.41 -33.10 1.59
C ASP B 234 30.39 -32.51 0.58
N SER B 235 30.56 -31.19 0.59
CA SER B 235 31.51 -30.38 -0.18
C SER B 235 31.03 -30.06 -1.59
N THR B 236 29.81 -30.43 -1.96
CA THR B 236 29.33 -30.20 -3.32
C THR B 236 28.20 -29.19 -3.35
N VAL B 237 28.01 -28.60 -4.53
CA VAL B 237 26.84 -27.80 -4.84
C VAL B 237 26.04 -28.56 -5.89
N LYS B 238 24.72 -28.61 -5.72
CA LYS B 238 23.87 -29.37 -6.60
C LYS B 238 22.80 -28.46 -7.21
N VAL B 239 22.42 -28.79 -8.45
CA VAL B 239 21.42 -28.05 -9.21
C VAL B 239 20.25 -28.99 -9.49
N TRP B 240 19.09 -28.65 -8.96
CA TRP B 240 17.88 -29.44 -9.11
C TRP B 240 16.85 -28.70 -9.94
N ASP B 241 15.93 -29.45 -10.53
CA ASP B 241 14.74 -28.88 -11.14
C ASP B 241 13.63 -28.87 -10.09
N ILE B 242 13.08 -27.69 -9.81
CA ILE B 242 12.07 -27.55 -8.78
C ILE B 242 10.74 -28.19 -9.17
N LYS B 243 10.58 -28.60 -10.42
CA LYS B 243 9.32 -29.15 -10.91
C LYS B 243 9.32 -30.66 -11.06
N THR B 244 10.45 -31.26 -11.44
CA THR B 244 10.55 -32.71 -11.55
C THR B 244 11.39 -33.33 -10.44
N GLY B 245 12.00 -32.52 -9.58
CA GLY B 245 12.82 -33.01 -8.50
C GLY B 245 14.14 -33.64 -8.90
N GLN B 246 14.46 -33.68 -10.20
CA GLN B 246 15.68 -34.34 -10.65
C GLN B 246 16.86 -33.38 -10.59
N SER B 247 18.05 -33.97 -10.57
CA SER B 247 19.31 -33.24 -10.56
C SER B 247 20.09 -33.54 -11.83
N LEU B 248 21.10 -32.71 -12.09
CA LEU B 248 22.04 -32.93 -13.18
C LEU B 248 23.45 -32.75 -12.69
N ARG B 249 23.92 -31.52 -12.88
CA ARG B 249 25.27 -31.12 -12.52
C ARG B 249 25.44 -31.15 -11.02
N THR B 250 26.46 -31.88 -10.58
CA THR B 250 26.96 -31.78 -9.22
C THR B 250 28.27 -31.03 -9.31
N LEU B 251 28.28 -29.78 -8.86
CA LEU B 251 29.47 -28.95 -8.92
C LEU B 251 30.49 -29.49 -7.94
N GLN B 252 31.50 -30.18 -8.47
CA GLN B 252 32.54 -30.81 -7.66
C GLN B 252 33.84 -30.02 -7.77
N GLY B 253 34.54 -29.89 -6.65
CA GLY B 253 35.80 -29.16 -6.62
C GLY B 253 36.21 -28.73 -5.23
N HIS B 254 35.23 -28.37 -4.40
CA HIS B 254 35.53 -27.98 -3.03
C HIS B 254 36.02 -29.17 -2.22
N GLN B 255 36.95 -28.90 -1.31
CA GLN B 255 37.53 -29.93 -0.45
C GLN B 255 36.85 -30.02 0.92
N SER B 256 35.87 -29.17 1.19
CA SER B 256 35.17 -29.21 2.47
C SER B 256 33.78 -28.59 2.28
N ALA B 257 33.04 -28.51 3.38
CA ALA B 257 31.63 -28.11 3.34
C ALA B 257 31.43 -26.79 2.62
N VAL B 258 30.31 -26.68 1.91
CA VAL B 258 29.91 -25.43 1.27
C VAL B 258 29.08 -24.64 2.27
N THR B 259 29.59 -23.47 2.67
CA THR B 259 28.95 -22.66 3.69
C THR B 259 28.04 -21.57 3.12
N SER B 260 28.24 -21.17 1.87
CA SER B 260 27.55 -20.03 1.30
C SER B 260 27.43 -20.22 -0.21
N LEU B 261 26.33 -19.71 -0.77
CA LEU B 261 26.18 -19.71 -2.22
C LEU B 261 25.19 -18.63 -2.63
N GLN B 262 25.39 -18.10 -3.83
CA GLN B 262 24.47 -17.18 -4.45
C GLN B 262 24.61 -17.35 -5.97
N PHE B 263 23.47 -17.33 -6.67
CA PHE B 263 23.50 -17.41 -8.12
C PHE B 263 22.58 -16.38 -8.72
N ASN B 264 23.04 -15.73 -9.79
CA ASN B 264 22.26 -14.71 -10.48
C ASN B 264 22.06 -15.08 -11.94
N ASP B 265 22.80 -14.43 -12.83
CA ASP B 265 22.70 -14.67 -14.26
C ASP B 265 23.79 -15.67 -14.66
N ASN B 266 23.37 -16.88 -14.98
CA ASN B 266 24.20 -17.98 -15.48
C ASN B 266 25.47 -18.22 -14.66
N ILE B 267 25.56 -17.64 -13.47
CA ILE B 267 26.72 -17.78 -12.60
C ILE B 267 26.24 -18.18 -11.21
N VAL B 268 26.92 -19.14 -10.59
CA VAL B 268 26.72 -19.47 -9.18
C VAL B 268 28.06 -19.39 -8.47
N VAL B 269 28.09 -18.70 -7.33
CA VAL B 269 29.30 -18.48 -6.55
C VAL B 269 29.13 -19.17 -5.20
N SER B 270 30.13 -19.94 -4.80
CA SER B 270 30.05 -20.72 -3.56
C SER B 270 31.26 -20.45 -2.68
N GLY B 271 31.03 -20.41 -1.37
CA GLY B 271 32.09 -20.31 -0.40
C GLY B 271 32.24 -21.61 0.34
N SER B 272 33.42 -21.89 0.90
CA SER B 272 33.69 -23.21 1.44
C SER B 272 34.58 -23.12 2.67
N ASP B 273 34.58 -24.22 3.42
CA ASP B 273 35.47 -24.38 4.56
C ASP B 273 36.92 -24.62 4.14
N ASP B 274 37.18 -24.86 2.86
CA ASP B 274 38.55 -25.03 2.38
C ASP B 274 39.26 -23.71 2.08
N SER B 275 38.66 -22.59 2.50
CA SER B 275 39.17 -21.22 2.41
C SER B 275 39.04 -20.64 1.01
N THR B 276 38.45 -21.33 0.05
CA THR B 276 38.39 -20.85 -1.32
C THR B 276 36.96 -20.45 -1.69
N VAL B 277 36.87 -19.59 -2.70
CA VAL B 277 35.61 -19.24 -3.34
C VAL B 277 35.68 -19.72 -4.78
N LYS B 278 34.62 -20.39 -5.24
CA LYS B 278 34.57 -20.91 -6.59
C LYS B 278 33.42 -20.27 -7.36
N VAL B 279 33.65 -20.06 -8.65
CA VAL B 279 32.68 -19.45 -9.56
C VAL B 279 32.38 -20.45 -10.66
N TRP B 280 31.13 -20.90 -10.73
CA TRP B 280 30.74 -21.92 -11.69
C TRP B 280 29.71 -21.38 -12.66
N ASP B 281 29.53 -22.12 -13.74
CA ASP B 281 28.42 -21.94 -14.65
C ASP B 281 27.48 -23.12 -14.47
N ILE B 282 26.26 -22.82 -14.00
CA ILE B 282 25.25 -23.84 -13.73
C ILE B 282 24.95 -24.71 -14.94
N LYS B 283 25.24 -24.23 -16.14
CA LYS B 283 24.77 -24.90 -17.37
C LYS B 283 25.68 -26.07 -17.74
N THR B 284 27.00 -25.85 -17.82
CA THR B 284 27.94 -26.97 -17.95
C THR B 284 28.25 -27.64 -16.63
N GLY B 285 28.16 -26.92 -15.52
CA GLY B 285 28.66 -27.43 -14.26
C GLY B 285 30.15 -27.32 -14.08
N GLN B 286 30.84 -26.63 -14.99
CA GLN B 286 32.29 -26.49 -14.89
C GLN B 286 32.66 -25.34 -13.96
N SER B 287 33.86 -25.43 -13.39
CA SER B 287 34.39 -24.38 -12.52
C SER B 287 35.11 -23.35 -13.38
N LEU B 288 34.62 -22.11 -13.36
CA LEU B 288 35.20 -21.05 -14.17
C LEU B 288 36.37 -20.37 -13.49
N ARG B 289 36.34 -20.23 -12.17
CA ARG B 289 37.39 -19.52 -11.44
C ARG B 289 37.46 -20.02 -10.01
N THR B 290 38.68 -20.09 -9.49
CA THR B 290 38.92 -20.38 -8.08
C THR B 290 39.56 -19.14 -7.46
N LEU B 291 38.92 -18.60 -6.42
CA LEU B 291 39.41 -17.41 -5.73
C LEU B 291 40.14 -17.85 -4.47
N GLN B 292 41.46 -17.76 -4.49
CA GLN B 292 42.31 -18.18 -3.38
C GLN B 292 42.95 -16.96 -2.73
N GLY B 293 43.07 -17.01 -1.41
CA GLY B 293 43.62 -15.89 -0.65
C GLY B 293 43.22 -15.91 0.81
N HIS B 294 41.98 -16.30 1.09
CA HIS B 294 41.53 -16.43 2.46
C HIS B 294 42.32 -17.51 3.18
N GLN B 295 42.60 -17.29 4.46
CA GLN B 295 43.43 -18.19 5.25
C GLN B 295 42.61 -19.11 6.14
N SER B 296 41.29 -19.09 6.03
CA SER B 296 40.43 -20.04 6.72
C SER B 296 39.06 -20.01 6.06
N ALA B 297 38.10 -20.67 6.70
CA ALA B 297 36.81 -20.95 6.08
C ALA B 297 36.10 -19.68 5.64
N VAL B 298 35.50 -19.74 4.46
CA VAL B 298 34.63 -18.68 3.97
C VAL B 298 33.26 -18.85 4.62
N THR B 299 32.79 -17.81 5.30
CA THR B 299 31.52 -17.86 6.02
C THR B 299 30.36 -17.24 5.27
N SER B 300 30.61 -16.19 4.49
CA SER B 300 29.53 -15.47 3.81
C SER B 300 30.08 -14.80 2.57
N LEU B 301 29.21 -14.58 1.59
CA LEU B 301 29.62 -13.94 0.35
C LEU B 301 28.42 -13.28 -0.31
N GLN B 302 28.71 -12.49 -1.33
CA GLN B 302 27.74 -11.76 -2.12
C GLN B 302 28.48 -11.22 -3.33
N PHE B 303 27.85 -11.26 -4.50
CA PHE B 303 28.56 -10.85 -5.69
C PHE B 303 27.69 -10.00 -6.61
N ASN B 304 28.34 -9.04 -7.26
CA ASN B 304 27.77 -8.22 -8.30
C ASN B 304 27.89 -8.94 -9.64
N ASP B 305 27.59 -8.24 -10.73
CA ASP B 305 27.90 -8.78 -12.04
C ASP B 305 29.39 -8.70 -12.36
N ASN B 306 30.17 -7.98 -11.56
CA ASN B 306 31.61 -7.86 -11.76
C ASN B 306 32.44 -8.08 -10.50
N ILE B 307 31.84 -8.03 -9.30
CA ILE B 307 32.59 -8.05 -8.06
C ILE B 307 32.11 -9.20 -7.18
N VAL B 308 32.99 -9.69 -6.33
CA VAL B 308 32.66 -10.69 -5.31
C VAL B 308 33.21 -10.19 -3.97
N VAL B 309 32.35 -10.12 -2.97
CA VAL B 309 32.75 -9.76 -1.61
C VAL B 309 32.53 -10.99 -0.72
N SER B 310 33.58 -11.39 0.00
CA SER B 310 33.56 -12.59 0.81
C SER B 310 34.11 -12.31 2.20
N GLY B 311 33.44 -12.82 3.22
CA GLY B 311 33.89 -12.74 4.59
C GLY B 311 34.44 -14.08 5.05
N SER B 312 35.44 -14.03 5.92
CA SER B 312 36.22 -15.22 6.24
C SER B 312 36.40 -15.37 7.74
N ASP B 313 36.68 -16.62 8.13
CA ASP B 313 37.09 -16.92 9.50
C ASP B 313 38.46 -16.35 9.82
N ASP B 314 39.25 -15.96 8.81
CA ASP B 314 40.52 -15.30 9.07
C ASP B 314 40.35 -13.86 9.53
N SER B 315 39.10 -13.39 9.68
CA SER B 315 38.74 -12.07 10.18
C SER B 315 38.88 -10.97 9.14
N THR B 316 38.95 -11.32 7.85
CA THR B 316 39.05 -10.31 6.80
C THR B 316 37.88 -10.42 5.84
N VAL B 317 37.57 -9.31 5.19
CA VAL B 317 36.63 -9.26 4.07
C VAL B 317 37.44 -9.02 2.82
N LYS B 318 37.17 -9.78 1.76
CA LYS B 318 37.93 -9.69 0.53
C LYS B 318 37.03 -9.30 -0.63
N VAL B 319 37.56 -8.43 -1.50
CA VAL B 319 36.86 -7.96 -2.69
C VAL B 319 37.55 -8.59 -3.89
N TRP B 320 36.78 -9.33 -4.68
CA TRP B 320 37.31 -10.08 -5.81
C TRP B 320 36.75 -9.57 -7.12
N ASP B 321 37.60 -9.48 -8.13
CA ASP B 321 37.14 -9.35 -9.50
C ASP B 321 36.62 -10.72 -9.96
N ILE B 322 35.34 -10.78 -10.33
CA ILE B 322 34.73 -12.07 -10.67
C ILE B 322 35.20 -12.62 -12.01
N LYS B 323 36.09 -11.92 -12.71
CA LYS B 323 36.46 -12.35 -14.05
C LYS B 323 37.96 -12.45 -14.30
N THR B 324 38.78 -11.63 -13.63
CA THR B 324 40.22 -11.70 -13.79
C THR B 324 40.77 -13.02 -13.24
N SER C 7 4.91 9.63 20.91
CA SER C 7 5.98 10.60 20.74
C SER C 7 7.34 9.89 20.64
N LEU C 8 8.09 10.20 19.58
CA LEU C 8 9.34 9.51 19.28
C LEU C 8 10.57 10.30 19.69
N ARG C 9 10.60 11.61 19.42
CA ARG C 9 11.74 12.44 19.77
C ARG C 9 11.28 13.88 19.91
N THR C 10 12.09 14.66 20.62
CA THR C 10 11.84 16.09 20.80
C THR C 10 13.10 16.85 20.41
N LEU C 11 12.98 17.73 19.44
CA LEU C 11 14.12 18.52 18.95
C LEU C 11 14.17 19.81 19.75
N GLN C 12 15.18 19.92 20.62
CA GLN C 12 15.36 21.09 21.47
C GLN C 12 16.60 21.86 21.03
N GLY C 13 16.48 23.18 20.96
CA GLY C 13 17.57 24.03 20.54
C GLY C 13 17.09 25.45 20.28
N HIS C 14 15.90 25.58 19.71
CA HIS C 14 15.32 26.89 19.48
C HIS C 14 15.04 27.59 20.80
N GLN C 15 15.21 28.91 20.80
CA GLN C 15 15.01 29.72 22.00
C GLN C 15 13.63 30.35 22.09
N SER C 16 12.80 30.21 21.06
CA SER C 16 11.44 30.74 21.10
C SER C 16 10.59 29.99 20.08
N ALA C 17 9.36 30.46 19.89
CA ALA C 17 8.33 29.71 19.18
C ALA C 17 8.80 29.24 17.81
N VAL C 18 8.42 28.02 17.46
CA VAL C 18 8.66 27.47 16.12
C VAL C 18 7.51 27.92 15.23
N THR C 19 7.83 28.61 14.15
CA THR C 19 6.83 29.19 13.27
C THR C 19 6.61 28.40 11.98
N SER C 20 7.69 27.87 11.39
CA SER C 20 7.62 27.20 10.12
C SER C 20 8.31 25.85 10.20
N LEU C 21 7.85 24.91 9.39
CA LEU C 21 8.29 23.53 9.49
C LEU C 21 8.09 22.83 8.15
N GLN C 22 9.09 22.05 7.75
CA GLN C 22 8.97 21.18 6.58
C GLN C 22 9.95 20.03 6.76
N PHE C 23 9.51 18.83 6.40
CA PHE C 23 10.38 17.67 6.50
C PHE C 23 10.25 16.79 5.27
N ASN C 24 11.38 16.33 4.76
CA ASN C 24 11.43 15.47 3.59
C ASN C 24 12.62 14.52 3.77
N ASP C 25 12.40 13.25 3.50
CA ASP C 25 13.39 12.19 3.76
C ASP C 25 13.66 12.20 5.26
N ASN C 26 14.93 12.32 5.70
CA ASN C 26 15.28 12.28 7.11
C ASN C 26 15.61 13.66 7.68
N ILE C 27 15.23 14.72 6.98
CA ILE C 27 15.61 16.08 7.34
C ILE C 27 14.37 16.85 7.77
N VAL C 28 14.44 17.48 8.94
CA VAL C 28 13.47 18.49 9.37
C VAL C 28 14.17 19.84 9.37
N VAL C 29 13.54 20.83 8.73
CA VAL C 29 14.03 22.20 8.73
C VAL C 29 12.98 23.06 9.43
N SER C 30 13.39 23.75 10.49
CA SER C 30 12.48 24.51 11.32
C SER C 30 12.83 26.00 11.27
N GLY C 31 11.79 26.83 11.37
CA GLY C 31 11.97 28.26 11.47
C GLY C 31 11.39 28.74 12.79
N SER C 32 12.00 29.80 13.34
CA SER C 32 11.72 30.17 14.72
C SER C 32 11.59 31.68 14.87
N ASP C 33 10.99 32.07 15.99
CA ASP C 33 10.94 33.47 16.40
C ASP C 33 12.28 33.96 16.93
N ASP C 34 13.24 33.06 17.19
CA ASP C 34 14.57 33.48 17.61
C ASP C 34 15.46 33.89 16.44
N SER C 35 14.89 33.97 15.23
CA SER C 35 15.51 34.45 13.99
C SER C 35 16.42 33.44 13.32
N THR C 36 16.48 32.20 13.79
CA THR C 36 17.36 31.20 13.20
C THR C 36 16.56 30.15 12.45
N VAL C 37 17.25 29.46 11.54
CA VAL C 37 16.74 28.27 10.87
C VAL C 37 17.61 27.10 11.31
N LYS C 38 16.97 26.02 11.75
CA LYS C 38 17.69 24.85 12.23
C LYS C 38 17.37 23.64 11.36
N VAL C 39 18.41 22.89 11.02
CA VAL C 39 18.30 21.65 10.24
C VAL C 39 18.61 20.49 11.17
N TRP C 40 17.72 19.50 11.21
CA TRP C 40 17.87 18.37 12.10
C TRP C 40 17.73 17.06 11.33
N ASP C 41 18.30 16.00 11.90
CA ASP C 41 18.03 14.64 11.48
C ASP C 41 16.93 14.06 12.36
N ILE C 42 15.93 13.42 11.74
CA ILE C 42 14.78 12.89 12.47
C ILE C 42 15.13 11.71 13.36
N LYS C 43 16.27 11.04 13.14
CA LYS C 43 16.65 9.92 13.99
C LYS C 43 17.65 10.29 15.08
N THR C 44 18.75 10.96 14.71
CA THR C 44 19.66 11.43 15.75
C THR C 44 18.97 12.42 16.68
N GLY C 45 18.05 13.21 16.16
CA GLY C 45 17.49 14.30 16.93
C GLY C 45 18.45 15.44 17.18
N GLN C 46 19.62 15.40 16.52
CA GLN C 46 20.64 16.43 16.68
C GLN C 46 20.36 17.60 15.74
N SER C 47 20.77 18.78 16.19
CA SER C 47 20.83 19.94 15.29
C SER C 47 22.02 19.75 14.35
N LEU C 48 21.73 19.47 13.08
CA LEU C 48 22.80 19.32 12.10
C LEU C 48 23.42 20.67 11.75
N ARG C 49 22.58 21.70 11.59
CA ARG C 49 23.03 23.01 11.18
C ARG C 49 22.10 24.06 11.75
N THR C 50 22.68 25.16 12.22
CA THR C 50 21.93 26.37 12.55
C THR C 50 22.26 27.42 11.50
N LEU C 51 21.22 28.01 10.90
CA LEU C 51 21.38 28.99 9.84
C LEU C 51 21.13 30.37 10.46
N GLN C 52 22.22 31.12 10.66
CA GLN C 52 22.16 32.41 11.32
C GLN C 52 22.44 33.52 10.31
N GLY C 53 21.69 34.62 10.46
CA GLY C 53 21.83 35.75 9.56
C GLY C 53 20.62 36.66 9.56
N HIS C 54 19.43 36.08 9.77
CA HIS C 54 18.21 36.87 9.85
C HIS C 54 18.22 37.71 11.12
N GLN C 55 17.74 38.94 11.00
CA GLN C 55 17.73 39.88 12.11
C GLN C 55 16.38 39.93 12.84
N SER C 56 15.45 39.06 12.46
CA SER C 56 14.15 39.02 13.12
C SER C 56 13.51 37.66 12.86
N ALA C 57 12.28 37.49 13.35
CA ALA C 57 11.63 36.20 13.37
C ALA C 57 11.54 35.58 11.97
N VAL C 58 11.83 34.30 11.89
CA VAL C 58 11.66 33.54 10.65
C VAL C 58 10.18 33.19 10.53
N THR C 59 9.54 33.66 9.46
CA THR C 59 8.11 33.49 9.26
C THR C 59 7.76 32.33 8.35
N SER C 60 8.59 32.04 7.35
CA SER C 60 8.25 31.06 6.33
C SER C 60 9.53 30.46 5.77
N LEU C 61 9.46 29.19 5.38
CA LEU C 61 10.63 28.52 4.83
C LEU C 61 10.20 27.42 3.89
N GLN C 62 11.14 27.02 3.04
CA GLN C 62 10.96 25.92 2.09
C GLN C 62 12.34 25.45 1.68
N PHE C 63 12.46 24.15 1.41
CA PHE C 63 13.76 23.61 1.08
C PHE C 63 13.61 22.40 0.17
N ASN C 64 14.63 22.20 -0.67
CA ASN C 64 14.79 21.01 -1.48
C ASN C 64 16.04 20.26 -0.99
N ASP C 65 16.60 19.42 -1.86
CA ASP C 65 17.72 18.58 -1.47
C ASP C 65 19.02 19.37 -1.26
N ASN C 66 19.06 20.65 -1.64
CA ASN C 66 20.30 21.42 -1.52
C ASN C 66 20.11 22.86 -1.07
N ILE C 67 18.92 23.45 -1.17
CA ILE C 67 18.73 24.86 -0.85
C ILE C 67 17.73 25.00 0.29
N VAL C 68 17.84 26.12 0.99
CA VAL C 68 16.84 26.55 1.96
C VAL C 68 16.52 28.00 1.69
N VAL C 69 15.25 28.29 1.41
CA VAL C 69 14.75 29.65 1.24
C VAL C 69 13.93 30.00 2.47
N SER C 70 14.27 31.12 3.12
CA SER C 70 13.61 31.53 4.35
C SER C 70 13.10 32.96 4.23
N GLY C 71 11.94 33.20 4.82
CA GLY C 71 11.38 34.55 4.90
C GLY C 71 11.30 34.98 6.35
N SER C 72 11.54 36.27 6.59
CA SER C 72 11.74 36.75 7.94
C SER C 72 10.97 38.03 8.19
N ASP C 73 10.76 38.32 9.48
CA ASP C 73 10.20 39.59 9.90
C ASP C 73 11.10 40.77 9.57
N ASP C 74 12.39 40.53 9.33
CA ASP C 74 13.31 41.61 8.98
C ASP C 74 13.14 42.07 7.54
N SER C 75 12.15 41.55 6.83
CA SER C 75 11.72 41.92 5.47
C SER C 75 12.62 41.36 4.38
N THR C 76 13.56 40.47 4.71
CA THR C 76 14.42 39.87 3.70
C THR C 76 14.06 38.42 3.46
N VAL C 77 14.46 37.93 2.29
CA VAL C 77 14.43 36.51 1.96
C VAL C 77 15.87 36.05 1.84
N LYS C 78 16.18 34.90 2.44
CA LYS C 78 17.54 34.40 2.47
C LYS C 78 17.61 33.03 1.82
N VAL C 79 18.67 32.79 1.07
CA VAL C 79 18.92 31.54 0.36
C VAL C 79 20.10 30.86 1.04
N TRP C 80 19.86 29.68 1.61
CA TRP C 80 20.88 28.97 2.36
C TRP C 80 21.24 27.65 1.68
N ASP C 81 22.49 27.24 1.86
CA ASP C 81 22.92 25.88 1.53
C ASP C 81 22.62 24.99 2.73
N ILE C 82 21.81 23.95 2.51
CA ILE C 82 21.39 23.07 3.61
C ILE C 82 22.51 22.18 4.11
N LYS C 83 23.70 22.36 3.56
CA LYS C 83 24.83 21.50 3.84
C LYS C 83 25.87 22.18 4.72
N THR C 84 26.22 23.41 4.38
CA THR C 84 27.23 24.18 5.07
C THR C 84 26.66 25.30 5.93
N GLY C 85 25.35 25.54 5.88
CA GLY C 85 24.73 26.58 6.66
C GLY C 85 25.10 28.00 6.27
N GLN C 86 25.88 28.17 5.20
CA GLN C 86 26.31 29.50 4.80
C GLN C 86 25.19 30.22 4.05
N SER C 87 25.13 31.53 4.24
CA SER C 87 24.24 32.36 3.45
C SER C 87 24.76 32.44 2.02
N LEU C 88 23.91 32.11 1.06
CA LEU C 88 24.28 32.19 -0.34
C LEU C 88 23.93 33.56 -0.95
N ARG C 89 22.71 34.03 -0.70
CA ARG C 89 22.27 35.34 -1.17
C ARG C 89 21.22 35.88 -0.20
N THR C 90 21.07 37.19 -0.22
CA THR C 90 20.01 37.87 0.51
C THR C 90 19.17 38.65 -0.49
N LEU C 91 17.87 38.39 -0.50
CA LEU C 91 16.95 39.08 -1.39
C LEU C 91 16.36 40.27 -0.65
N GLN C 92 16.79 41.47 -1.02
CA GLN C 92 16.33 42.71 -0.41
C GLN C 92 15.39 43.43 -1.37
N GLY C 93 14.42 44.15 -0.80
CA GLY C 93 13.48 44.91 -1.60
C GLY C 93 12.17 45.17 -0.87
N HIS C 94 11.70 44.17 -0.13
CA HIS C 94 10.49 44.34 0.65
C HIS C 94 10.70 45.39 1.74
N GLN C 95 9.67 46.21 1.96
CA GLN C 95 9.71 47.24 2.98
C GLN C 95 9.18 46.75 4.33
N SER C 96 8.70 45.51 4.41
CA SER C 96 8.15 45.01 5.66
C SER C 96 8.23 43.48 5.64
N ALA C 97 7.78 42.88 6.74
CA ALA C 97 7.97 41.45 6.98
C ALA C 97 7.52 40.61 5.80
N VAL C 98 8.32 39.60 5.48
CA VAL C 98 7.94 38.60 4.49
C VAL C 98 7.04 37.58 5.18
N THR C 99 5.81 37.45 4.69
CA THR C 99 4.80 36.63 5.34
C THR C 99 4.51 35.32 4.63
N SER C 100 5.08 35.11 3.44
CA SER C 100 4.79 33.93 2.65
C SER C 100 5.81 33.85 1.52
N LEU C 101 6.20 32.63 1.16
CA LEU C 101 7.08 32.43 0.02
C LEU C 101 6.92 31.02 -0.51
N GLN C 102 7.35 30.84 -1.74
CA GLN C 102 7.37 29.54 -2.39
C GLN C 102 8.39 29.63 -3.52
N PHE C 103 9.29 28.66 -3.61
CA PHE C 103 10.27 28.62 -4.68
C PHE C 103 10.03 27.35 -5.50
N ASN C 104 9.69 27.53 -6.78
CA ASN C 104 9.48 26.43 -7.69
C ASN C 104 10.70 26.38 -8.62
N ASP C 105 11.74 25.72 -8.11
CA ASP C 105 12.99 25.49 -8.82
C ASP C 105 13.75 26.79 -9.07
N ASN C 106 13.55 27.43 -10.22
CA ASN C 106 14.37 28.58 -10.56
C ASN C 106 13.91 29.87 -9.86
N ILE C 107 12.64 29.96 -9.50
CA ILE C 107 12.03 31.23 -9.11
C ILE C 107 11.69 31.22 -7.63
N VAL C 108 11.88 32.36 -6.97
CA VAL C 108 11.40 32.61 -5.62
C VAL C 108 10.32 33.68 -5.70
N VAL C 109 9.16 33.40 -5.13
CA VAL C 109 8.05 34.35 -5.08
C VAL C 109 7.69 34.58 -3.63
N SER C 110 7.66 35.85 -3.21
CA SER C 110 7.48 36.21 -1.81
C SER C 110 6.38 37.25 -1.67
N GLY C 111 5.56 37.09 -0.62
CA GLY C 111 4.58 38.09 -0.24
C GLY C 111 5.02 38.80 1.02
N SER C 112 4.51 40.00 1.28
CA SER C 112 5.04 40.79 2.37
C SER C 112 3.95 41.63 3.02
N ASP C 113 4.28 42.19 4.17
CA ASP C 113 3.42 43.13 4.87
C ASP C 113 3.32 44.48 4.17
N ASP C 114 4.21 44.77 3.21
CA ASP C 114 4.08 46.00 2.43
C ASP C 114 3.01 45.89 1.35
N SER C 115 2.30 44.76 1.28
CA SER C 115 1.18 44.47 0.38
C SER C 115 1.62 44.17 -1.05
N THR C 116 2.91 43.97 -1.30
CA THR C 116 3.38 43.62 -2.62
C THR C 116 3.83 42.16 -2.66
N VAL C 117 3.88 41.61 -3.87
CA VAL C 117 4.45 40.30 -4.14
C VAL C 117 5.64 40.50 -5.06
N LYS C 118 6.78 39.89 -4.72
CA LYS C 118 7.99 40.00 -5.52
C LYS C 118 8.37 38.65 -6.10
N VAL C 119 8.93 38.67 -7.30
CA VAL C 119 9.39 37.49 -8.01
C VAL C 119 10.89 37.63 -8.21
N TRP C 120 11.66 36.66 -7.71
CA TRP C 120 13.11 36.73 -7.73
C TRP C 120 13.71 35.54 -8.47
N ASP C 121 14.95 35.74 -8.92
CA ASP C 121 15.81 34.65 -9.38
C ASP C 121 16.75 34.28 -8.24
N ILE C 122 16.82 32.98 -7.92
CA ILE C 122 17.58 32.54 -6.76
C ILE C 122 19.08 32.72 -6.94
N LYS C 123 19.56 32.86 -8.17
CA LYS C 123 20.98 32.92 -8.45
C LYS C 123 21.52 34.34 -8.56
N THR C 124 20.87 35.18 -9.37
CA THR C 124 21.32 36.56 -9.47
C THR C 124 20.93 37.40 -8.26
N GLY C 125 20.02 36.91 -7.41
CA GLY C 125 19.51 37.70 -6.32
C GLY C 125 18.66 38.88 -6.74
N GLN C 126 18.50 39.13 -8.03
CA GLN C 126 17.79 40.32 -8.49
C GLN C 126 16.29 40.11 -8.41
N SER C 127 15.57 41.23 -8.35
CA SER C 127 14.12 41.24 -8.42
C SER C 127 13.70 41.31 -9.87
N LEU C 128 13.02 40.26 -10.34
CA LEU C 128 12.54 40.24 -11.72
C LEU C 128 11.20 40.94 -11.88
N ARG C 129 10.42 41.05 -10.81
CA ARG C 129 9.05 41.54 -10.93
C ARG C 129 8.46 41.88 -9.57
N THR C 130 7.78 43.03 -9.49
CA THR C 130 7.04 43.43 -8.30
C THR C 130 5.56 43.49 -8.67
N LEU C 131 4.74 42.73 -7.95
CA LEU C 131 3.30 42.70 -8.16
C LEU C 131 2.65 43.69 -7.21
N GLN C 132 2.12 44.79 -7.75
CA GLN C 132 1.50 45.84 -6.96
C GLN C 132 0.01 45.91 -7.28
N GLY C 133 -0.82 45.95 -6.24
CA GLY C 133 -2.25 45.99 -6.41
C GLY C 133 -3.00 45.79 -5.11
N HIS C 134 -2.50 44.90 -4.26
CA HIS C 134 -3.13 44.68 -2.96
C HIS C 134 -3.03 45.94 -2.11
N GLN C 135 -4.06 46.18 -1.31
CA GLN C 135 -4.13 47.37 -0.47
C GLN C 135 -3.76 47.10 0.99
N SER C 136 -3.33 45.88 1.30
CA SER C 136 -2.88 45.54 2.64
C SER C 136 -2.05 44.27 2.56
N ALA C 137 -1.45 43.90 3.70
CA ALA C 137 -0.48 42.82 3.76
C ALA C 137 -0.90 41.59 2.98
N VAL C 138 0.02 41.07 2.16
CA VAL C 138 -0.18 39.79 1.49
C VAL C 138 0.05 38.69 2.50
N THR C 139 -0.98 37.87 2.74
CA THR C 139 -0.95 36.87 3.79
C THR C 139 -0.61 35.47 3.29
N SER C 140 -1.05 35.11 2.10
CA SER C 140 -0.81 33.77 1.56
C SER C 140 -0.47 33.87 0.08
N LEU C 141 0.12 32.79 -0.45
CA LEU C 141 0.74 32.84 -1.76
C LEU C 141 0.75 31.44 -2.36
N GLN C 142 0.65 31.39 -3.69
CA GLN C 142 0.76 30.15 -4.44
C GLN C 142 0.89 30.48 -5.92
N PHE C 143 1.71 29.72 -6.64
CA PHE C 143 1.94 29.99 -8.05
C PHE C 143 2.37 28.72 -8.77
N ASN C 144 1.94 28.60 -10.02
CA ASN C 144 2.47 27.56 -10.90
C ASN C 144 3.49 28.18 -11.85
N ASP C 145 3.64 27.63 -13.04
CA ASP C 145 4.64 28.15 -13.97
C ASP C 145 4.15 29.36 -14.75
N ASN C 146 2.98 29.92 -14.42
CA ASN C 146 2.47 31.02 -15.23
C ASN C 146 1.80 32.12 -14.41
N ILE C 147 0.92 31.76 -13.47
CA ILE C 147 0.21 32.74 -12.68
C ILE C 147 0.65 32.67 -11.22
N VAL C 148 0.35 33.74 -10.49
CA VAL C 148 0.49 33.80 -9.04
C VAL C 148 -0.88 34.10 -8.46
N VAL C 149 -1.26 33.37 -7.42
CA VAL C 149 -2.48 33.63 -6.67
C VAL C 149 -2.08 34.11 -5.28
N SER C 150 -2.52 35.31 -4.91
CA SER C 150 -2.13 35.94 -3.66
C SER C 150 -3.36 36.30 -2.85
N GLY C 151 -3.32 35.98 -1.55
CA GLY C 151 -4.35 36.37 -0.61
C GLY C 151 -3.88 37.54 0.24
N SER C 152 -4.82 38.38 0.64
CA SER C 152 -4.43 39.66 1.22
C SER C 152 -5.33 40.01 2.40
N ASP C 153 -4.77 40.86 3.27
CA ASP C 153 -5.52 41.49 4.35
C ASP C 153 -6.61 42.43 3.83
N ASP C 154 -6.49 42.92 2.60
CA ASP C 154 -7.54 43.76 2.04
C ASP C 154 -8.79 42.99 1.68
N SER C 155 -8.78 41.67 1.90
CA SER C 155 -9.93 40.77 1.81
C SER C 155 -10.16 40.24 0.40
N THR C 156 -9.22 40.49 -0.51
CA THR C 156 -9.34 40.01 -1.88
C THR C 156 -8.25 38.99 -2.18
N VAL C 157 -8.51 38.16 -3.19
CA VAL C 157 -7.53 37.26 -3.77
C VAL C 157 -7.25 37.74 -5.18
N LYS C 158 -5.97 37.84 -5.53
CA LYS C 158 -5.57 38.36 -6.83
C LYS C 158 -4.84 37.29 -7.63
N VAL C 159 -5.12 37.25 -8.93
CA VAL C 159 -4.40 36.40 -9.88
C VAL C 159 -3.46 37.28 -10.69
N TRP C 160 -2.22 36.84 -10.84
CA TRP C 160 -1.18 37.62 -11.48
C TRP C 160 -0.59 36.86 -12.65
N ASP C 161 0.45 37.45 -13.25
CA ASP C 161 1.20 36.83 -14.34
C ASP C 161 2.64 37.28 -14.20
N ILE C 162 3.58 36.37 -14.49
CA ILE C 162 5.00 36.71 -14.40
C ILE C 162 5.64 36.85 -15.79
N LEU C 168 -4.45 38.77 -15.23
CA LEU C 168 -4.78 39.51 -14.03
C LEU C 168 -6.26 39.35 -13.72
N ARG C 169 -6.57 39.28 -12.44
CA ARG C 169 -7.96 39.16 -11.99
C ARG C 169 -8.00 39.42 -10.49
N THR C 170 -9.13 39.96 -10.04
CA THR C 170 -9.36 40.25 -8.63
C THR C 170 -10.60 39.50 -8.17
N LEU C 171 -10.44 38.69 -7.14
CA LEU C 171 -11.53 37.86 -6.61
C LEU C 171 -12.11 38.57 -5.39
N GLN C 172 -13.24 39.23 -5.56
CA GLN C 172 -13.89 39.99 -4.50
C GLN C 172 -15.14 39.27 -4.01
N GLY C 173 -15.39 39.40 -2.70
CA GLY C 173 -16.55 38.78 -2.08
C GLY C 173 -16.36 38.59 -0.59
N HIS C 174 -15.14 38.21 -0.20
CA HIS C 174 -14.83 38.06 1.21
C HIS C 174 -15.01 39.39 1.94
N GLN C 175 -15.72 39.34 3.06
CA GLN C 175 -15.92 40.53 3.88
C GLN C 175 -14.76 40.81 4.82
N SER C 176 -13.72 39.97 4.82
CA SER C 176 -12.63 40.16 5.75
C SER C 176 -11.36 39.54 5.16
N ALA C 177 -10.26 39.71 5.89
CA ALA C 177 -8.94 39.37 5.37
C ALA C 177 -8.88 37.90 4.94
N VAL C 178 -8.18 37.66 3.84
CA VAL C 178 -7.99 36.32 3.31
C VAL C 178 -6.79 35.70 4.01
N THR C 179 -7.04 34.62 4.75
CA THR C 179 -6.01 33.95 5.53
C THR C 179 -5.46 32.70 4.84
N SER C 180 -6.33 31.89 4.25
CA SER C 180 -5.93 30.64 3.63
C SER C 180 -6.05 30.74 2.12
N LEU C 181 -5.27 29.92 1.41
CA LEU C 181 -5.26 29.97 -0.04
C LEU C 181 -4.69 28.67 -0.60
N GLN C 182 -5.39 28.10 -1.58
CA GLN C 182 -4.87 27.00 -2.36
C GLN C 182 -5.58 26.99 -3.71
N PHE C 183 -4.81 26.81 -4.78
CA PHE C 183 -5.38 26.70 -6.12
C PHE C 183 -4.79 25.47 -6.80
N ASN C 184 -5.68 24.61 -7.30
CA ASN C 184 -5.30 23.44 -8.06
C ASN C 184 -6.08 23.46 -9.36
N ASP C 185 -5.36 23.42 -10.48
CA ASP C 185 -5.89 23.66 -11.82
C ASP C 185 -6.92 24.77 -11.86
N ASN C 186 -8.16 24.44 -12.21
CA ASN C 186 -9.15 25.43 -12.58
C ASN C 186 -9.67 26.25 -11.40
N ILE C 187 -9.48 25.78 -10.17
CA ILE C 187 -10.23 26.27 -9.02
C ILE C 187 -9.29 26.93 -8.02
N VAL C 188 -9.73 28.06 -7.47
CA VAL C 188 -9.11 28.70 -6.32
C VAL C 188 -10.04 28.53 -5.12
N VAL C 189 -9.46 28.15 -3.97
CA VAL C 189 -10.20 28.03 -2.73
C VAL C 189 -9.51 28.87 -1.68
N SER C 190 -10.26 29.76 -1.03
CA SER C 190 -9.69 30.73 -0.10
C SER C 190 -10.47 30.72 1.21
N GLY C 191 -9.74 30.86 2.31
CA GLY C 191 -10.34 30.99 3.62
C GLY C 191 -10.18 32.41 4.13
N SER C 192 -11.07 32.85 5.01
CA SER C 192 -11.11 34.26 5.37
C SER C 192 -11.38 34.44 6.85
N ASP C 193 -11.06 35.63 7.34
CA ASP C 193 -11.41 36.00 8.70
C ASP C 193 -12.90 36.24 8.87
N ASP C 194 -13.66 36.29 7.78
CA ASP C 194 -15.12 36.40 7.85
C ASP C 194 -15.79 35.06 8.15
N SER C 195 -15.01 34.03 8.45
CA SER C 195 -15.43 32.69 8.83
C SER C 195 -15.96 31.85 7.68
N THR C 196 -15.77 32.27 6.43
CA THR C 196 -16.26 31.51 5.28
C THR C 196 -15.12 30.98 4.43
N VAL C 197 -15.43 29.94 3.68
CA VAL C 197 -14.58 29.44 2.61
C VAL C 197 -15.29 29.70 1.29
N LYS C 198 -14.55 30.20 0.30
CA LYS C 198 -15.11 30.48 -1.00
C LYS C 198 -14.39 29.67 -2.07
N VAL C 199 -15.15 29.22 -3.06
CA VAL C 199 -14.66 28.41 -4.17
C VAL C 199 -14.66 29.30 -5.41
N TRP C 200 -13.48 29.58 -5.94
CA TRP C 200 -13.31 30.51 -7.06
C TRP C 200 -12.87 29.77 -8.31
N ASP C 201 -12.98 30.47 -9.44
CA ASP C 201 -12.51 29.96 -10.73
C ASP C 201 -11.67 31.04 -11.39
N ILE C 202 -10.43 30.70 -11.74
CA ILE C 202 -9.48 31.69 -12.23
C ILE C 202 -9.87 32.19 -13.61
N LYS C 203 -10.51 31.35 -14.42
CA LYS C 203 -10.97 31.74 -15.75
C LYS C 203 -11.73 33.06 -15.71
N THR C 204 -12.78 33.09 -14.88
CA THR C 204 -13.74 34.18 -14.88
C THR C 204 -13.67 35.05 -13.64
N GLY C 205 -12.94 34.64 -12.60
CA GLY C 205 -13.02 35.33 -11.34
C GLY C 205 -14.36 35.20 -10.65
N GLN C 206 -15.17 34.22 -11.06
CA GLN C 206 -16.50 34.04 -10.51
C GLN C 206 -16.44 33.20 -9.24
N SER C 207 -17.36 33.48 -8.32
CA SER C 207 -17.51 32.71 -7.10
C SER C 207 -18.42 31.52 -7.37
N LEU C 208 -17.87 30.31 -7.27
CA LEU C 208 -18.67 29.11 -7.46
C LEU C 208 -19.68 28.94 -6.33
N ARG C 209 -19.21 29.01 -5.09
CA ARG C 209 -20.01 28.61 -3.94
C ARG C 209 -19.33 29.14 -2.69
N THR C 210 -20.14 29.56 -1.71
CA THR C 210 -19.64 29.98 -0.41
C THR C 210 -19.95 28.88 0.59
N LEU C 211 -18.91 28.42 1.29
CA LEU C 211 -19.06 27.40 2.32
C LEU C 211 -19.23 28.11 3.67
N GLN C 212 -20.44 28.08 4.19
CA GLN C 212 -20.77 28.74 5.45
C GLN C 212 -21.02 27.70 6.54
N GLY C 213 -20.52 27.98 7.74
CA GLY C 213 -20.66 27.07 8.86
C GLY C 213 -19.73 27.37 10.01
N HIS C 214 -18.48 27.71 9.70
CA HIS C 214 -17.54 28.09 10.73
C HIS C 214 -18.01 29.34 11.46
N GLN C 215 -17.84 29.34 12.78
CA GLN C 215 -18.33 30.44 13.62
C GLN C 215 -17.27 31.50 13.90
N SER C 216 -16.07 31.35 13.34
CA SER C 216 -15.03 32.37 13.46
C SER C 216 -14.02 32.14 12.35
N ALA C 217 -12.92 32.91 12.41
CA ALA C 217 -11.96 32.99 11.31
C ALA C 217 -11.51 31.61 10.84
N VAL C 218 -11.46 31.44 9.52
CA VAL C 218 -10.88 30.25 8.91
C VAL C 218 -9.38 30.47 8.81
N THR C 219 -8.61 29.61 9.48
CA THR C 219 -7.16 29.76 9.56
C THR C 219 -6.40 28.82 8.64
N SER C 220 -7.01 27.75 8.16
CA SER C 220 -6.31 26.72 7.41
C SER C 220 -7.28 26.02 6.48
N LEU C 221 -6.79 25.59 5.33
CA LEU C 221 -7.61 24.79 4.43
C LEU C 221 -6.72 23.96 3.51
N GLN C 222 -7.32 22.91 2.97
CA GLN C 222 -6.70 22.07 1.96
C GLN C 222 -7.83 21.37 1.21
N PHE C 223 -7.57 21.05 -0.06
CA PHE C 223 -8.63 20.44 -0.87
C PHE C 223 -8.01 19.60 -1.97
N ASN C 224 -8.75 18.55 -2.35
CA ASN C 224 -8.50 17.78 -3.55
C ASN C 224 -9.66 18.01 -4.52
N ASP C 225 -9.81 17.12 -5.50
CA ASP C 225 -10.80 17.32 -6.55
C ASP C 225 -12.23 17.20 -6.07
N ASN C 226 -12.46 16.76 -4.83
CA ASN C 226 -13.82 16.53 -4.36
C ASN C 226 -14.12 17.06 -2.96
N ILE C 227 -13.14 17.39 -2.15
CA ILE C 227 -13.34 17.68 -0.73
C ILE C 227 -12.56 18.92 -0.34
N VAL C 228 -13.15 19.76 0.49
CA VAL C 228 -12.46 20.87 1.15
C VAL C 228 -12.45 20.61 2.64
N VAL C 229 -11.27 20.68 3.26
CA VAL C 229 -11.10 20.54 4.69
C VAL C 229 -10.56 21.86 5.23
N SER C 230 -11.29 22.47 6.17
CA SER C 230 -10.96 23.79 6.69
C SER C 230 -10.78 23.75 8.20
N GLY C 231 -9.79 24.48 8.68
CA GLY C 231 -9.52 24.62 10.11
C GLY C 231 -9.89 26.03 10.55
N SER C 232 -10.50 26.14 11.72
CA SER C 232 -11.12 27.39 12.13
C SER C 232 -10.65 27.83 13.51
N ASP C 233 -10.85 29.13 13.78
CA ASP C 233 -10.67 29.69 15.10
C ASP C 233 -11.74 29.24 16.08
N ASP C 234 -12.82 28.60 15.62
CA ASP C 234 -13.89 28.14 16.49
C ASP C 234 -13.63 26.74 17.05
N SER C 235 -12.41 26.24 16.92
CA SER C 235 -11.89 24.98 17.46
C SER C 235 -12.31 23.75 16.64
N THR C 236 -12.95 23.93 15.50
CA THR C 236 -13.45 22.81 14.73
C THR C 236 -12.75 22.69 13.38
N VAL C 237 -12.75 21.48 12.85
CA VAL C 237 -12.35 21.18 11.48
C VAL C 237 -13.59 20.73 10.74
N LYS C 238 -13.83 21.31 9.57
CA LYS C 238 -15.02 20.99 8.78
C LYS C 238 -14.61 20.39 7.45
N VAL C 239 -15.42 19.45 6.98
CA VAL C 239 -15.20 18.73 5.74
C VAL C 239 -16.35 19.06 4.80
N TRP C 240 -16.03 19.69 3.68
CA TRP C 240 -17.03 20.10 2.71
C TRP C 240 -16.85 19.36 1.40
N ASP C 241 -17.95 19.16 0.69
CA ASP C 241 -17.90 18.72 -0.70
C ASP C 241 -17.78 19.96 -1.57
N ILE C 242 -16.69 20.05 -2.33
CA ILE C 242 -16.40 21.21 -3.16
C ILE C 242 -17.40 21.40 -4.29
N LYS C 243 -18.32 20.44 -4.48
CA LYS C 243 -19.32 20.51 -5.56
C LYS C 243 -20.63 21.11 -5.05
N THR C 244 -21.30 20.39 -4.16
CA THR C 244 -22.59 20.80 -3.64
C THR C 244 -22.49 21.86 -2.55
N GLY C 245 -21.29 22.13 -2.04
CA GLY C 245 -21.09 23.12 -1.01
C GLY C 245 -21.61 22.73 0.36
N GLN C 246 -22.30 21.61 0.50
CA GLN C 246 -22.83 21.20 1.79
C GLN C 246 -21.70 20.78 2.72
N SER C 247 -21.86 21.08 4.00
CA SER C 247 -20.98 20.51 5.00
C SER C 247 -21.28 19.03 5.17
N LEU C 248 -20.22 18.23 5.26
CA LEU C 248 -20.37 16.78 5.40
C LEU C 248 -20.24 16.33 6.85
N ARG C 249 -19.21 16.82 7.55
CA ARG C 249 -19.06 16.51 8.97
C ARG C 249 -18.25 17.62 9.63
N THR C 250 -18.37 17.67 10.96
CA THR C 250 -17.61 18.58 11.79
C THR C 250 -16.78 17.75 12.77
N LEU C 251 -15.47 17.97 12.78
CA LEU C 251 -14.58 17.29 13.70
C LEU C 251 -14.47 18.12 14.97
N GLN C 252 -15.12 17.64 16.04
CA GLN C 252 -15.12 18.31 17.33
C GLN C 252 -14.20 17.58 18.29
N GLY C 253 -13.39 18.34 19.02
CA GLY C 253 -12.48 17.76 19.98
C GLY C 253 -11.48 18.75 20.51
N HIS C 254 -10.98 19.61 19.63
CA HIS C 254 -10.04 20.65 20.05
C HIS C 254 -10.75 21.65 20.95
N GLN C 255 -10.02 22.17 21.94
CA GLN C 255 -10.56 23.13 22.89
C GLN C 255 -10.20 24.57 22.56
N SER C 256 -9.50 24.80 21.44
CA SER C 256 -9.14 26.15 21.03
C SER C 256 -8.87 26.14 19.52
N ALA C 257 -8.42 27.27 19.01
CA ALA C 257 -8.33 27.49 17.56
C ALA C 257 -7.46 26.44 16.88
N VAL C 258 -7.88 26.01 15.69
CA VAL C 258 -7.11 25.10 14.86
C VAL C 258 -6.12 25.92 14.05
N THR C 259 -4.83 25.62 14.21
CA THR C 259 -3.75 26.39 13.59
C THR C 259 -3.31 25.79 12.26
N SER C 260 -2.97 24.50 12.26
CA SER C 260 -2.39 23.84 11.10
C SER C 260 -3.28 22.69 10.67
N LEU C 261 -3.14 22.29 9.41
CA LEU C 261 -4.03 21.29 8.84
C LEU C 261 -3.34 20.59 7.67
N GLN C 262 -3.59 19.29 7.55
CA GLN C 262 -3.14 18.50 6.41
C GLN C 262 -3.92 17.20 6.40
N PHE C 263 -4.33 16.78 5.20
CA PHE C 263 -4.99 15.50 5.03
C PHE C 263 -4.43 14.80 3.80
N ASN C 264 -4.22 13.48 3.90
CA ASN C 264 -3.62 12.71 2.83
C ASN C 264 -4.69 11.77 2.28
N ASP C 265 -4.68 10.49 2.64
CA ASP C 265 -5.68 9.57 2.13
C ASP C 265 -6.89 9.53 3.05
N ASN C 266 -6.86 8.65 4.05
CA ASN C 266 -8.00 8.42 4.92
C ASN C 266 -7.97 9.22 6.22
N ILE C 267 -6.95 10.05 6.43
CA ILE C 267 -6.79 10.72 7.71
C ILE C 267 -6.53 12.21 7.51
N VAL C 268 -6.92 12.99 8.52
CA VAL C 268 -6.59 14.41 8.61
C VAL C 268 -5.96 14.65 9.97
N VAL C 269 -4.89 15.43 10.00
CA VAL C 269 -4.15 15.74 11.22
C VAL C 269 -4.27 17.22 11.48
N SER C 270 -4.68 17.58 12.69
CA SER C 270 -4.93 18.97 13.06
C SER C 270 -4.00 19.40 14.18
N GLY C 271 -3.56 20.65 14.11
CA GLY C 271 -2.83 21.28 15.20
C GLY C 271 -3.64 22.44 15.74
N SER C 272 -3.52 22.67 17.05
CA SER C 272 -4.41 23.63 17.69
C SER C 272 -3.67 24.45 18.74
N ASP C 273 -4.31 25.56 19.13
CA ASP C 273 -3.83 26.41 20.20
C ASP C 273 -3.90 25.74 21.57
N ASP C 274 -4.64 24.65 21.70
CA ASP C 274 -4.75 23.94 22.97
C ASP C 274 -3.54 23.05 23.27
N SER C 275 -2.46 23.21 22.49
CA SER C 275 -1.19 22.51 22.61
C SER C 275 -1.24 21.06 22.13
N THR C 276 -2.34 20.63 21.52
CA THR C 276 -2.47 19.24 21.12
C THR C 276 -2.54 19.11 19.61
N VAL C 277 -2.19 17.92 19.13
CA VAL C 277 -2.36 17.51 17.74
C VAL C 277 -3.31 16.32 17.73
N LYS C 278 -4.32 16.38 16.87
CA LYS C 278 -5.33 15.33 16.80
C LYS C 278 -5.33 14.70 15.41
N VAL C 279 -5.56 13.39 15.38
CA VAL C 279 -5.60 12.61 14.14
C VAL C 279 -7.00 12.08 13.97
N TRP C 280 -7.61 12.36 12.81
CA TRP C 280 -9.00 12.00 12.55
C TRP C 280 -9.11 11.19 11.27
N ASP C 281 -10.14 10.35 11.21
CA ASP C 281 -10.58 9.74 9.96
C ASP C 281 -11.75 10.56 9.43
N ILE C 282 -11.69 10.91 8.13
CA ILE C 282 -12.67 11.82 7.55
C ILE C 282 -13.98 11.13 7.17
N LYS C 283 -14.09 9.82 7.36
CA LYS C 283 -15.38 9.16 7.16
C LYS C 283 -16.18 9.12 8.46
N THR C 284 -15.65 8.43 9.47
CA THR C 284 -16.31 8.41 10.76
C THR C 284 -16.38 9.80 11.38
N GLY C 285 -15.38 10.63 11.11
CA GLY C 285 -15.23 11.88 11.81
C GLY C 285 -14.71 11.74 13.23
N GLN C 286 -14.32 10.55 13.65
CA GLN C 286 -13.86 10.32 15.00
C GLN C 286 -12.43 10.80 15.19
N SER C 287 -12.06 11.02 16.44
CA SER C 287 -10.69 11.35 16.81
C SER C 287 -9.92 10.05 17.02
N LEU C 288 -9.13 9.66 16.01
CA LEU C 288 -8.37 8.42 16.13
C LEU C 288 -7.37 8.49 17.28
N ARG C 289 -6.67 9.61 17.42
CA ARG C 289 -5.62 9.72 18.42
C ARG C 289 -5.41 11.19 18.77
N THR C 290 -5.07 11.42 20.03
CA THR C 290 -4.69 12.74 20.52
C THR C 290 -3.23 12.70 20.92
N LEU C 291 -2.40 13.50 20.25
CA LEU C 291 -0.98 13.57 20.54
C LEU C 291 -0.74 14.70 21.53
N GLN C 292 -0.34 14.35 22.74
CA GLN C 292 -0.11 15.31 23.81
C GLN C 292 1.35 15.31 24.20
N GLY C 293 1.88 16.48 24.52
CA GLY C 293 3.28 16.64 24.88
C GLY C 293 3.73 18.08 24.80
N HIS C 294 3.25 18.80 23.79
CA HIS C 294 3.59 20.21 23.64
C HIS C 294 3.04 21.01 24.82
N GLN C 295 3.81 21.98 25.27
CA GLN C 295 3.44 22.82 26.40
C GLN C 295 2.83 24.15 25.98
N SER C 296 2.64 24.37 24.68
CA SER C 296 2.02 25.59 24.19
C SER C 296 1.45 25.31 22.81
N ALA C 297 0.93 26.37 22.18
CA ALA C 297 0.18 26.22 20.92
C ALA C 297 1.03 25.55 19.85
N VAL C 298 0.41 24.61 19.14
CA VAL C 298 1.03 23.99 17.97
C VAL C 298 0.84 24.91 16.78
N THR C 299 1.94 25.38 16.21
CA THR C 299 1.91 26.39 15.15
C THR C 299 1.96 25.78 13.75
N SER C 300 2.77 24.75 13.53
CA SER C 300 2.95 24.17 12.22
C SER C 300 2.92 22.65 12.33
N LEU C 301 2.76 21.99 11.18
CA LEU C 301 2.47 20.57 11.20
C LEU C 301 2.66 19.98 9.81
N GLN C 302 3.22 18.77 9.76
CA GLN C 302 3.38 18.05 8.51
C GLN C 302 3.50 16.56 8.83
N PHE C 303 2.91 15.72 7.98
CA PHE C 303 2.93 14.29 8.26
C PHE C 303 2.98 13.50 6.96
N ASN C 304 3.59 12.32 7.05
CA ASN C 304 3.51 11.33 5.98
C ASN C 304 2.77 10.09 6.48
N ASP C 305 3.00 8.94 5.86
CA ASP C 305 2.25 7.74 6.21
C ASP C 305 2.58 7.21 7.60
N ASN C 306 3.70 7.63 8.18
CA ASN C 306 4.15 7.07 9.46
C ASN C 306 4.53 8.10 10.51
N ILE C 307 4.87 9.34 10.13
CA ILE C 307 5.45 10.32 11.04
C ILE C 307 4.59 11.57 11.04
N VAL C 308 4.42 12.17 12.22
CA VAL C 308 3.88 13.51 12.36
C VAL C 308 4.98 14.38 12.96
N VAL C 309 5.30 15.49 12.28
CA VAL C 309 6.23 16.48 12.79
C VAL C 309 5.44 17.76 13.09
N SER C 310 5.52 18.23 14.33
CA SER C 310 4.76 19.40 14.76
C SER C 310 5.69 20.41 15.41
N GLY C 311 5.49 21.69 15.07
CA GLY C 311 6.21 22.79 15.68
C GLY C 311 5.29 23.55 16.62
N SER C 312 5.86 24.08 17.70
CA SER C 312 5.05 24.62 18.78
C SER C 312 5.57 25.97 19.25
N ASP C 313 4.69 26.70 19.94
CA ASP C 313 5.07 27.93 20.61
C ASP C 313 6.00 27.67 21.80
N ASP C 314 6.11 26.43 22.24
CA ASP C 314 7.01 26.10 23.35
C ASP C 314 8.46 25.98 22.90
N SER C 315 8.76 26.30 21.64
CA SER C 315 10.07 26.38 21.02
C SER C 315 10.63 25.01 20.62
N THR C 316 9.82 23.95 20.64
CA THR C 316 10.30 22.61 20.31
C THR C 316 9.63 22.10 19.05
N VAL C 317 10.31 21.19 18.37
CA VAL C 317 9.74 20.36 17.32
C VAL C 317 9.61 18.95 17.87
N LYS C 318 8.49 18.30 17.58
CA LYS C 318 8.23 16.96 18.10
C LYS C 318 7.91 16.01 16.94
N VAL C 319 8.46 14.80 17.04
CA VAL C 319 8.23 13.74 16.06
C VAL C 319 7.29 12.73 16.71
N TRP C 320 6.18 12.46 16.03
CA TRP C 320 5.14 11.59 16.59
C TRP C 320 4.98 10.34 15.73
N ASP C 321 4.77 9.21 16.38
CA ASP C 321 4.35 7.99 15.70
C ASP C 321 2.86 8.11 15.40
N ILE C 322 2.52 8.20 14.11
CA ILE C 322 1.13 8.39 13.69
C ILE C 322 0.23 7.22 14.06
N LYS C 323 0.80 6.08 14.47
CA LYS C 323 0.00 4.93 14.85
C LYS C 323 -0.37 4.91 16.31
N THR C 324 0.42 5.55 17.17
CA THR C 324 0.13 5.62 18.60
C THR C 324 0.08 7.07 19.08
O1 SIW D . -18.60 7.53 -23.06
O1 SIW D . -15.33 4.26 -25.27
O10 SIW D . -19.78 10.18 -23.79
O10 SIW D . -13.81 6.27 -23.62
O11 SIW D . -16.88 6.33 -21.37
O11 SIW D . -15.01 2.06 -26.80
O12 SIW D . -14.79 9.39 -24.61
O12 SIW D . -13.14 6.43 -28.78
O13 SIW D . -20.22 2.67 -23.03
O13 SIW D . -19.95 1.94 -25.06
O14 SIW D . -23.11 6.51 -25.20
O14 SIW D . -18.66 5.95 -21.79
O15 SIW D . -18.86 4.88 -22.71
O15 SIW D . -17.48 2.67 -25.65
O16 SIW D . -21.31 7.47 -27.20
O16 SIW D . -18.11 8.00 -23.67
O17 SIW D . -16.15 4.69 -23.57
O17 SIW D . -17.10 3.14 -28.43
O18 SIW D . -16.15 8.82 -27.21
O18 SIW D . -15.28 8.26 -28.14
O1E SIW D . -17.53 4.27 -29.70
O1E SIW D . -20.51 8.47 -28.65
O2 SIW D . -20.85 5.14 -24.21
O2 SIW D . -18.60 4.21 -24.04
O20 SIW D . -14.62 6.87 -25.91
O20 SIW D . -15.72 6.08 -29.83
O21 SIW D . -19.35 7.02 -26.04
O21 SIW D . -17.29 6.64 -25.36
O22 SIW D . -17.98 5.14 -24.97
O22 SIW D . -17.95 4.70 -26.91
O23 SIW D . -18.05 2.89 -24.34
O23 SIW D . -19.58 3.10 -27.32
O2E SIW D . -15.26 6.66 -28.61
O2E SIW D . -17.33 8.39 -29.95
O3 SIW D . -20.94 7.84 -24.30
O3 SIW D . -16.39 5.66 -23.27
O3E SIW D . -17.45 6.89 -30.27
O3E SIW D . -18.62 10.16 -28.14
O4 SIW D . -16.84 6.71 -26.60
O4 SIW D . -16.94 6.78 -27.93
O5 SIW D . -15.27 2.36 -24.12
O5 SIW D . -19.07 2.47 -30.01
O6 SIW D . -20.90 9.66 -28.74
O6 SIW D . -16.80 10.38 -23.84
O7 SIW D . -19.65 9.42 -26.20
O7 SIW D . -15.45 7.98 -24.46
O7E SIW D . -20.14 7.04 -29.49
O7E SIW D . -19.07 9.72 -25.37
O8 SIW D . -17.47 9.27 -25.02
O8 SIW D . -14.34 6.71 -26.32
O8E SIW D . -20.29 4.64 -29.08
O8E SIW D . -20.92 8.21 -25.81
O9 SIW D . -16.03 7.19 -23.81
O9 SIW D . -15.02 4.52 -27.93
O9E SIW D . -18.69 2.75 -27.81
O9E SIW D . -21.38 6.14 -27.59
W1 SIW D . -15.81 8.37 -25.33
W1 SIW D . -14.66 6.41 -28.21
W1E SIW D . -20.43 3.56 -27.49
W1E SIW D . -21.21 6.31 -25.65
W2 SIW D . -19.22 8.71 -24.51
W2 SIW D . -15.17 6.15 -24.70
W2E SIW D . -18.92 5.68 -29.85
W2E SIW D . -19.92 9.34 -26.97
W3 SIW D . -17.28 6.20 -22.97
W3 SIW D . -15.96 3.42 -26.83
W3E SIW D . -16.98 3.16 -28.28
W3E SIW D . -20.63 6.67 -29.17
W4 SIW D . -21.52 6.32 -25.62
W4 SIW D . -18.45 6.08 -23.44
W4E SIW D . -16.60 8.11 -28.79
W4E SIW D . -16.72 9.31 -28.33
W5 SIW D . -19.58 3.81 -24.08
W5 SIW D . -19.24 3.38 -25.56
W5E SIW D . -14.67 5.56 -27.22
W5E SIW D . -17.38 6.62 -30.45
W6 SIW D . -16.17 3.44 -24.85
W6 SIW D . -18.69 3.68 -29.06
W7 SIW D . -19.99 8.45 -27.99
W7 SIW D . -17.18 9.07 -24.82
O10E SIW D . -19.48 5.67 -31.50
O10E SIW D . -20.83 10.81 -26.80
O11E SIW D . -16.51 1.84 -29.15
O11E SIW D . -21.94 6.78 -30.18
O12E SIW D . -21.43 2.41 -28.01
O12E SIW D . -22.75 6.28 -25.15
O13E SIW D . -13.02 5.35 -27.45
O13E SIW D . -17.06 6.55 -32.09
O14E SIW D . -15.94 9.12 -29.93
O14E SIW D . -16.12 10.68 -29.03
O15E SIW D . -15.17 4.15 -28.37
O15E SIW D . -19.21 7.02 -30.64
O16E SIW D . -18.29 8.99 -28.38
O16E SIW D . -16.37 9.50 -26.40
O17E SIW D . -16.54 2.67 -26.41
O17E SIW D . -20.12 4.74 -29.29
O18E SIW D . -21.49 5.05 -26.86
O18E SIW D . -20.05 6.53 -24.09
O19E SIW D . -18.59 5.00 -27.39
O19E SIW D . -19.31 6.80 -26.92
O20E SIW D . -19.99 2.96 -25.67
O20E SIW D . -20.76 4.39 -25.81
O23E SIW D . -14.72 4.55 -25.72
O23E SIW D . -17.61 4.84 -30.31
SI1 SIW D . -18.10 5.97 -26.42
SI1 SIW D . -17.91 6.37 -26.91
O1 SIW E . -8.07 -14.52 -25.32
O1 SIW E . -9.29 -20.38 -26.02
O10 SIW E . -5.93 -12.42 -25.55
O10 SIW E . -11.51 -19.70 -27.88
O11 SIW E . -9.94 -15.48 -23.63
O11 SIW E . -8.77 -21.47 -23.61
O12 SIW E . -5.12 -16.40 -22.21
O12 SIW E . -11.24 -17.00 -23.52
O13 SIW E . -11.49 -16.85 -28.41
O13 SIW E . -4.38 -21.96 -26.39
O14 SIW E . -7.68 -13.65 -30.37
O14 SIW E . -7.17 -20.40 -30.68
O15 SIW E . -10.11 -15.98 -26.36
O15 SIW E . -6.78 -21.30 -25.56
O16 SIW E . -5.36 -15.00 -29.40
O16 SIW E . -7.81 -17.75 -29.93
O17 SIW E . -9.25 -18.08 -24.63
O17 SIW E . -6.74 -19.45 -23.37
O18 SIW E . -3.90 -17.08 -24.73
O18 SIW E . -9.81 -15.52 -25.57
O1E SIW E . -5.06 -20.55 -28.69
O1E SIW E . -4.70 -14.55 -26.70
O2 SIW E . -9.08 -15.38 -28.56
O2 SIW E . -6.35 -20.71 -27.97
O20 SIW E . -6.00 -18.66 -23.70
O20 SIW E . -8.49 -16.40 -23.25
O21 SIW E . -6.25 -15.78 -27.47
O21 SIW E . -7.95 -18.10 -27.65
O22 SIW E . -8.13 -17.39 -26.57
O22 SIW E . -6.58 -18.88 -25.62
O23 SIW E . -10.04 -18.56 -27.17
O23 SIW E . -4.57 -19.84 -24.96
O2E SIW E . -4.13 -19.72 -25.40
O2E SIW E . -7.58 -14.22 -24.75
O3 SIW E . -7.20 -13.54 -27.65
O3 SIW E . -8.93 -20.14 -28.61
O3E SIW E . -3.02 -19.09 -27.87
O3E SIW E . -7.05 -13.57 -27.42
O4 SIW E . -5.74 -17.69 -25.85
O4 SIW E . -7.86 -16.68 -25.49
O5 SIW E . -10.24 -20.44 -25.09
O5 SIW E . -4.43 -19.01 -22.27
O6 SIW E . -2.72 -14.56 -28.92
O6 SIW E . -9.63 -15.82 -30.59
O7 SIW E . -4.62 -14.15 -26.85
O7 SIW E . -10.19 -17.66 -28.52
O7E SIW E . -3.84 -17.06 -29.64
O7E SIW E . -7.02 -15.32 -29.62
O8 SIW E . -5.38 -14.98 -24.58
O8 SIW E . -10.63 -17.88 -26.04
O8E SIW E . -5.69 -18.40 -30.50
O8E SIW E . -4.78 -16.17 -29.06
O9 SIW E . -7.47 -16.58 -23.68
O9 SIW E . -9.14 -18.80 -23.87
O9E SIW E . -7.61 -19.97 -29.27
O9E SIW E . -3.50 -16.96 -26.71
W1 SIW E . -5.55 -16.73 -23.74
W1 SIW E . -9.90 -17.12 -24.44
W1E SIW E . -7.59 -18.29 -30.26
W1E SIW E . -4.08 -17.81 -28.35
W2 SIW E . -6.27 -14.06 -26.00
W2 SIW E . -9.98 -19.09 -27.34
W2E SIW E . -4.28 -18.86 -29.35
W2E SIW E . -5.79 -14.74 -28.35
W3 SIW E . -8.87 -16.12 -24.72
W3 SIW E . -8.19 -20.21 -24.51
W3E SIW E . -6.75 -20.95 -27.98
W3E SIW E . -4.04 -15.78 -25.43
W4 SIW E . -7.32 -14.87 -29.30
W4 SIW E . -7.07 -19.46 -29.31
W4E SIW E . -3.25 -18.07 -26.04
W4E SIW E . -8.69 -14.38 -26.36
W5 SIW E . -9.88 -16.95 -27.96
W5 SIW E . -5.30 -20.56 -26.46
W5E SIW E . -5.81 -20.19 -24.78
W5E SIW E . -6.94 -15.43 -23.49
W6 SIW E . -9.07 -19.53 -25.66
W6 SIW E . -5.23 -18.52 -23.55
W7 SIW E . -3.99 -15.49 -28.31
W7 SIW E . -8.76 -16.35 -29.25
O10E SIW E . -3.07 -19.27 -30.53
O10E SIW E . -5.33 -13.46 -29.44
O11E SIW E . -6.92 -22.49 -28.53
O11E SIW E . -2.65 -15.00 -25.01
O12E SIW E . -8.09 -18.74 -31.74
O12E SIW E . -2.72 -17.95 -29.22
O13E SIW E . -6.81 -19.86 -26.04
O13E SIW E . -6.90 -14.61 -22.02
O14E SIW E . -1.66 -18.30 -25.65
O14E SIW E . -9.49 -12.93 -26.39
O15E SIW E . -5.78 -21.45 -26.19
O15E SIW E . -5.25 -14.81 -24.05
O16E SIW E . -3.20 -16.30 -26.90
O16E SIW E . -9.42 -15.27 -27.95
O17E SIW E . -8.44 -20.62 -26.95
O17E SIW E . -4.06 -17.39 -24.26
O18E SIW E . -7.25 -16.35 -30.29
O18E SIW E . -5.54 -18.57 -29.44
O19E SIW E . -6.46 -18.21 -28.23
O19E SIW E . -5.77 -16.95 -27.00
O20E SIW E . -9.29 -18.06 -29.30
O20E SIW E . -4.03 -19.42 -27.19
O23E SIW E . -7.58 -20.10 -24.39
O23E SIW E . -6.30 -16.97 -22.80
SI1 SIW E . -6.52 -17.36 -27.05
SI1 SIW E . -7.01 -17.46 -26.41
O1 SIW F . -12.58 -4.13 -35.54
O10 SIW F . -13.79 -1.67 -36.86
O11 SIW F . -10.47 -5.13 -34.17
O12 SIW F . -9.55 -3.98 -39.07
O13 SIW F . -14.49 -8.09 -32.91
O14 SIW F . -17.73 -4.70 -35.62
O15 SIW F . -12.96 -6.35 -34.03
O16 SIW F . -16.60 -5.10 -38.17
O17 SIW F . -10.93 -7.55 -35.63
O18 SIW F . -11.93 -4.93 -40.39
O1E SIW F . -14.68 -9.62 -40.27
O2 SIW F . -15.36 -6.11 -34.72
O20 SIW F . -10.27 -6.73 -38.94
O21 SIW F . -14.49 -5.43 -37.61
O22 SIW F . -13.07 -7.12 -36.36
O23 SIW F . -13.15 -8.93 -34.90
O2E SIW F . -11.90 -7.61 -41.04
O3 SIW F . -15.19 -3.70 -35.97
O3E SIW F . -14.50 -7.40 -41.80
O4 SIW F . -12.53 -6.50 -38.80
O5 SIW F . -10.68 -10.16 -35.45
O6 SIW F . -16.75 -3.72 -40.48
O7 SIW F . -14.65 -3.23 -38.60
O7E SIW F . -16.60 -6.36 -40.37
O8 SIW F . -12.14 -3.47 -38.26
O8E SIW F . -16.86 -8.34 -38.93
O9 SIW F . -10.59 -5.34 -36.88
O9E SIW F . -15.14 -10.11 -37.63
W1 SIW F . -10.87 -4.85 -38.74
W1E SIW F . -16.48 -8.82 -37.08
W2 SIW F . -13.61 -3.40 -37.06
W2E SIW F . -15.81 -8.01 -40.49
W3 SIW F . -11.51 -5.67 -35.34
W3E SIW F . -13.74 -10.28 -38.78
W4 SIW F . -16.36 -5.40 -36.25
W4E SIW F . -12.98 -5.99 -41.36
W5 SIW F . -14.30 -7.60 -34.50
W5E SIW F . -10.98 -8.29 -39.59
W6 SIW F . -11.60 -9.11 -36.19
W7 SIW F . -15.65 -4.68 -39.68
O10E SIW F . -16.98 -8.30 -41.74
O11E SIW F . -13.81 -11.88 -39.17
O12E SIW F . -17.76 -9.75 -36.74
O13E SIW F . -9.59 -8.96 -40.25
O14E SIW F . -12.74 -5.60 -42.95
O15E SIW F . -12.05 -9.83 -39.88
O16E SIW F . -14.24 -4.62 -40.78
O17E SIW F . -12.68 -10.22 -37.10
O18E SIW F . -16.99 -6.98 -36.72
O19E SIW F . -14.64 -7.89 -38.19
O20E SIW F . -15.39 -8.79 -35.42
O23E SIW F . -10.55 -8.77 -37.90
SI1 SIW F . -13.65 -6.84 -37.91
O1 SIW G . -23.67 -8.04 -43.05
O10 SIW G . -26.13 -6.58 -43.99
O11 SIW G . -21.73 -8.00 -41.19
O12 SIW G . -21.54 -4.23 -44.65
O13 SIW G . -22.15 -12.96 -42.77
O14 SIW G . -26.58 -11.56 -45.39
O15 SIW G . -22.37 -10.35 -42.54
O16 SIW G . -25.50 -9.76 -47.30
O17 SIW G . -20.00 -8.95 -43.27
O18 SIW G . -22.16 -5.64 -47.09
O1E SIW G . -20.41 -10.14 -49.44
O2 SIW G . -24.02 -11.35 -44.14
O20 SIW G . -19.86 -6.29 -45.62
O21 SIW G . -23.77 -8.94 -46.01
O22 SIW G . -21.64 -9.68 -44.76
O23 SIW G . -20.43 -11.53 -44.01
O2E SIW G . -20.05 -6.83 -48.34
O3 SIW G . -25.67 -9.17 -44.43
O3E SIW G . -21.86 -7.98 -50.12
O4 SIW G . -21.52 -7.73 -46.41
O5 SIW G . -17.87 -10.39 -43.68
O6 SIW G . -26.36 -7.76 -48.94
O7 SIW G . -25.42 -7.16 -46.32
O7E SIW G . -24.16 -9.46 -49.48
O8 SIW G . -23.62 -5.99 -45.03
O8E SIW G . -22.84 -11.49 -48.96
O9 SIW G . -21.35 -6.81 -43.61
O9E SIW G . -20.57 -12.06 -47.53
W1 SIW G . -21.72 -5.75 -45.18
W1E SIW G . -22.46 -12.44 -47.32
W2 SIW G . -24.76 -7.45 -44.60
W2E SIW G . -22.35 -9.83 -49.71
W3 SIW G . -21.85 -8.37 -42.79
W3E SIW G . -19.42 -10.70 -47.94
W4 SIW G . -25.14 -10.78 -45.66
W4E SIW G . -21.97 -6.48 -48.65
W5 SIW G . -22.23 -11.69 -43.86
W5E SIW G . -19.05 -7.38 -46.87
W6 SIW G . -19.19 -9.99 -44.48
W7 SIW G . -24.98 -8.19 -48.07
O10E SIW G . -22.70 -10.18 -51.38
O11E SIW G . -18.20 -11.49 -48.72
O12E SIW G . -22.58 -13.97 -47.83
O13E SIW G . -17.58 -6.59 -47.01
O14E SIW G . -21.96 -5.27 -49.80
O15E SIW G . -18.56 -8.82 -47.99
O16E SIW G . -23.89 -6.77 -48.37
O17E SIW G . -18.92 -10.85 -46.02
O18E SIW G . -24.25 -11.83 -46.79
O19E SIW G . -21.86 -10.17 -47.19
O20E SIW G . -21.92 -12.63 -45.43
O23E SIW G . -18.62 -8.24 -45.34
SI1 SIW G . -22.10 -9.08 -46.25
O1 SIW H . -4.70 0.03 13.70
O10 SIW H . -7.51 0.99 13.27
O11 SIW H . -2.39 0.68 14.90
O12 SIW H . -3.68 3.65 10.95
O13 SIW H . -2.36 -4.51 14.33
O14 SIW H . -7.47 -4.20 12.88
O15 SIW H . -2.95 -1.95 14.19
O16 SIW H . -7.24 -2.70 10.48
O17 SIW H . -1.11 -0.46 12.60
O18 SIW H . -4.68 1.72 9.05
O1E SIW H . -2.88 -2.95 7.07
O2 SIW H . -4.77 -3.44 13.31
O20 SIW H . -2.01 1.64 9.88
O21 SIW H . -5.40 -1.45 11.08
O22 SIW H . -2.94 -1.67 11.78
O23 SIW H . -1.29 -3.17 12.43
O2E SIW H . -2.80 0.55 7.45
O3 SIW H . -6.75 -1.57 13.15
O3E SIW H . -4.77 -1.13 6.49
O4 SIW H . -3.56 -0.11 9.86
O5 SIW H . 1.04 -1.71 11.83
O6 SIW H . -8.77 -1.17 8.82
O7 SIW H . -7.33 0.03 10.96
O7E SIW H . -6.55 -2.69 7.99
O8 SIW H . -5.48 1.63 11.47
O8E SIW H . -4.89 -4.41 8.46
O9 SIW H . -2.83 1.38 12.31
O9E SIW H . -2.25 -4.43 9.24
W1 SIW H . -3.74 2.05 10.74
W1E SIW H . -3.92 -4.96 10.04
W2 SIW H . -6.22 0.17 12.44
W2E SIW H . -4.85 -2.90 7.31
W3 SIW H . -2.84 -0.01 13.48
W3E SIW H . -1.46 -3.08 8.30
W4 SIW H . -6.31 -3.32 12.09
W4E SIW H . -4.76 0.62 7.65
W5 SIW H . -2.93 -3.51 13.11
W5E SIW H . -1.38 0.41 8.64
W6 SIW H . -0.48 -1.63 11.39
W7 SIW H . -7.18 -1.27 9.35
O10E SIW H . -5.55 -3.60 5.89
O11E SIW H . -0.36 -3.87 7.36
O12E SIW H . -3.95 -6.57 9.85
O13E SIW H . -0.13 1.32 7.97
O14E SIW H . -5.25 1.55 6.37
O15E SIW H . -0.96 -1.17 7.69
O16E SIW H . -6.45 0.18 8.53
O17E SIW H . -0.47 -2.76 10.00
O18E SIW H . -5.60 -4.47 10.92
O19E SIW H . -3.69 -2.67 9.62
O20E SIW H . -2.89 -4.71 11.71
O23E SIW H . -0.44 -0.04 10.11
SI1 SIW H . -3.86 -1.45 10.39
O1 SIW I . -7.21 -1.03 22.81
O10 SIW I . -9.86 0.09 21.94
O11 SIW I . -4.83 -0.32 23.89
O12 SIW I . -5.66 1.42 19.17
O13 SIW I . -5.53 -5.40 24.97
O14 SIW I . -10.54 -4.92 23.13
O15 SIW I . -5.76 -2.96 24.01
O16 SIW I . -10.01 -4.29 20.42
O17 SIW I . -3.69 -2.29 22.16
O18 SIW I . -6.85 -0.87 17.87
O1E SIW I . -5.64 -6.11 17.55
O2 SIW I . -7.74 -4.42 23.50
O20 SIW I . -4.23 -1.00 18.89
O21 SIW I . -8.04 -3.16 20.73
O22 SIW I . -5.64 -3.44 21.63
O23 SIW I . -4.23 -4.86 22.83
O2E SIW I . -5.10 -2.70 16.86
O3 SIW I . -9.46 -2.46 22.64
O3E SIW I . -7.25 -4.35 16.31
O4 SIW I . -6.01 -2.48 19.29
O5 SIW I . -1.70 -3.95 21.96
O6 SIW I . -11.30 -3.17 18.30
O7 SIW I . -9.76 -1.56 20.04
O7E SIW I . -9.28 -5.13 18.10
O8 SIW I . -7.72 -0.11 20.16
O8E SIW I . -7.87 -6.82 19.18
O9 SIW I . -5.15 -0.42 21.21
O9E SIW I . -5.26 -6.92 20.10
W1 SIW I . -5.93 -0.15 19.46
W1E SIW I . -7.02 -6.96 20.91
W2 SIW I . -8.67 -1.11 21.48
W2E SIW I . -7.59 -5.76 17.63
W3 SIW I . -5.36 -1.38 22.74
W3E SIW I . -4.28 -6.02 18.85
W4 SIW I . -9.22 -4.50 22.20
W4E SIW I . -7.03 -2.34 16.89
W5 SIW I . -5.93 -4.77 23.47
W5E SIW I . -3.75 -2.62 18.12
W6 SIW I . -3.19 -3.83 21.41
W7 SIW I . -9.74 -3.30 18.92
O10E SIW I . -8.35 -6.78 16.44
O11E SIW I . -3.29 -7.18 18.25
O12E SIW I . -7.23 -8.54 21.21
O13E SIW I . -2.38 -2.13 17.30
O14E SIW I . -7.36 -1.80 15.36
O15E SIW I . -3.52 -4.46 17.73
O16E SIW I . -8.80 -2.27 17.74
O17E SIW I . -3.31 -5.33 20.44
O18E SIW I . -8.65 -6.03 21.49
O19E SIW I . -6.47 -4.97 19.83
O20E SIW I . -6.01 -6.33 22.50
O23E SIW I . -2.90 -2.73 19.73
SI1 SIW I . -6.49 -3.55 20.18
O1 SIW J . -28.33 22.76 -8.81
O10 SIW J . -29.50 25.49 -8.43
O11 SIW J . -27.00 20.79 -7.51
O12 SIW J . -24.32 25.08 -8.31
O13 SIW J . -29.52 18.52 -11.49
O14 SIW J . -32.09 23.16 -12.26
O15 SIW J . -28.46 20.27 -9.83
O16 SIW J . -29.92 24.81 -12.99
O17 SIW J . -25.62 20.38 -9.99
O18 SIW J . -25.08 25.75 -11.01
O1E SIW J . -25.40 23.08 -15.67
O2 SIW J . -30.06 21.30 -11.48
O20 SIW J . -23.73 23.34 -10.45
O21 SIW J . -28.29 23.78 -11.73
O22 SIW J . -27.08 21.52 -11.39
O23 SIW J . -27.12 19.26 -11.95
O2E SIW J . -23.65 24.53 -12.97
O3 SIW J . -30.32 23.76 -10.28
O3E SIW J . -25.40 25.62 -14.84
O4 SIW J . -25.71 23.65 -11.69
O5 SIW J . -24.45 18.53 -11.43
O6 SIW J . -29.33 27.47 -13.12
O7 SIW J . -28.75 25.99 -10.77
O7E SIW J . -28.21 25.50 -14.81
O8 SIW J . -26.89 25.16 -9.31
O8E SIW J . -28.24 23.19 -15.65
O9 SIW J . -25.64 22.69 -8.90
O9E SIW J . -26.85 20.87 -15.14
W1 SIW J . -25.12 24.43 -9.56
W1E SIW J . -28.68 21.48 -14.90
W2 SIW J . -28.66 24.53 -9.61
W2E SIW J . -26.82 24.44 -15.46
W3 SIW J . -26.98 21.46 -9.02
W3E SIW J . -25.13 21.40 -14.87
W4 SIW J . -30.43 23.07 -12.26
W4E SIW J . -25.03 25.92 -12.79
W5 SIW J . -28.75 20.00 -11.68
W5E SIW J . -23.35 22.88 -12.20
W6 SIW J . -25.22 19.91 -11.67
W7 SIW J . -28.54 26.00 -12.84
O10E SIW J . -26.96 25.28 -16.98
O11E SIW J . -24.30 20.67 -16.11
O12E SIW J . -29.44 20.78 -16.15
O13E SIW J . -21.68 22.73 -12.09
O14E SIW J . -24.21 27.33 -13.07
O15E SIW J . -23.47 22.27 -13.99
O16E SIW J . -26.85 26.56 -12.44
O17E SIW J . -25.16 20.02 -13.45
O18E SIW J . -29.99 22.53 -13.90
O19E SIW J . -27.05 22.61 -13.64
O20E SIW J . -28.66 20.05 -13.53
O23E SIW J . -23.69 21.25 -11.50
SI1 SIW J . -26.90 22.96 -12.22
O1 SIW K . 0.64 -13.27 -3.91
O1 SIW K . -3.67 -11.77 -1.34
O10 SIW K . -1.58 -13.06 -5.93
O10 SIW K . -2.48 -10.26 0.97
O11 SIW K . 3.30 -13.68 -3.64
O11 SIW K . -6.00 -12.35 -2.60
O12 SIW K . 0.59 -17.73 -5.20
O12 SIW K . -5.43 -14.36 2.11
O13 SIW K . 1.78 -11.00 0.57
O13 SIW K . -2.28 -12.99 -6.17
O14 SIW K . -2.99 -10.31 -1.77
O14 SIW K . 1.15 -10.77 -2.71
O15 SIW K . 1.82 -12.39 -1.66
O15 SIW K . -3.58 -12.61 -3.91
O16 SIW K . -3.89 -13.00 -1.89
O16 SIW K . 1.09 -12.75 -0.66
O17 SIW K . 2.61 -15.12 -1.26
O17 SIW K . -4.94 -14.94 -2.98
O18 SIW K . -1.76 -17.56 -3.52
O18 SIW K . -2.70 -15.30 2.02
O1E SIW K . -2.59 -16.89 1.74
O1E SIW K . 0.23 -18.15 -1.44
O2 SIW K . -0.47 -11.46 -1.11
O2 SIW K . -1.13 -12.17 -3.72
O20 SIW K . 0.77 -17.92 -2.38
O20 SIW K . -4.64 -16.33 0.25
O21 SIW K . -1.81 -14.00 -2.15
O21 SIW K . -1.08 -13.40 -0.90
O22 SIW K . 0.45 -14.29 -0.98
O22 SIW K . -2.68 -14.46 -2.60
O23 SIW K . 1.78 -13.55 0.78
O23 SIW K . -2.94 -15.08 -4.84
O2E SIW K . -1.55 -18.70 -1.05
O2E SIW K . -2.34 -17.75 0.93
O3 SIW K . -1.67 -11.94 -3.52
O3 SIW K . -1.15 -10.93 -1.25
O3E SIW K . -4.02 -17.65 -0.41
O3E SIW K . 0.40 -17.35 1.10
O4 SIW K . -0.82 -16.34 -1.81
O4 SIW K . -2.51 -15.45 -0.26
O5 SIW K . 3.53 -15.75 1.06
O5 SIW K . -5.03 -16.94 -4.66
O6 SIW K . -5.75 -14.44 -3.28
O6 SIW K . 1.74 -12.95 1.98
O7 SIW K . -3.05 -14.23 -4.21
O7 SIW K . -0.87 -12.19 1.21
O7E SIW K . -4.90 -15.01 -0.64
O7E SIW K . 1.83 -15.10 0.15
O8 SIW K . -0.95 -15.49 -4.75
O8 SIW K . -3.26 -12.91 1.26
O8E SIW K . -3.63 -14.28 1.38
O8E SIW K . 1.78 -15.87 -2.15
O9 SIW K . 1.55 -15.75 -3.49
O9 SIW K . -5.03 -13.98 -0.63
O9E SIW K . -1.12 -14.75 2.45
O9E SIW K . -0.12 -16.97 -3.84
W1 SIW K . 0.04 -16.91 -3.91
W1 SIW K . -4.23 -14.57 1.04
W1E SIW K . -2.06 -13.21 1.72
W1E SIW K . 0.88 -15.30 -3.76
W2 SIW K . -1.27 -13.66 -4.33
W2 SIW K . -2.30 -11.76 0.09
W2E SIW K . -3.97 -16.00 0.64
W2E SIW K . 1.27 -16.73 -0.53
W3 SIW K . 1.93 -14.11 -2.82
W3 SIW K . -4.61 -13.15 -2.21
W3E SIW K . -0.80 -16.51 2.13
W3E SIW K . -1.08 -18.13 -2.80
W4 SIW K . -2.36 -11.83 -1.53
W4 SIW K . 0.24 -12.11 -2.30
W4E SIW K . -2.91 -17.86 -2.19
W4E SIW K . -1.29 -16.37 1.85
W5 SIW K . 0.84 -12.25 -0.05
W5 SIW K . -2.06 -13.52 -4.58
W5E SIW K . 0.20 -18.29 -0.67
W5E SIW K . -3.63 -17.73 -0.40
W6 SIW K . 2.11 -15.52 0.40
W6 SIW K . -3.99 -16.32 -3.62
W7 SIW K . -4.24 -14.67 -2.56
W7 SIW K . 0.62 -13.59 0.89
O10E SIW K . -5.50 -16.35 1.40
O10E SIW K . 2.80 -17.40 -0.07
O11E SIW K . -0.70 -17.16 3.64
O11E SIW K . -0.77 -19.60 -3.49
O12E SIW K . -2.51 -12.41 3.04
O12E SIW K . 2.04 -15.53 -4.86
O13E SIW K . 0.96 -19.78 -0.49
O13E SIW K . -4.68 -19.00 -0.04
O14E SIW K . -3.81 -19.17 -2.68
O14E SIW K . -1.03 -17.01 3.36
O15E SIW K . -0.38 -18.25 1.12
O15E SIW K . -2.41 -18.81 -1.36
O16E SIW K . -3.85 -16.38 -3.03
O16E SIW K . -0.39 -14.63 1.99
O17E SIW K . 1.05 -15.85 1.80
O17E SIW K . -2.62 -17.44 -3.85
O18E SIW K . -2.75 -12.25 0.15
O18E SIW K . 1.11 -13.52 -2.98
O19E SIW K . -1.64 -14.95 0.21
O19E SIW K . -0.60 -15.67 -1.98
O20E SIW K . -0.22 -12.56 1.42
O20E SIW K . -0.65 -14.67 -4.85
O23E SIW K . 1.71 -17.37 -0.34
O23E SIW K . -4.53 -17.24 -1.89
SI1 SIW K . -1.03 -15.06 -1.11
SI1 SIW K . -1.67 -14.92 -1.35
O1 SIW L . 17.48 -17.08 -16.47
O10 SIW L . 14.73 -16.26 -17.39
O11 SIW L . 19.93 -16.13 -15.98
O12 SIW L . 18.60 -16.14 -20.91
O13 SIW L . 19.51 -20.49 -13.10
O14 SIW L . 14.35 -20.39 -14.36
O15 SIW L . 19.11 -18.55 -14.84
O16 SIW L . 14.50 -20.90 -17.15
O17 SIW L . 20.91 -18.63 -17.02
O18 SIW L . 17.27 -18.69 -21.15
O1E SIW L . 18.56 -23.78 -19.77
O2 SIW L . 17.14 -19.97 -14.54
O20 SIW L . 19.99 -18.58 -20.42
O21 SIW L . 16.46 -19.76 -17.54
O22 SIW L . 18.94 -19.84 -16.87
O23 SIW L . 20.51 -20.81 -15.42
O2E SIW L . 18.92 -20.82 -21.64
O3 SIW L . 15.29 -18.37 -15.85
O3E SIW L . 16.79 -22.48 -21.35
O4 SIW L . 18.30 -19.73 -19.36
O5 SIW L . 22.89 -20.37 -16.84
O6 SIW L . 12.97 -20.62 -19.36
O7 SIW L . 14.64 -18.50 -18.55
O7E SIW L . 15.02 -22.54 -19.13
O8 SIW L . 16.66 -17.13 -19.21
O8E SIW L . 16.55 -23.75 -17.75
O9 SIW L . 19.33 -17.16 -18.41
O9E SIW L . 19.23 -23.62 -17.13
W1 SIW L . 18.36 -17.50 -20.06
W1E SIW L . 17.56 -23.31 -16.17
W2 SIW L . 15.88 -17.56 -17.53
W2E SIW L . 16.64 -23.33 -19.60
W3 SIW L . 19.31 -17.51 -16.62
W3E SIW L . 20.04 -23.29 -18.72
W4 SIW L . 15.52 -20.43 -15.54
W4E SIW L . 17.00 -20.40 -21.52
W5 SIW L . 18.92 -20.42 -14.67
W5E SIW L . 20.39 -20.38 -20.60
W6 SIW L . 21.35 -20.37 -17.21
W7 SIW L . 14.60 -20.53 -18.93
O10E SIW L . 15.75 -24.68 -20.24
O11E SIW L . 21.00 -24.61 -18.96
O12E SIW L . 17.41 -24.70 -15.37
O13E SIW L . 21.69 -20.31 -21.64
O14E SIW L . 16.48 -20.42 -23.09
O15E SIW L . 20.62 -22.24 -20.40
O16E SIW L . 15.35 -20.01 -20.51
O17E SIW L . 21.16 -22.11 -17.59
O18E SIW L . 16.03 -22.15 -15.73
O19E SIW L . 17.93 -21.83 -17.94
O20E SIW L . 18.73 -22.23 -15.02
O23E SIW L . 21.40 -19.93 -19.19
SI1 SIW L . 17.93 -20.38 -18.09
O1 SIW M . -0.54 -25.29 -11.49
O10 SIW M . -2.97 -24.70 -13.27
O11 SIW M . 0.94 -24.40 -9.42
O12 SIW M . 1.10 -21.51 -13.62
O13 SIW M . 1.89 -29.52 -9.72
O14 SIW M . -2.15 -29.82 -13.21
O15 SIW M . 1.08 -27.06 -10.20
O16 SIW M . -1.08 -28.30 -15.35
O17 SIW M . 3.21 -25.30 -10.92
O18 SIW M . 1.26 -23.52 -15.70
O1E SIW M . 4.28 -27.90 -16.56
O2 SIW M . 0.03 -28.75 -11.70
O20 SIW M . 3.31 -23.26 -13.82
O21 SIW M . 0.17 -26.82 -14.09
O22 SIW M . 2.09 -26.72 -12.39
O23 SIW M . 3.49 -28.01 -11.03
O2E SIW M . 3.76 -24.42 -16.32
O3 SIW M . -1.93 -27.13 -12.80
O3E SIW M . 2.60 -26.33 -17.95
O4 SIW M . 2.16 -25.21 -14.43
O5 SIW M . 5.63 -26.23 -10.64
O6 SIW M . -2.00 -26.98 -17.52
O7 SIW M . -1.70 -25.59 -15.09
O7E SIW M . 0.56 -28.16 -17.33
O8 SIW M . -0.47 -23.76 -13.88
O8E SIW M . 2.08 -29.65 -16.10
O9 SIW M . 1.57 -23.70 -11.96
O9E SIW M . 4.14 -29.32 -14.27
W1 SIW M . 1.34 -23.11 -13.80
W1E SIW M . 2.35 -30.09 -14.25
W2 SIW M . -1.36 -25.33 -13.30
W2E SIW M . 2.41 -28.13 -17.18
W3 SIW M . 1.23 -25.11 -10.88
W3E SIW M . 5.05 -27.86 -14.84
W4 SIW M . -0.87 -28.81 -13.47
W4E SIW M . 1.90 -24.62 -16.95
W5 SIW M . 1.77 -28.58 -11.10
W5E SIW M . 4.54 -24.38 -14.64
W6 SIW M . 4.45 -26.34 -11.70
W7 SIW M . -0.75 -26.86 -16.41
O10E SIW M . 2.48 -28.89 -18.74
O11E SIW M . 6.53 -28.47 -15.22
O12E SIW M . 2.65 -31.68 -14.35
O13E SIW M . 5.82 -23.31 -14.77
O14E SIW M . 1.89 -23.72 -18.34
O15E SIW M . 5.51 -25.89 -15.26
O16E SIW M . 0.07 -25.30 -16.86
O17E SIW M . 5.18 -27.45 -12.90
O18E SIW M . 0.41 -29.84 -14.17
O19E SIW M . 2.47 -27.78 -14.61
O20E SIW M . 2.56 -29.74 -12.31
O23E SIW M . 4.82 -24.74 -12.89
SI1 SIW M . 1.84 -26.60 -14.03
O1 SIW N . -16.07 9.49 -2.08
O1 SIW N . -15.07 9.00 -3.77
O10 SIW N . -15.63 11.92 -3.78
O10 SIW N . -14.39 11.08 -5.81
O11 SIW N . -17.76 8.43 -0.26
O11 SIW N . -17.09 8.02 -2.31
O12 SIW N . -15.16 12.52 1.35
O12 SIW N . -15.65 12.75 -1.07
O13 SIW N . -15.30 4.42 -2.40
O13 SIW N . -13.50 4.26 -2.84
O14 SIW N . -13.24 7.85 -5.99
O14 SIW N . -10.89 7.34 -6.32
O15 SIW N . -16.05 6.82 -1.70
O15 SIW N . -14.78 6.55 -2.84
O16 SIW N . -11.70 9.52 -4.28
O16 SIW N . -10.20 9.51 -4.63
O17 SIW N . -15.41 7.40 1.01
O17 SIW N . -15.20 7.65 -0.24
O18 SIW N . -12.52 12.03 0.34
O18 SIW N . -12.77 12.53 -1.14
O1E SIW N . -9.15 7.82 0.33
O1E SIW N . -9.15 9.05 0.75
O2 SIW N . -14.37 6.84 -3.57
O2 SIW N . -12.59 6.57 -4.15
O20 SIW N . -13.66 10.28 2.19
O20 SIW N . -14.27 10.97 0.66
O21 SIW N . -13.00 9.35 -2.42
O21 SIW N . -12.03 9.39 -3.22
O22 SIW N . -13.93 7.65 -0.75
O22 SIW N . -13.24 7.88 -1.53
O23 SIW N . -14.21 5.37 -0.29
O23 SIW N . -13.34 5.70 -0.72
O2E SIW N . -10.89 10.47 1.87
O2E SIW N . -11.60 11.55 1.14
O3 SIW N . -14.62 9.49 -4.31
O3 SIW N . -12.96 8.87 -5.47
O3E SIW N . -9.09 10.43 -0.23
O3E SIW N . -9.18 11.54 -0.24
O4 SIW N . -12.70 9.73 0.12
O4 SIW N . -12.62 10.26 -0.87
O5 SIW N . -14.52 5.45 2.48
O5 SIW N . -14.63 6.11 1.77
O6 SIW N . -10.59 12.02 -4.30
O6 SIW N . -9.49 12.12 -4.86
O7 SIW N . -13.19 11.65 -3.29
O7 SIW N . -12.22 11.38 -4.58
O7E SIW N . -9.57 9.77 -2.90
O7E SIW N . -8.66 10.42 -2.77
O8 SIW N . -14.55 11.76 -1.23
O8 SIW N . -14.18 11.62 -3.11
O8E SIW N . -9.58 7.33 -2.45
O8E SIW N . -8.51 8.14 -1.86
O9 SIW N . -15.60 9.88 0.55
O9 SIW N . -15.54 9.98 -1.31
O9E SIW N . -10.65 5.71 -0.52
O9E SIW N . -9.97 6.62 -0.05
W1 SIW N . -14.33 11.32 0.65
W1 SIW N . -14.50 11.61 -1.20
W1E SIW N . -10.95 5.98 -2.42
W1E SIW N . -9.62 6.56 -1.96
W2 SIW N . -14.75 10.76 -2.83
W2 SIW N . -13.73 10.31 -4.40
W2E SIW N . -9.11 8.84 -1.36
W2E SIW N . -8.65 9.83 -1.01
W3 SIW N . -16.12 8.48 -0.49
W3 SIW N . -15.51 8.34 -2.07
W3E SIW N . -10.42 6.64 1.03
W3E SIW N . -10.43 7.78 1.27
W4 SIW N . -13.05 8.10 -4.36
W4 SIW N . -11.26 7.86 -4.79
W4E SIW N . -10.83 11.53 0.22
W4E SIW N . -11.10 12.33 -0.60
W5 SIW N . -14.48 5.84 -2.01
W5 SIW N . -13.06 5.84 -2.51
W5E SIW N . -12.14 9.29 2.53
W5E SIW N . -12.87 10.31 1.67
W6 SIW N . -13.94 6.44 1.42
W6 SIW N . -13.84 7.03 0.74
W7 SIW N . -11.26 10.93 -3.20
W7 SIW N . -10.32 11.12 -3.79
O10E SIW N . -7.45 9.03 -1.81
O10E SIW N . -6.97 10.24 -0.94
O11E SIW N . -9.40 5.71 1.91
O11E SIW N . -9.64 7.14 2.57
O12E SIW N . -10.16 4.72 -3.08
O12E SIW N . -8.49 5.40 -2.06
O13E SIW N . -12.10 9.48 4.19
O13E SIW N . -13.38 10.79 3.19
O14E SIW N . -9.95 12.87 0.66
O14E SIW N . -10.61 13.86 -0.18
O15E SIW N . -10.72 8.05 2.51
O15E SIW N . -11.36 9.34 2.27
O16E SIW N . -11.20 11.90 -1.67
O16E SIW N . -10.87 12.31 -2.55
O17E SIW N . -12.24 5.91 1.40
O17E SIW N . -12.15 6.80 1.29
O18E SIW N . -11.68 7.06 -3.89
O18E SIW N . -9.95 7.24 -3.76
O19E SIW N . -11.47 7.80 -1.07
O19E SIW N . -10.83 8.42 -1.19
O20E SIW N . -12.74 5.21 -2.02
O20E SIW N . -11.32 5.54 -1.93
O23E SIW N . -13.43 8.03 2.55
O23E SIW N . -13.94 8.85 1.65
SI1 SIW N . -12.62 8.69 -0.93
SI1 SIW N . -12.08 9.08 -1.56
O1 SIW O . 9.24 7.55 8.13
O1 SIW O . 9.62 7.54 4.83
O10 SIW O . 9.68 9.99 6.45
O10 SIW O . 11.19 9.63 3.39
O11 SIW O . 8.29 6.70 10.52
O11 SIW O . 7.17 7.02 5.79
O12 SIW O . 12.66 9.39 10.69
O12 SIW O . 9.74 10.72 8.26
O13 SIW O . 7.87 2.66 7.28
O13 SIW O . 9.42 2.37 5.04
O14 SIW O . 9.11 5.94 3.25
O14 SIW O . 13.30 4.99 2.44
O15 SIW O . 8.47 4.98 8.35
O15 SIW O . 8.95 4.93 5.30
O16 SIW O . 11.76 6.66 3.99
O16 SIW O . 14.40 6.51 4.57
O17 SIW O . 10.39 4.79 10.46
O17 SIW O . 8.49 5.74 7.99
O18 SIW O . 14.13 8.29 8.45
O18 SIW O . 12.39 9.60 8.39
O1E SIW O . 15.22 3.37 6.73
O1E SIW O . 14.42 4.86 9.87
O2 SIW O . 8.96 4.85 5.88
O2 SIW O . 11.17 4.46 4.28
O20 SIW O . 13.36 6.66 10.61
O20 SIW O . 10.23 8.34 9.68
O21 SIW O . 11.49 6.53 6.26
O21 SIW O . 12.46 6.80 5.78
O22 SIW O . 10.90 4.90 8.17
O22 SIW O . 10.60 5.48 7.00
O23 SIW O . 10.04 2.79 8.63
O23 SIW O . 9.69 3.38 7.38
O2E SIW O . 15.52 6.01 8.97
O2E SIW O . 12.85 7.96 10.49
O3 SIW O . 9.38 7.52 5.46
O3 SIW O . 11.76 7.02 3.40
O3E SIW O . 16.07 5.84 6.24
O3E SIW O . 15.31 7.34 9.37
O4 SIW O . 13.02 6.30 8.32
O4 SIW O . 11.81 7.38 8.20
O5 SIW O . 10.98 2.38 11.26
O5 SIW O . 8.19 3.85 9.73
O6 SIW O . 13.57 8.64 3.46
O6 SIW O . 15.95 8.72 4.94
O7 SIW O . 11.80 8.89 5.65
O7 SIW O . 13.14 8.96 4.83
O7E SIW O . 14.23 5.97 4.13
O7E SIW O . 15.82 6.52 6.73
O8 SIW O . 11.68 9.03 8.14
O8 SIW O . 11.12 9.58 6.17
O8E SIW O . 13.50 3.63 4.47
O8E SIW O . 15.13 4.21 7.20
O9 SIW O . 10.94 7.27 10.18
O9 SIW O . 9.07 8.14 7.40
O9E SIW O . 12.86 2.06 6.68
O9E SIW O . 13.03 3.01 8.53
W1 SIW O . 12.57 8.18 9.63
W1 SIW O . 10.50 9.31 7.98
W1E SIW O . 11.91 2.77 5.14
W1E SIW O . 13.63 3.13 6.69
W2 SIW O . 10.42 8.45 6.83
W2 SIW O . 11.36 8.45 4.66
W2E SIW O . 14.91 4.64 5.24
W2E SIW O . 15.39 5.69 8.35
W3 SIW O . 9.55 6.31 9.52
W3 SIW O . 8.72 6.74 6.28
W3E SIW O . 14.06 2.53 7.96
W3E SIW O . 12.74 4.03 10.01
W4 SIW O . 10.11 5.77 4.56
W4 SIW O . 12.90 5.37 4.00
W4E SIW O . 15.28 7.30 7.50
W4E SIW O . 13.83 8.78 8.99
W5 SIW O . 9.23 3.63 7.26
W5 SIW O . 10.28 3.64 5.69
W5E SIW O . 14.39 5.18 10.20
W5E SIW O . 11.21 7.13 10.67
W6 SIW O . 11.37 3.35 10.06
W6 SIW O . 9.40 4.57 8.99
W7 SIW O . 13.14 7.61 4.73
W7 SIW O . 14.68 7.91 5.70
O10E SIW O . 16.15 4.33 4.05
O10E SIW O . 17.10 5.52 8.65
O11E SIW O . 14.91 1.13 8.17
O11E SIW O . 13.09 3.00 11.25
O12E SIW O . 11.81 1.49 4.14
O12E SIW O . 14.35 1.70 6.46
O13E SIW O . 15.28 5.03 11.62
O13E SIW O . 10.66 7.53 12.21
O14E SIW O . 16.70 8.16 7.51
O14E SIW O . 14.72 9.96 9.74
O15E SIW O . 15.06 3.58 9.43
O15E SIW O . 12.22 5.64 11.22
O16E SIW O . 14.28 8.16 6.05
O16E SIW O . 14.33 9.00 7.12
O17E SIW O . 12.51 2.31 9.17
O17E SIW O . 10.82 3.71 9.66
O18E SIW O . 11.06 4.29 4.25
O18E SIW O . 13.76 4.17 5.03
O19E SIW O . 12.77 4.35 6.62
O19E SIW O . 12.98 5.15 7.67
O20E SIW O . 10.38 2.51 6.35
O20E SIW O . 11.72 2.72 6.38
O23E SIW O . 12.92 4.38 10.87
O23E SIW O . 9.75 6.14 10.24
SI1 SIW O . 12.23 5.49 7.36
SI1 SIW O . 12.07 6.23 7.32
O1 SIW P . -6.38 28.68 -20.04
O1 SIW P . -2.34 28.55 -15.76
O10 SIW P . -8.92 27.08 -19.96
O10 SIW P . -2.99 26.90 -13.35
O11 SIW P . -4.78 30.07 -21.69
O11 SIW P . -1.78 31.05 -16.50
O12 SIW P . -4.89 25.03 -22.52
O12 SIW P . -6.58 30.34 -14.93
O13 SIW P . -3.91 31.91 -16.87
O13 SIW P . 0.26 27.96 -20.18
O14 SIW P . -8.11 29.05 -15.24
O14 SIW P . -0.80 23.82 -16.95
O15 SIW P . -4.70 30.48 -18.93
O15 SIW P . -1.08 28.91 -18.11
O16 SIW P . -7.15 26.43 -15.72
O16 SIW P . -3.64 23.96 -16.89
O17 SIW P . -2.60 28.99 -20.17
O17 SIW P . -3.31 30.51 -18.87
O18 SIW P . -4.84 23.98 -19.82
O18 SIW P . -7.22 27.79 -16.14
O1E SIW P . -1.83 24.91 -15.47
O1E SIW P . -6.76 25.76 -21.09
O2 SIW P . -5.85 29.87 -16.78
O2 SIW P . -0.98 26.40 -18.17
O20 SIW P . -2.68 25.50 -20.80
O20 SIW P . -6.63 30.04 -17.74
O21 SIW P . -5.84 26.91 -17.55
O21 SIW P . -3.84 26.23 -17.12
O22 SIW P . -3.81 28.31 -18.30
O22 SIW P . -3.32 28.18 -18.72
O23 SIW P . -2.36 30.01 -17.66
O23 SIW P . -2.11 28.79 -20.61
O2E SIW P . -2.36 23.70 -18.71
O2E SIW P . -8.17 27.93 -18.71
O3 SIW P . -7.86 28.32 -17.86
O3 SIW P . -1.91 25.95 -15.62
O3E SIW P . -3.56 23.05 -16.34
O3E SIW P . -8.02 25.15 -18.81
O4 SIW P . -3.88 25.81 -18.81
O4 SIW P . -5.69 27.87 -17.85
O5 SIW P . -0.18 29.53 -19.39
O5 SIW P . -3.50 31.13 -21.39
O6 SIW P . -8.16 23.92 -16.03
O6 SIW P . -5.70 23.07 -15.37
O7 SIW P . -7.77 25.59 -18.29
O7 SIW P . -4.55 25.60 -14.85
O7E SIW P . -5.58 24.48 -14.99
O7E SIW P . -5.83 23.53 -18.15
O8 SIW P . -6.46 25.85 -20.43
O8 SIW P . -5.01 28.07 -14.87
O8E SIW P . -4.01 26.14 -14.12
O8E SIW P . -4.70 23.96 -20.28
O9 SIW P . -4.32 27.44 -21.23
O9 SIW P . -4.34 30.17 -16.57
O9E SIW P . -1.89 27.58 -15.11
O9E SIW P . -4.20 26.21 -21.81
W1 SIW P . -4.66 25.54 -21.00
W1 SIW P . -5.98 29.30 -16.01
W1E SIW P . -3.67 28.00 -14.47
W1E SIW P . -3.13 24.96 -20.80
W2 SIW P . -7.32 27.10 -19.27
W2 SIW P . -3.41 27.06 -15.03
W2E SIW P . -3.72 24.51 -15.05
W2E SIW P . -6.44 24.41 -19.67
W3 SIW P . -4.58 29.04 -20.42
W3 SIW P . -2.66 29.81 -17.13
W3E SIW P . -0.98 26.43 -16.19
W3E SIW P . -5.73 27.20 -21.74
W4 SIW P . -6.83 28.34 -16.02
W4 SIW P . -1.99 24.89 -17.43
W4E SIW P . -4.24 23.27 -18.31
W4E SIW P . -7.88 26.59 -17.28
W5 SIW P . -4.09 30.27 -17.15
W5 SIW P . -1.25 27.65 -19.52
W5E SIW P . -1.49 25.18 -19.42
W5E SIW P . -7.16 29.35 -19.38
W6 SIW P . -1.42 28.68 -18.87
W6 SIW P . -3.83 29.88 -20.46
W7 SIW P . -6.85 24.84 -16.58
W7 SIW P . -5.31 24.40 -16.34
O10E SIW P . -3.64 23.38 -13.73
O10E SIW P . -7.28 22.96 -20.12
O11E SIW P . 0.49 26.28 -15.43
O11E SIW P . -6.23 27.18 -23.31
O12E SIW P . -3.39 28.52 -12.96
O12E SIW P . -2.52 23.98 -21.94
O13E SIW P . -0.21 24.56 -20.31
O13E SIW P . -8.26 30.53 -19.83
O14E SIW P . -4.33 21.62 -18.53
O14E SIW P . -9.38 26.20 -16.68
O15E SIW P . -0.53 25.19 -17.79
O15E SIW P . -7.24 28.42 -21.02
O16E SIW P . -6.07 23.70 -17.77
O16E SIW P . -6.78 25.44 -16.13
O17E SIW P . -0.74 28.01 -17.36
O17E SIW P . -4.47 28.74 -21.67
O18E SIW P . -5.60 28.05 -14.77
O18E SIW P . -2.48 24.33 -19.05
O19E SIW P . -3.57 26.71 -16.42
O19E SIW P . -4.63 26.24 -19.54
O20E SIW P . -3.37 29.62 -15.58
O20E SIW P . -1.88 26.48 -20.80
O23E SIW P . -1.11 26.91 -19.81
O23E SIW P . -5.71 30.32 -19.85
SI1 SIW P . -4.17 26.78 -17.73
SI1 SIW P . -4.55 27.11 -18.37
O1 SIW Q . -21.02 20.95 -13.06
O10 SIW Q . -22.23 22.22 -15.53
O11 SIW Q . -19.82 21.54 -10.71
O12 SIW Q . -17.14 22.71 -14.89
O13 SIW Q . -21.82 16.76 -10.15
O14 SIW Q . -24.39 17.52 -14.76
O15 SIW Q . -20.99 19.05 -11.12
O16 SIW Q . -22.21 17.69 -16.54
O17 SIW Q . -18.15 19.23 -11.23
O18 SIW Q . -17.64 20.41 -16.57
O1E SIW Q . -17.38 15.09 -15.92
O2 SIW Q . -22.42 17.76 -12.72
O20 SIW Q . -16.28 20.14 -14.12
O21 SIW Q . -20.70 18.66 -15.09
O22 SIW Q . -19.49 18.25 -12.86
O23 SIW Q . -19.40 16.85 -10.99
O2E SIW Q . -15.97 18.29 -16.19
O3 SIW Q . -22.84 19.75 -14.58
O3E SIW Q . -17.57 16.82 -17.92
O4 SIW Q . -18.13 18.92 -14.90
O5 SIW Q . -16.76 17.25 -10.12
O6 SIW Q . -21.69 18.65 -19.04
O7 SIW Q . -21.29 20.32 -16.80
O7E SIW Q . -20.36 16.47 -17.84
O8 SIW Q . -19.57 21.56 -15.43
O8E SIW Q . -20.22 14.83 -16.02
O9 SIW Q . -18.35 21.13 -12.94
O9E SIW Q . -18.82 14.57 -13.67
W1 SIW Q . -17.79 21.23 -14.80
W1E SIW Q . -20.68 14.82 -14.15
W2 SIW Q . -21.29 20.85 -15.02
W2E SIW Q . -18.88 15.63 -17.08
W3 SIW Q . -19.64 20.40 -11.90
W3E SIW Q . -17.15 15.19 -14.06
W4 SIW Q . -22.75 17.66 -14.66
W4E SIW Q . -17.42 18.86 -17.41
W5 SIW Q . -21.07 17.23 -11.57
W5E SIW Q . -15.72 18.39 -14.36
W6 SIW Q . -17.56 17.55 -11.46
W7 SIW Q . -20.89 18.44 -17.56
O10E SIW Q . -18.88 14.55 -18.45
O11E SIW Q . -16.20 13.86 -13.82
O12E SIW Q . -21.29 13.33 -13.98
O13E SIW Q . -14.07 18.62 -14.12
O14E SIW Q . -16.62 19.22 -18.81
O15E SIW Q . -15.60 16.51 -14.46
O16E SIW Q . -19.29 19.21 -17.90
O17E SIW Q . -17.30 15.96 -12.23
O18E SIW Q . -22.12 16.00 -14.76
O19E SIW Q . -19.25 16.59 -14.70
O20E SIW Q . -20.80 15.55 -12.31
O23E SIW Q . -16.10 18.41 -12.59
SI1 SIW Q . -19.25 18.04 -14.51
#